data_9IUC
#
_entry.id   9IUC
#
_cell.length_a   1.00
_cell.length_b   1.00
_cell.length_c   1.00
_cell.angle_alpha   90.00
_cell.angle_beta   90.00
_cell.angle_gamma   90.00
#
_symmetry.space_group_name_H-M   'P 1'
#
loop_
_entity.id
_entity.type
_entity.pdbx_description
1 polymer 'Solute carrier family 53 member 1'
2 non-polymer CHOLESTEROL
3 non-polymer 'INOSITOL HEXAKISPHOSPHATE'
4 non-polymer 1,2-Distearoyl-sn-glycerophosphoethanolamine
5 non-polymer 'PALMITIC ACID'
6 non-polymer 'ARACHIDONIC ACID'
#
_entity_poly.entity_id   1
_entity_poly.type   'polypeptide(L)'
_entity_poly.pdbx_seq_one_letter_code
;MKFAEHLSAHITPEWRKQYIQYEAFKDMLYSAQDQAPSVEVTDEDTVKRYFAKFEEKFFQTCEKELAKINTFYSEKLAEA
QRRFATLQNELQSSLDAQKESTGVTTLRQRRKPVFHLSHEERVQHRNIKDLKLAFSEFYLSLILLQNYQNLNFTGFRKIL
KKHDKILETSRGADWRVAHVEVAPFYTCKKINQLISETEAVVTNELEDGDRQKAMKRLRVPPLGAAQPAPAWTTFRVGLF
CGIFIVLNITLVLAAVFKLETDRSIWPLIRIYRGGFLLIEFLFLLGINTYGWRQAGVNHVLIFELNPRSNLSHQHLFEIA
GFLGILWCLSLLACFFAPISVIPTYVYPLALYGFMVFFLINPTKTFYYKSRFWLLKLLFRVFTAPFHKVGFADFWLADQL
NSLSVILMDLEYMICFYSLELKWDESKGLLPNNSEESGICHKYTYGVRAIVQCIPAWLRFIQCLRRYRDTKRAFPHLVNA
GKYSTTFFMVTFAALYSTHKERGHSDTMVFFYLWIVFYIISSCYTLIWDLKMDWGLFDKNAGENTFLREEIVYPQKAYYY
CAIIEDVILRFAWTIQISITSTTLLPHSGDIIATVFAPLEVFRRFVWNFFRLENEHLNNCGEFRAVRDISVAPLNADDQT
LLEQMMDQDDGVRNRQKNRSWKYNQSISLRRPRLASQSKARDTKVLIEDTDDEANTSRENLYFQ
;
_entity_poly.pdbx_strand_id   A,B
#
loop_
_chem_comp.id
_chem_comp.type
_chem_comp.name
_chem_comp.formula
3PE non-polymer 1,2-Distearoyl-sn-glycerophosphoethanolamine 'C41 H82 N O8 P'
ACD non-polymer 'ARACHIDONIC ACID' 'C20 H32 O2'
CLR non-polymer CHOLESTEROL 'C27 H46 O'
IHP non-polymer 'INOSITOL HEXAKISPHOSPHATE' 'C6 H18 O24 P6'
PLM non-polymer 'PALMITIC ACID' 'C16 H32 O2'
#
# COMPACT_ATOMS: atom_id res chain seq x y z
N MET A 1 10.89 9.55 -22.79
CA MET A 1 10.34 8.24 -22.45
C MET A 1 9.53 7.71 -23.63
N LYS A 2 9.10 8.61 -24.51
CA LYS A 2 8.83 8.37 -25.93
C LYS A 2 7.87 7.23 -26.22
N PHE A 3 7.14 6.72 -25.22
CA PHE A 3 6.21 5.59 -25.38
C PHE A 3 6.93 4.34 -25.89
N ALA A 4 8.26 4.37 -25.87
CA ALA A 4 9.05 3.35 -26.56
C ALA A 4 9.06 2.03 -25.80
N GLU A 5 9.60 2.03 -24.58
CA GLU A 5 9.70 0.79 -23.82
C GLU A 5 8.41 0.47 -23.08
N HIS A 6 7.63 1.49 -22.71
CA HIS A 6 6.36 1.22 -22.06
C HIS A 6 5.35 0.61 -23.03
N LEU A 7 5.54 0.78 -24.33
CA LEU A 7 4.75 0.07 -25.32
C LEU A 7 4.86 -1.43 -25.07
N SER A 8 6.08 -1.96 -25.17
CA SER A 8 6.30 -3.39 -24.90
C SER A 8 6.03 -3.75 -23.45
N ALA A 9 6.05 -2.77 -22.55
CA ALA A 9 5.75 -3.07 -21.14
C ALA A 9 4.33 -3.57 -20.97
N HIS A 10 3.35 -2.86 -21.52
CA HIS A 10 1.96 -3.32 -21.49
C HIS A 10 1.62 -4.13 -22.73
N ILE A 11 2.47 -5.13 -23.03
CA ILE A 11 2.22 -6.08 -24.10
C ILE A 11 2.47 -7.48 -23.55
N THR A 12 1.52 -8.38 -23.79
CA THR A 12 1.69 -9.76 -23.35
C THR A 12 2.85 -10.41 -24.10
N PRO A 13 3.74 -11.13 -23.42
CA PRO A 13 4.90 -11.73 -24.11
C PRO A 13 4.54 -12.76 -25.16
N GLU A 14 3.32 -13.29 -25.14
CA GLU A 14 2.93 -14.29 -26.13
C GLU A 14 2.94 -13.71 -27.54
N TRP A 15 2.73 -12.39 -27.67
CA TRP A 15 2.79 -11.71 -28.95
C TRP A 15 3.98 -10.77 -29.05
N ARG A 16 5.02 -10.99 -28.24
CA ARG A 16 6.14 -10.05 -28.18
C ARG A 16 6.86 -9.94 -29.52
N LYS A 17 7.10 -11.07 -30.19
CA LYS A 17 7.76 -11.04 -31.48
C LYS A 17 6.87 -10.51 -32.59
N GLN A 18 5.57 -10.39 -32.35
CA GLN A 18 4.61 -9.96 -33.35
C GLN A 18 4.35 -8.46 -33.33
N TYR A 19 4.39 -7.84 -32.14
CA TYR A 19 4.25 -6.39 -32.05
C TYR A 19 5.42 -5.66 -32.68
N ILE A 20 5.28 -4.36 -32.90
CA ILE A 20 6.37 -3.57 -33.45
C ILE A 20 7.51 -3.52 -32.44
N GLN A 21 8.73 -3.76 -32.91
CA GLN A 21 9.92 -3.78 -32.04
C GLN A 21 10.57 -2.39 -31.96
N TYR A 22 9.85 -1.44 -31.35
CA TYR A 22 10.23 -0.03 -31.36
C TYR A 22 11.68 0.19 -30.96
N GLU A 23 12.18 -0.62 -30.03
CA GLU A 23 13.52 -0.41 -29.50
C GLU A 23 14.58 -0.53 -30.58
N ALA A 24 14.44 -1.51 -31.47
CA ALA A 24 15.45 -1.75 -32.49
C ALA A 24 15.54 -0.59 -33.48
N PHE A 25 14.40 -0.10 -33.94
CA PHE A 25 14.43 1.04 -34.85
C PHE A 25 14.88 2.32 -34.17
N LYS A 26 14.56 2.50 -32.88
CA LYS A 26 15.16 3.62 -32.16
C LYS A 26 16.67 3.53 -32.20
N ASP A 27 17.22 2.35 -31.93
CA ASP A 27 18.67 2.17 -31.94
C ASP A 27 19.26 2.46 -33.31
N MET A 28 18.59 2.01 -34.38
CA MET A 28 19.11 2.32 -35.71
C MET A 28 19.03 3.82 -35.99
N LEU A 29 18.00 4.50 -35.46
CA LEU A 29 17.93 5.96 -35.61
C LEU A 29 19.10 6.65 -34.93
N TYR A 30 19.42 6.26 -33.69
CA TYR A 30 20.58 6.90 -33.05
C TYR A 30 21.90 6.45 -33.67
N SER A 31 21.93 5.27 -34.30
CA SER A 31 23.10 4.90 -35.10
C SER A 31 23.27 5.86 -36.27
N ALA A 32 22.16 6.23 -36.91
CA ALA A 32 22.20 7.26 -37.94
C ALA A 32 22.69 8.59 -37.38
N GLN A 33 22.13 9.01 -36.25
CA GLN A 33 22.54 10.28 -35.66
C GLN A 33 24.01 10.26 -35.24
N ASP A 34 24.53 9.09 -34.89
CA ASP A 34 25.94 8.96 -34.57
C ASP A 34 26.81 8.76 -35.81
N GLN A 35 26.21 8.43 -36.95
CA GLN A 35 26.96 8.25 -38.19
C GLN A 35 26.56 9.28 -39.23
N TYR A 50 23.34 8.41 -49.24
CA TYR A 50 23.17 7.76 -47.95
C TYR A 50 21.98 8.34 -47.20
N PHE A 51 21.84 9.67 -47.24
CA PHE A 51 20.76 10.35 -46.53
C PHE A 51 19.40 9.92 -47.04
N ALA A 52 19.14 10.16 -48.33
CA ALA A 52 17.89 9.68 -48.93
C ALA A 52 17.84 8.16 -48.92
N LYS A 53 18.97 7.49 -49.19
CA LYS A 53 19.01 6.04 -49.12
C LYS A 53 18.69 5.55 -47.72
N PHE A 54 19.01 6.36 -46.69
CA PHE A 54 18.53 6.05 -45.36
C PHE A 54 17.02 6.20 -45.27
N GLU A 55 16.50 7.39 -45.59
CA GLU A 55 15.07 7.63 -45.51
C GLU A 55 14.28 6.59 -46.30
N GLU A 56 14.77 6.24 -47.50
CA GLU A 56 14.05 5.29 -48.34
C GLU A 56 13.94 3.92 -47.69
N LYS A 57 15.01 3.45 -47.04
CA LYS A 57 15.03 2.08 -46.56
C LYS A 57 14.28 1.90 -45.23
N PHE A 58 13.84 3.00 -44.66
CA PHE A 58 13.07 2.89 -43.44
C PHE A 58 11.64 3.25 -43.73
N PHE A 59 11.31 3.48 -45.00
CA PHE A 59 9.91 3.68 -45.35
C PHE A 59 9.46 2.28 -45.73
N GLN A 60 10.40 1.37 -45.90
CA GLN A 60 10.09 -0.01 -46.25
C GLN A 60 10.24 -0.82 -44.98
N THR A 61 11.05 -0.33 -44.05
CA THR A 61 11.18 -0.98 -42.75
C THR A 61 9.87 -0.95 -41.99
N CYS A 62 9.21 0.21 -41.97
CA CYS A 62 7.87 0.27 -41.38
C CYS A 62 6.87 -0.50 -42.23
N GLU A 63 7.15 -0.69 -43.53
CA GLU A 63 6.33 -1.58 -44.33
C GLU A 63 6.50 -3.03 -43.93
N LYS A 64 7.66 -3.39 -43.39
CA LYS A 64 7.86 -4.74 -42.88
C LYS A 64 6.91 -5.01 -41.70
N GLU A 65 6.83 -4.06 -40.77
CA GLU A 65 5.85 -4.17 -39.70
C GLU A 65 4.44 -3.85 -40.17
N LEU A 66 4.30 -3.13 -41.28
CA LEU A 66 2.99 -2.91 -41.87
C LEU A 66 2.35 -4.22 -42.30
N ALA A 67 3.11 -5.06 -43.02
CA ALA A 67 2.59 -6.34 -43.47
C ALA A 67 2.55 -7.36 -42.33
N LYS A 68 3.53 -7.31 -41.43
CA LYS A 68 3.57 -8.27 -40.33
C LYS A 68 2.34 -8.14 -39.44
N ILE A 69 1.93 -6.90 -39.15
CA ILE A 69 0.72 -6.68 -38.36
C ILE A 69 -0.54 -6.79 -39.21
N ASN A 70 -0.47 -6.48 -40.50
CA ASN A 70 -1.63 -6.67 -41.39
C ASN A 70 -2.00 -8.15 -41.47
N THR A 71 -1.01 -9.01 -41.69
CA THR A 71 -1.28 -10.44 -41.82
C THR A 71 -1.79 -11.02 -40.50
N PHE A 72 -1.18 -10.63 -39.38
CA PHE A 72 -1.58 -11.19 -38.09
C PHE A 72 -2.99 -10.75 -37.71
N TYR A 73 -3.27 -9.45 -37.82
CA TYR A 73 -4.55 -8.94 -37.36
C TYR A 73 -5.70 -9.55 -38.15
N SER A 74 -5.61 -9.50 -39.48
CA SER A 74 -6.68 -10.00 -40.32
C SER A 74 -6.90 -11.50 -40.10
N GLU A 75 -5.81 -12.26 -39.99
CA GLU A 75 -5.93 -13.67 -39.65
C GLU A 75 -6.53 -13.84 -38.25
N LYS A 76 -6.07 -13.05 -37.28
CA LYS A 76 -6.61 -13.14 -35.94
C LYS A 76 -8.08 -12.72 -35.90
N LEU A 77 -8.43 -11.67 -36.64
CA LEU A 77 -9.84 -11.29 -36.72
C LEU A 77 -10.65 -12.31 -37.51
N ALA A 78 -10.05 -12.94 -38.52
CA ALA A 78 -10.75 -13.96 -39.29
C ALA A 78 -11.13 -15.14 -38.41
N GLU A 79 -10.20 -15.60 -37.56
CA GLU A 79 -10.54 -16.68 -36.64
C GLU A 79 -11.39 -16.17 -35.48
N ALA A 80 -11.27 -14.88 -35.14
CA ALA A 80 -12.10 -14.31 -34.09
C ALA A 80 -13.57 -14.36 -34.48
N GLN A 81 -13.90 -13.85 -35.67
CA GLN A 81 -15.28 -13.93 -36.13
C GLN A 81 -15.70 -15.39 -36.34
N ARG A 82 -14.77 -16.24 -36.76
CA ARG A 82 -15.04 -17.67 -36.77
C ARG A 82 -15.23 -18.20 -35.35
N ARG A 83 -14.43 -17.70 -34.41
CA ARG A 83 -14.69 -17.99 -33.00
C ARG A 83 -15.98 -17.34 -32.53
N PHE A 84 -16.35 -16.20 -33.13
CA PHE A 84 -17.66 -15.61 -32.83
C PHE A 84 -18.79 -16.52 -33.28
N ALA A 85 -18.61 -17.19 -34.42
CA ALA A 85 -19.52 -18.27 -34.78
C ALA A 85 -19.38 -19.43 -33.79
N THR A 86 -18.14 -19.72 -33.37
CA THR A 86 -17.92 -20.82 -32.42
C THR A 86 -18.60 -20.55 -31.08
N LEU A 87 -18.46 -19.35 -30.55
CA LEU A 87 -19.15 -19.02 -29.30
C LEU A 87 -20.67 -19.02 -29.49
N GLN A 88 -21.14 -18.53 -30.64
CA GLN A 88 -22.56 -18.65 -30.97
C GLN A 88 -22.95 -20.12 -31.11
N ASN A 89 -21.98 -20.98 -31.44
CA ASN A 89 -22.20 -22.42 -31.38
C ASN A 89 -21.97 -22.99 -29.98
N GLU A 90 -21.47 -22.18 -29.05
CA GLU A 90 -21.15 -22.65 -27.70
C GLU A 90 -22.20 -22.27 -26.67
N LEU A 91 -22.63 -21.02 -26.64
CA LEU A 91 -23.39 -20.51 -25.49
C LEU A 91 -24.83 -21.03 -25.48
N GLN A 92 -25.59 -20.74 -26.54
CA GLN A 92 -26.95 -21.25 -26.62
C GLN A 92 -27.01 -22.77 -26.62
N SER A 93 -25.93 -23.46 -27.03
CA SER A 93 -25.88 -24.90 -26.83
C SER A 93 -25.86 -25.24 -25.35
N SER A 94 -25.12 -24.47 -24.55
CA SER A 94 -25.25 -24.58 -23.10
C SER A 94 -26.64 -24.19 -22.64
N LEU A 95 -27.21 -23.14 -23.25
CA LEU A 95 -28.61 -22.80 -22.98
C LEU A 95 -29.53 -23.92 -23.44
N ASP A 96 -29.25 -24.51 -24.61
CA ASP A 96 -30.00 -25.69 -25.04
C ASP A 96 -29.81 -26.84 -24.06
N ALA A 97 -28.57 -27.04 -23.59
CA ALA A 97 -28.34 -28.02 -22.54
C ALA A 97 -29.03 -27.61 -21.24
N GLN A 98 -29.13 -26.30 -20.98
CA GLN A 98 -29.91 -25.83 -19.85
C GLN A 98 -31.38 -26.19 -20.02
N LYS A 99 -31.91 -26.02 -21.23
CA LYS A 99 -33.29 -26.38 -21.52
C LYS A 99 -33.48 -27.89 -21.45
N HIS A 119 -28.47 -32.50 -9.44
CA HIS A 119 -27.04 -32.37 -9.59
C HIS A 119 -26.66 -32.29 -11.07
N GLU A 120 -27.53 -32.83 -11.93
CA GLU A 120 -27.28 -32.78 -13.36
C GLU A 120 -27.22 -31.34 -13.85
N GLU A 121 -28.25 -30.54 -13.54
CA GLU A 121 -28.21 -29.13 -13.91
C GLU A 121 -27.19 -28.35 -13.11
N ARG A 122 -26.79 -28.83 -11.94
CA ARG A 122 -25.70 -28.19 -11.21
C ARG A 122 -24.39 -28.31 -11.98
N VAL A 123 -24.08 -29.53 -12.46
CA VAL A 123 -22.91 -29.71 -13.31
C VAL A 123 -23.09 -28.94 -14.61
N GLN A 124 -24.32 -28.86 -15.12
CA GLN A 124 -24.57 -28.13 -16.35
C GLN A 124 -24.24 -26.66 -16.19
N HIS A 125 -24.66 -26.04 -15.08
CA HIS A 125 -24.37 -24.62 -14.93
C HIS A 125 -22.93 -24.39 -14.45
N ARG A 126 -22.30 -25.40 -13.87
CA ARG A 126 -20.86 -25.30 -13.61
C ARG A 126 -20.09 -25.29 -14.92
N ASN A 127 -20.46 -26.16 -15.87
CA ASN A 127 -19.88 -26.09 -17.21
C ASN A 127 -20.27 -24.79 -17.91
N ILE A 128 -21.45 -24.25 -17.60
CA ILE A 128 -21.84 -22.95 -18.14
C ILE A 128 -20.91 -21.86 -17.62
N LYS A 129 -20.57 -21.91 -16.33
CA LYS A 129 -19.63 -20.94 -15.78
C LYS A 129 -18.23 -21.14 -16.36
N ASP A 130 -17.85 -22.39 -16.63
CA ASP A 130 -16.59 -22.64 -17.33
C ASP A 130 -16.62 -22.05 -18.73
N LEU A 131 -17.78 -22.09 -19.39
CA LEU A 131 -17.90 -21.50 -20.71
C LEU A 131 -17.91 -19.97 -20.63
N LYS A 132 -18.45 -19.41 -19.55
CA LYS A 132 -18.31 -17.96 -19.33
C LYS A 132 -16.86 -17.59 -19.14
N LEU A 133 -16.10 -18.42 -18.42
CA LEU A 133 -14.66 -18.20 -18.31
C LEU A 133 -13.99 -18.31 -19.66
N ALA A 134 -14.42 -19.27 -20.48
CA ALA A 134 -13.86 -19.41 -21.83
C ALA A 134 -14.12 -18.15 -22.65
N PHE A 135 -15.36 -17.66 -22.62
CA PHE A 135 -15.67 -16.38 -23.26
C PHE A 135 -14.85 -15.26 -22.64
N SER A 136 -14.46 -15.41 -21.37
CA SER A 136 -13.69 -14.37 -20.70
C SER A 136 -12.28 -14.28 -21.28
N GLU A 137 -11.58 -15.42 -21.41
CA GLU A 137 -10.24 -15.30 -22.01
C GLU A 137 -10.33 -15.07 -23.51
N PHE A 138 -11.46 -15.45 -24.13
CA PHE A 138 -11.67 -15.08 -25.53
C PHE A 138 -11.81 -13.56 -25.66
N TYR A 139 -12.54 -12.94 -24.75
CA TYR A 139 -12.64 -11.48 -24.71
C TYR A 139 -11.29 -10.86 -24.40
N LEU A 140 -10.49 -11.54 -23.57
CA LEU A 140 -9.12 -11.09 -23.32
C LEU A 140 -8.28 -11.16 -24.59
N SER A 141 -8.48 -12.20 -25.40
CA SER A 141 -7.79 -12.30 -26.68
C SER A 141 -8.27 -11.21 -27.64
N LEU A 142 -9.56 -10.87 -27.61
CA LEU A 142 -10.04 -9.73 -28.38
C LEU A 142 -9.40 -8.44 -27.89
N ILE A 143 -9.22 -8.32 -26.58
CA ILE A 143 -8.51 -7.17 -26.01
C ILE A 143 -7.10 -7.12 -26.56
N LEU A 144 -6.44 -8.27 -26.58
CA LEU A 144 -5.08 -8.36 -27.13
C LEU A 144 -5.07 -7.95 -28.59
N LEU A 145 -6.08 -8.35 -29.35
CA LEU A 145 -6.15 -7.97 -30.74
C LEU A 145 -6.35 -6.46 -30.89
N GLN A 146 -7.22 -5.86 -30.07
CA GLN A 146 -7.52 -4.45 -30.33
C GLN A 146 -6.35 -3.59 -29.89
N ASN A 147 -5.58 -4.03 -28.87
CA ASN A 147 -4.37 -3.26 -28.58
C ASN A 147 -3.25 -3.57 -29.57
N TYR A 148 -3.19 -4.79 -30.09
CA TYR A 148 -2.28 -5.10 -31.19
C TYR A 148 -2.57 -4.24 -32.41
N GLN A 149 -3.79 -3.72 -32.52
CA GLN A 149 -4.09 -2.68 -33.49
C GLN A 149 -3.72 -1.28 -33.02
N ASN A 150 -4.29 -0.81 -31.90
CA ASN A 150 -4.16 0.59 -31.49
C ASN A 150 -2.79 0.97 -30.90
N LEU A 151 -2.20 0.15 -30.03
CA LEU A 151 -0.84 0.45 -29.57
C LEU A 151 0.16 0.38 -30.71
N ASN A 152 -0.02 -0.58 -31.63
CA ASN A 152 0.80 -0.62 -32.85
C ASN A 152 0.63 0.65 -33.66
N PHE A 153 -0.62 1.11 -33.81
CA PHE A 153 -0.93 2.36 -34.49
C PHE A 153 -0.18 3.53 -33.85
N THR A 154 -0.26 3.61 -32.52
CA THR A 154 0.47 4.66 -31.81
C THR A 154 1.97 4.55 -32.05
N GLY A 155 2.54 3.35 -31.92
CA GLY A 155 3.97 3.17 -32.15
C GLY A 155 4.39 3.61 -33.54
N PHE A 156 3.53 3.36 -34.52
CA PHE A 156 3.84 3.84 -35.85
C PHE A 156 3.95 5.34 -35.76
N ARG A 157 2.88 6.02 -35.37
CA ARG A 157 2.98 7.48 -35.38
C ARG A 157 4.19 8.00 -34.59
N LYS A 158 4.53 7.42 -33.44
CA LYS A 158 5.72 7.88 -32.72
C LYS A 158 7.00 7.67 -33.53
N ILE A 159 7.18 6.50 -34.15
CA ILE A 159 8.43 6.30 -34.89
C ILE A 159 8.49 7.19 -36.13
N LEU A 160 7.38 7.36 -36.85
CA LEU A 160 7.40 8.21 -38.02
C LEU A 160 7.63 9.67 -37.65
N LYS A 161 7.00 10.16 -36.59
CA LYS A 161 7.27 11.53 -36.18
C LYS A 161 8.69 11.68 -35.64
N LYS A 162 9.20 10.69 -34.92
CA LYS A 162 10.59 10.73 -34.47
C LYS A 162 11.56 10.81 -35.64
N HIS A 163 11.33 10.03 -36.69
CA HIS A 163 12.06 10.21 -37.94
C HIS A 163 11.80 11.57 -38.58
N ASP A 164 10.68 12.21 -38.24
CA ASP A 164 10.35 13.50 -38.84
C ASP A 164 11.19 14.65 -38.29
N LYS A 165 11.69 14.58 -37.06
CA LYS A 165 12.67 15.57 -36.62
C LYS A 165 14.10 15.07 -36.65
N ILE A 166 14.32 13.75 -36.52
CA ILE A 166 15.69 13.23 -36.53
C ILE A 166 16.36 13.51 -37.87
N LEU A 167 15.64 13.25 -38.96
CA LEU A 167 16.14 13.56 -40.29
C LEU A 167 15.47 14.79 -40.90
N GLU A 168 14.60 15.46 -40.15
CA GLU A 168 13.98 16.72 -40.58
C GLU A 168 13.23 16.54 -41.91
N THR A 169 12.21 15.67 -41.87
CA THR A 169 11.42 15.35 -43.04
C THR A 169 9.94 15.35 -42.70
N SER A 170 9.12 15.62 -43.71
CA SER A 170 7.67 15.55 -43.59
C SER A 170 7.09 14.31 -44.25
N ARG A 171 7.92 13.48 -44.89
CA ARG A 171 7.42 12.28 -45.54
C ARG A 171 6.84 11.30 -44.53
N GLY A 172 7.38 11.29 -43.30
CA GLY A 172 6.86 10.39 -42.29
C GLY A 172 5.40 10.63 -41.97
N ALA A 173 5.01 11.90 -41.79
CA ALA A 173 3.60 12.22 -41.66
C ALA A 173 2.83 11.86 -42.93
N ASP A 174 3.40 12.20 -44.08
CA ASP A 174 2.84 11.73 -45.35
C ASP A 174 2.85 10.21 -45.41
N TRP A 175 3.83 9.55 -44.82
CA TRP A 175 3.80 8.09 -44.75
C TRP A 175 2.74 7.58 -43.80
N ARG A 176 2.54 8.23 -42.65
CA ARG A 176 1.45 7.84 -41.77
C ARG A 176 0.09 8.09 -42.39
N VAL A 177 0.01 8.94 -43.41
CA VAL A 177 -1.23 9.13 -44.15
C VAL A 177 -1.37 8.12 -45.27
N ALA A 178 -0.27 7.80 -45.98
CA ALA A 178 -0.33 6.99 -47.18
C ALA A 178 -0.23 5.49 -46.92
N HIS A 179 0.29 5.08 -45.75
CA HIS A 179 0.36 3.67 -45.40
C HIS A 179 -0.41 3.36 -44.13
N VAL A 180 -0.13 4.06 -43.04
CA VAL A 180 -0.78 3.76 -41.76
C VAL A 180 -2.27 4.07 -41.84
N GLU A 181 -2.62 5.24 -42.35
CA GLU A 181 -4.02 5.66 -42.37
C GLU A 181 -4.85 4.85 -43.35
N VAL A 182 -4.22 4.14 -44.29
CA VAL A 182 -4.91 3.28 -45.24
C VAL A 182 -4.61 1.81 -45.01
N ALA A 183 -3.87 1.48 -43.95
CA ALA A 183 -3.43 0.11 -43.75
C ALA A 183 -4.62 -0.81 -43.46
N PRO A 184 -4.57 -2.07 -43.89
CA PRO A 184 -5.64 -3.01 -43.53
C PRO A 184 -5.78 -3.21 -42.04
N PHE A 185 -4.69 -3.11 -41.26
CA PHE A 185 -4.83 -3.32 -39.81
C PHE A 185 -5.45 -2.15 -39.09
N TYR A 186 -5.57 -0.99 -39.74
CA TYR A 186 -6.15 0.19 -39.11
C TYR A 186 -7.50 0.56 -39.70
N THR A 187 -7.64 0.57 -41.02
CA THR A 187 -8.90 0.97 -41.64
C THR A 187 -10.05 0.05 -41.25
N CYS A 188 -9.78 -1.25 -41.14
CA CYS A 188 -10.83 -2.21 -40.81
C CYS A 188 -11.05 -2.18 -39.30
N LYS A 189 -12.19 -1.64 -38.88
CA LYS A 189 -12.54 -1.49 -37.47
C LYS A 189 -13.48 -2.59 -36.99
N LYS A 190 -13.41 -3.77 -37.60
CA LYS A 190 -14.35 -4.84 -37.26
C LYS A 190 -14.19 -5.31 -35.82
N ILE A 191 -12.98 -5.19 -35.27
CA ILE A 191 -12.73 -5.69 -33.92
C ILE A 191 -13.55 -4.92 -32.89
N ASN A 192 -13.79 -3.63 -33.13
CA ASN A 192 -14.56 -2.83 -32.19
C ASN A 192 -15.99 -3.32 -32.09
N GLN A 193 -16.66 -3.52 -33.23
CA GLN A 193 -18.00 -4.08 -33.19
C GLN A 193 -18.00 -5.53 -32.74
N LEU A 194 -16.89 -6.25 -32.92
CA LEU A 194 -16.80 -7.60 -32.37
C LEU A 194 -16.85 -7.57 -30.84
N ILE A 195 -16.06 -6.69 -30.22
CA ILE A 195 -16.13 -6.55 -28.76
C ILE A 195 -17.49 -6.01 -28.34
N SER A 196 -18.11 -5.18 -29.17
CA SER A 196 -19.47 -4.72 -28.88
C SER A 196 -20.45 -5.90 -28.82
N GLU A 197 -20.35 -6.81 -29.79
CA GLU A 197 -21.18 -8.00 -29.79
C GLU A 197 -20.88 -8.88 -28.58
N THR A 198 -19.60 -8.96 -28.20
CA THR A 198 -19.21 -9.74 -27.02
C THR A 198 -19.87 -9.18 -25.76
N GLU A 199 -19.81 -7.86 -25.58
CA GLU A 199 -20.46 -7.25 -24.43
C GLU A 199 -21.97 -7.45 -24.48
N ALA A 200 -22.55 -7.36 -25.68
CA ALA A 200 -23.99 -7.56 -25.83
C ALA A 200 -24.39 -8.96 -25.40
N VAL A 201 -23.66 -9.99 -25.85
CA VAL A 201 -24.04 -11.35 -25.52
C VAL A 201 -23.78 -11.63 -24.04
N VAL A 202 -22.71 -11.04 -23.48
CA VAL A 202 -22.47 -11.17 -22.04
C VAL A 202 -23.62 -10.59 -21.24
N THR A 203 -24.13 -9.42 -21.63
CA THR A 203 -25.22 -8.79 -20.92
C THR A 203 -26.59 -9.40 -21.23
N ASN A 204 -26.70 -10.18 -22.31
CA ASN A 204 -27.96 -10.79 -22.70
C ASN A 204 -28.14 -12.21 -22.19
N GLU A 205 -27.17 -13.10 -22.44
CA GLU A 205 -27.30 -14.51 -22.10
C GLU A 205 -26.45 -14.90 -20.90
N LEU A 206 -25.21 -14.43 -20.84
CA LEU A 206 -24.34 -14.75 -19.69
C LEU A 206 -24.92 -14.17 -18.41
N GLU A 207 -25.36 -12.92 -18.45
CA GLU A 207 -25.93 -12.27 -17.28
C GLU A 207 -27.27 -11.63 -17.61
N GLN A 227 -4.20 -1.86 -13.33
CA GLN A 227 -3.19 -2.44 -12.46
C GLN A 227 -3.11 -1.69 -11.13
N PRO A 228 -2.89 -2.43 -10.04
CA PRO A 228 -2.79 -1.78 -8.73
C PRO A 228 -1.61 -0.83 -8.67
N ALA A 229 -1.78 0.25 -7.91
CA ALA A 229 -0.73 1.24 -7.77
C ALA A 229 0.45 0.64 -7.01
N PRO A 230 1.67 1.14 -7.25
CA PRO A 230 2.84 0.61 -6.52
C PRO A 230 2.66 0.77 -5.01
N ALA A 231 3.19 -0.21 -4.27
CA ALA A 231 2.97 -0.27 -2.83
C ALA A 231 3.48 0.98 -2.12
N TRP A 232 4.52 1.62 -2.68
CA TRP A 232 5.07 2.81 -2.05
C TRP A 232 4.05 3.93 -1.98
N THR A 233 3.26 4.11 -3.04
CA THR A 233 2.25 5.17 -3.03
C THR A 233 1.20 4.92 -1.98
N THR A 234 0.76 3.66 -1.83
CA THR A 234 -0.21 3.33 -0.81
C THR A 234 0.35 3.55 0.60
N PHE A 235 1.60 3.16 0.82
CA PHE A 235 2.23 3.39 2.11
C PHE A 235 2.33 4.88 2.42
N ARG A 236 2.71 5.69 1.43
CA ARG A 236 2.80 7.13 1.65
C ARG A 236 1.43 7.72 1.97
N VAL A 237 0.39 7.24 1.28
CA VAL A 237 -0.96 7.70 1.56
C VAL A 237 -1.32 7.42 3.02
N GLY A 238 -1.02 6.20 3.48
CA GLY A 238 -1.31 5.86 4.86
C GLY A 238 -0.55 6.70 5.86
N LEU A 239 0.74 6.93 5.59
CA LEU A 239 1.55 7.76 6.48
C LEU A 239 0.98 9.17 6.60
N PHE A 240 0.67 9.79 5.45
CA PHE A 240 0.13 11.14 5.48
C PHE A 240 -1.22 11.18 6.19
N CYS A 241 -2.06 10.18 5.97
CA CYS A 241 -3.36 10.15 6.64
C CYS A 241 -3.20 10.09 8.14
N GLY A 242 -2.31 9.22 8.64
CA GLY A 242 -2.12 9.12 10.08
C GLY A 242 -1.59 10.39 10.69
N ILE A 243 -0.58 10.99 10.05
CA ILE A 243 -0.03 12.23 10.57
C ILE A 243 -1.10 13.32 10.62
N PHE A 244 -1.93 13.40 9.56
CA PHE A 244 -2.99 14.39 9.54
C PHE A 244 -3.98 14.18 10.67
N ILE A 245 -4.37 12.92 10.92
CA ILE A 245 -5.36 12.65 11.97
C ILE A 245 -4.83 13.07 13.33
N VAL A 246 -3.59 12.65 13.65
CA VAL A 246 -3.05 12.96 14.97
C VAL A 246 -2.88 14.47 15.13
N LEU A 247 -2.42 15.15 14.09
CA LEU A 247 -2.24 16.60 14.18
C LEU A 247 -3.57 17.32 14.33
N ASN A 248 -4.62 16.85 13.67
CA ASN A 248 -5.94 17.47 13.87
C ASN A 248 -6.40 17.33 15.31
N ILE A 249 -6.23 16.15 15.90
CA ILE A 249 -6.63 15.98 17.29
C ILE A 249 -5.82 16.90 18.21
N THR A 250 -4.51 17.01 17.95
CA THR A 250 -3.68 17.91 18.74
C THR A 250 -4.14 19.36 18.60
N LEU A 251 -4.51 19.77 17.38
CA LEU A 251 -4.99 21.13 17.16
C LEU A 251 -6.28 21.39 17.93
N VAL A 252 -7.20 20.42 17.92
CA VAL A 252 -8.46 20.60 18.66
C VAL A 252 -8.17 20.77 20.14
N LEU A 253 -7.32 19.90 20.70
CA LEU A 253 -7.02 19.99 22.12
C LEU A 253 -6.33 21.30 22.47
N ALA A 254 -5.37 21.73 21.64
CA ALA A 254 -4.67 22.98 21.89
C ALA A 254 -5.62 24.17 21.85
N ALA A 255 -6.54 24.16 20.88
CA ALA A 255 -7.53 25.24 20.79
C ALA A 255 -8.42 25.28 22.01
N VAL A 256 -8.85 24.12 22.50
CA VAL A 256 -9.77 24.12 23.63
C VAL A 256 -9.05 24.53 24.91
N PHE A 257 -7.82 24.05 25.13
CA PHE A 257 -7.17 24.23 26.42
C PHE A 257 -6.10 25.31 26.43
N LYS A 258 -5.11 25.23 25.55
CA LYS A 258 -3.93 26.08 25.70
C LYS A 258 -4.20 27.51 25.24
N LEU A 259 -4.59 27.68 23.97
CA LEU A 259 -4.79 29.02 23.44
C LEU A 259 -5.95 29.72 24.12
N GLU A 260 -5.78 31.00 24.39
CA GLU A 260 -6.79 31.81 25.04
C GLU A 260 -7.83 32.27 24.02
N THR A 261 -9.08 32.39 24.48
CA THR A 261 -10.19 32.71 23.59
C THR A 261 -10.84 34.05 23.89
N ASP A 262 -10.29 34.84 24.82
CA ASP A 262 -10.87 36.15 25.10
C ASP A 262 -10.76 37.08 23.89
N ARG A 263 -9.61 37.08 23.22
CA ARG A 263 -9.46 37.90 22.03
C ARG A 263 -10.26 37.31 20.87
N SER A 264 -10.64 38.19 19.94
CA SER A 264 -11.39 37.76 18.78
C SER A 264 -10.53 36.87 17.88
N ILE A 265 -11.09 35.75 17.46
CA ILE A 265 -10.41 34.82 16.56
C ILE A 265 -11.05 34.76 15.19
N TRP A 266 -12.04 35.62 14.91
CA TRP A 266 -12.70 35.59 13.62
C TRP A 266 -11.75 35.79 12.44
N PRO A 267 -10.80 36.74 12.45
CA PRO A 267 -9.88 36.86 11.31
C PRO A 267 -9.13 35.57 11.01
N LEU A 268 -8.72 34.84 12.05
CA LEU A 268 -7.99 33.60 11.82
C LEU A 268 -8.83 32.59 11.07
N ILE A 269 -10.09 32.41 11.48
CA ILE A 269 -10.97 31.46 10.80
C ILE A 269 -11.25 31.91 9.37
N ARG A 270 -11.58 33.19 9.18
CA ARG A 270 -11.87 33.68 7.84
C ARG A 270 -10.65 33.72 6.95
N ILE A 271 -9.45 33.60 7.52
CA ILE A 271 -8.25 33.47 6.69
C ILE A 271 -7.96 32.01 6.36
N TYR A 272 -8.13 31.11 7.32
CA TYR A 272 -7.73 29.72 7.16
C TYR A 272 -8.81 28.83 6.57
N ARG A 273 -10.01 29.34 6.34
CA ARG A 273 -11.07 28.50 5.78
C ARG A 273 -10.76 28.02 4.36
N GLY A 274 -10.02 28.82 3.59
CA GLY A 274 -9.80 28.47 2.18
C GLY A 274 -9.01 27.19 2.01
N GLY A 275 -7.94 27.03 2.79
CA GLY A 275 -7.15 25.82 2.69
C GLY A 275 -7.95 24.58 3.01
N PHE A 276 -8.78 24.65 4.05
CA PHE A 276 -9.63 23.52 4.39
C PHE A 276 -10.60 23.20 3.26
N LEU A 277 -11.19 24.22 2.65
CA LEU A 277 -12.11 23.95 1.55
C LEU A 277 -11.39 23.28 0.38
N LEU A 278 -10.20 23.76 0.05
CA LEU A 278 -9.44 23.16 -1.05
C LEU A 278 -9.07 21.71 -0.75
N ILE A 279 -8.64 21.42 0.48
CA ILE A 279 -8.26 20.07 0.84
C ILE A 279 -9.47 19.14 0.78
N GLU A 280 -10.61 19.60 1.28
CA GLU A 280 -11.83 18.80 1.18
C GLU A 280 -12.17 18.51 -0.28
N PHE A 281 -12.05 19.53 -1.14
CA PHE A 281 -12.36 19.31 -2.56
C PHE A 281 -11.43 18.27 -3.18
N LEU A 282 -10.13 18.34 -2.87
CA LEU A 282 -9.20 17.40 -3.47
C LEU A 282 -9.47 15.97 -3.00
N PHE A 283 -9.73 15.79 -1.71
CA PHE A 283 -10.02 14.45 -1.21
C PHE A 283 -11.30 13.90 -1.83
N LEU A 284 -12.34 14.73 -1.91
CA LEU A 284 -13.59 14.28 -2.51
C LEU A 284 -13.42 13.96 -3.99
N LEU A 285 -12.55 14.70 -4.69
CA LEU A 285 -12.31 14.40 -6.09
C LEU A 285 -11.54 13.10 -6.26
N GLY A 286 -10.64 12.78 -5.32
CA GLY A 286 -10.03 11.46 -5.34
C GLY A 286 -11.05 10.35 -5.22
N ILE A 287 -11.98 10.49 -4.27
CA ILE A 287 -13.07 9.53 -4.16
C ILE A 287 -13.88 9.50 -5.46
N ASN A 288 -14.05 10.67 -6.09
CA ASN A 288 -14.79 10.77 -7.35
C ASN A 288 -14.16 9.90 -8.43
N THR A 289 -12.84 10.03 -8.62
CA THR A 289 -12.17 9.25 -9.65
C THR A 289 -12.22 7.76 -9.33
N TYR A 290 -12.09 7.41 -8.05
CA TYR A 290 -12.24 5.99 -7.71
C TYR A 290 -13.61 5.47 -8.11
N GLY A 291 -14.66 6.22 -7.78
CA GLY A 291 -16.00 5.78 -8.12
C GLY A 291 -16.20 5.66 -9.62
N TRP A 292 -15.70 6.63 -10.39
CA TRP A 292 -15.80 6.57 -11.84
C TRP A 292 -15.12 5.32 -12.38
N ARG A 293 -13.89 5.07 -11.96
CA ARG A 293 -13.16 3.91 -12.48
C ARG A 293 -13.84 2.61 -12.11
N GLN A 294 -14.34 2.51 -10.88
CA GLN A 294 -14.96 1.26 -10.44
C GLN A 294 -16.29 1.01 -11.15
N ALA A 295 -17.09 2.06 -11.35
CA ALA A 295 -18.40 1.88 -11.98
C ALA A 295 -18.28 1.38 -13.41
N GLY A 296 -17.33 1.92 -14.17
CA GLY A 296 -17.17 1.53 -15.55
C GLY A 296 -17.23 2.70 -16.49
N VAL A 297 -17.53 3.90 -15.95
CA VAL A 297 -17.56 5.10 -16.77
C VAL A 297 -16.17 5.38 -17.30
N ASN A 298 -16.05 5.50 -18.63
CA ASN A 298 -14.75 5.69 -19.28
C ASN A 298 -14.39 7.18 -19.25
N HIS A 299 -14.03 7.63 -18.05
CA HIS A 299 -13.65 9.03 -17.87
C HIS A 299 -12.37 9.37 -18.63
N VAL A 300 -11.61 8.36 -19.06
CA VAL A 300 -10.43 8.61 -19.87
C VAL A 300 -10.81 9.21 -21.20
N LEU A 301 -12.03 8.96 -21.67
CA LEU A 301 -12.49 9.41 -22.99
C LEU A 301 -13.21 10.75 -22.92
N ILE A 302 -14.18 10.90 -22.02
CA ILE A 302 -14.95 12.15 -21.96
C ILE A 302 -14.04 13.32 -21.63
N PHE A 303 -13.14 13.13 -20.67
CA PHE A 303 -12.22 14.20 -20.28
C PHE A 303 -11.19 14.51 -21.34
N GLU A 304 -11.10 13.69 -22.39
CA GLU A 304 -10.04 13.80 -23.40
C GLU A 304 -8.67 13.70 -22.73
N LEU A 305 -8.58 12.87 -21.70
CA LEU A 305 -7.33 12.69 -20.98
C LEU A 305 -6.36 11.86 -21.81
N ASN A 306 -5.11 11.87 -21.38
CA ASN A 306 -4.09 11.05 -22.02
C ASN A 306 -4.47 9.58 -21.87
N PRO A 307 -4.58 8.82 -22.96
CA PRO A 307 -5.00 7.41 -22.83
C PRO A 307 -4.07 6.58 -21.98
N ARG A 308 -2.77 6.89 -21.99
CA ARG A 308 -1.80 6.12 -21.23
C ARG A 308 -1.77 6.54 -19.77
N SER A 309 -1.39 7.78 -19.51
CA SER A 309 -1.08 8.25 -18.17
C SER A 309 -2.26 9.02 -17.59
N ASN A 310 -2.67 8.63 -16.38
CA ASN A 310 -3.74 9.29 -15.67
C ASN A 310 -3.50 9.13 -14.17
N LEU A 311 -4.12 10.02 -13.39
CA LEU A 311 -3.93 10.03 -11.95
C LEU A 311 -5.00 9.15 -11.30
N SER A 312 -4.59 7.98 -10.83
CA SER A 312 -5.49 7.15 -10.05
C SER A 312 -5.77 7.82 -8.70
N HIS A 313 -6.78 7.30 -8.00
CA HIS A 313 -7.29 7.98 -6.82
C HIS A 313 -6.23 8.14 -5.73
N GLN A 314 -5.30 7.18 -5.63
CA GLN A 314 -4.35 7.22 -4.53
C GLN A 314 -3.38 8.39 -4.65
N HIS A 315 -3.04 8.81 -5.87
CA HIS A 315 -2.23 10.01 -6.03
C HIS A 315 -2.96 11.24 -5.50
N LEU A 316 -4.25 11.35 -5.80
CA LEU A 316 -5.03 12.48 -5.28
C LEU A 316 -5.10 12.43 -3.77
N PHE A 317 -5.26 11.23 -3.20
CA PHE A 317 -5.25 11.11 -1.74
C PHE A 317 -3.92 11.54 -1.16
N GLU A 318 -2.81 11.19 -1.82
CA GLU A 318 -1.49 11.59 -1.33
C GLU A 318 -1.34 13.10 -1.33
N ILE A 319 -1.76 13.76 -2.43
CA ILE A 319 -1.65 15.21 -2.50
C ILE A 319 -2.52 15.86 -1.42
N ALA A 320 -3.74 15.35 -1.23
CA ALA A 320 -4.62 15.89 -0.20
C ALA A 320 -4.00 15.73 1.18
N GLY A 321 -3.41 14.57 1.46
CA GLY A 321 -2.79 14.36 2.75
C GLY A 321 -1.63 15.30 3.00
N PHE A 322 -0.79 15.48 1.99
CA PHE A 322 0.36 16.38 2.16
C PHE A 322 -0.10 17.81 2.43
N LEU A 323 -1.07 18.30 1.66
CA LEU A 323 -1.56 19.65 1.88
C LEU A 323 -2.24 19.78 3.24
N GLY A 324 -2.94 18.74 3.68
CA GLY A 324 -3.55 18.78 5.01
C GLY A 324 -2.51 18.84 6.11
N ILE A 325 -1.43 18.08 5.97
CA ILE A 325 -0.35 18.14 6.95
C ILE A 325 0.21 19.56 7.02
N LEU A 326 0.46 20.16 5.86
CA LEU A 326 1.03 21.50 5.85
C LEU A 326 0.09 22.52 6.49
N TRP A 327 -1.20 22.44 6.14
CA TRP A 327 -2.17 23.38 6.70
C TRP A 327 -2.27 23.23 8.21
N CYS A 328 -2.32 21.98 8.70
CA CYS A 328 -2.41 21.75 10.14
C CYS A 328 -1.17 22.26 10.85
N LEU A 329 0.01 22.03 10.26
CA LEU A 329 1.24 22.56 10.85
C LEU A 329 1.19 24.08 10.95
N SER A 330 0.75 24.74 9.87
CA SER A 330 0.70 26.19 9.88
C SER A 330 -0.25 26.70 10.97
N LEU A 331 -1.43 26.11 11.07
CA LEU A 331 -2.39 26.55 12.08
C LEU A 331 -1.86 26.33 13.49
N LEU A 332 -1.31 25.14 13.75
CA LEU A 332 -0.80 24.83 15.07
C LEU A 332 0.35 25.75 15.46
N ALA A 333 1.24 26.03 14.50
CA ALA A 333 2.33 26.97 14.76
C ALA A 333 1.79 28.36 15.06
N CYS A 334 0.78 28.80 14.31
CA CYS A 334 0.19 30.10 14.57
C CYS A 334 -0.42 30.15 15.97
N PHE A 335 -0.93 29.03 16.46
CA PHE A 335 -1.48 29.01 17.82
C PHE A 335 -0.40 29.22 18.87
N PHE A 336 0.57 28.31 18.95
CA PHE A 336 1.56 28.37 20.02
C PHE A 336 2.57 29.49 19.81
N ALA A 337 2.96 29.75 18.57
CA ALA A 337 4.03 30.69 18.23
C ALA A 337 5.33 30.35 18.98
N PRO A 338 5.94 29.21 18.68
CA PRO A 338 7.14 28.80 19.42
C PRO A 338 8.32 29.74 19.26
N ILE A 339 8.45 30.39 18.11
CA ILE A 339 9.65 31.19 17.82
C ILE A 339 9.72 32.39 18.75
N SER A 340 8.58 33.01 19.04
CA SER A 340 8.41 34.14 19.94
C SER A 340 9.02 35.44 19.42
N VAL A 341 9.70 35.41 18.26
CA VAL A 341 10.19 36.62 17.61
C VAL A 341 9.62 36.77 16.21
N ILE A 342 9.52 35.67 15.47
CA ILE A 342 8.88 35.69 14.15
C ILE A 342 7.39 36.01 14.34
N PRO A 343 6.84 37.00 13.63
CA PRO A 343 5.43 37.35 13.85
C PRO A 343 4.50 36.28 13.33
N THR A 344 3.34 36.19 13.97
CA THR A 344 2.38 35.13 13.71
C THR A 344 1.72 35.21 12.34
N TYR A 345 1.78 36.37 11.68
CA TYR A 345 1.05 36.54 10.43
C TYR A 345 1.79 35.99 9.22
N VAL A 346 3.06 35.64 9.36
CA VAL A 346 3.83 35.17 8.22
C VAL A 346 3.51 33.71 7.85
N TYR A 347 2.95 32.95 8.79
CA TYR A 347 2.62 31.55 8.52
C TYR A 347 1.61 31.39 7.40
N PRO A 348 0.51 32.17 7.33
CA PRO A 348 -0.37 32.05 6.15
C PRO A 348 0.33 32.34 4.84
N LEU A 349 1.21 33.35 4.79
CA LEU A 349 1.95 33.57 3.56
C LEU A 349 2.83 32.37 3.24
N ALA A 350 3.50 31.79 4.24
CA ALA A 350 4.31 30.62 3.98
C ALA A 350 3.49 29.49 3.39
N LEU A 351 2.33 29.18 3.98
CA LEU A 351 1.50 28.09 3.50
C LEU A 351 0.99 28.34 2.08
N TYR A 352 0.39 29.51 1.85
CA TYR A 352 -0.20 29.78 0.55
C TYR A 352 0.85 29.92 -0.53
N GLY A 353 2.00 30.52 -0.21
CA GLY A 353 3.08 30.60 -1.17
C GLY A 353 3.67 29.24 -1.48
N PHE A 354 3.75 28.35 -0.48
CA PHE A 354 4.21 26.99 -0.77
C PHE A 354 3.24 26.29 -1.71
N MET A 355 1.93 26.45 -1.49
CA MET A 355 0.95 25.86 -2.41
C MET A 355 1.11 26.43 -3.82
N VAL A 356 1.30 27.74 -3.93
CA VAL A 356 1.44 28.38 -5.24
C VAL A 356 2.69 27.87 -5.94
N PHE A 357 3.81 27.81 -5.23
CA PHE A 357 5.06 27.34 -5.82
C PHE A 357 4.96 25.87 -6.18
N PHE A 358 4.20 25.09 -5.41
CA PHE A 358 3.93 23.71 -5.79
C PHE A 358 3.18 23.65 -7.10
N LEU A 359 2.18 24.51 -7.28
CA LEU A 359 1.37 24.44 -8.49
C LEU A 359 2.08 25.03 -9.71
N ILE A 360 3.00 25.96 -9.51
CA ILE A 360 3.66 26.61 -10.64
C ILE A 360 5.11 26.16 -10.86
N ASN A 361 5.54 25.09 -10.20
CA ASN A 361 6.95 24.71 -10.30
C ASN A 361 7.38 24.31 -11.70
N PRO A 362 8.48 24.91 -12.19
CA PRO A 362 9.02 24.51 -13.50
C PRO A 362 9.55 23.10 -13.49
N THR A 363 10.22 22.71 -12.41
CA THR A 363 10.82 21.38 -12.32
C THR A 363 9.92 20.26 -12.82
N LYS A 364 10.47 19.40 -13.66
CA LYS A 364 9.69 18.26 -14.16
C LYS A 364 9.68 17.09 -13.17
N THR A 365 9.32 17.41 -11.92
CA THR A 365 9.23 16.37 -10.88
C THR A 365 8.02 16.77 -10.03
N PHE A 366 7.46 15.84 -9.25
CA PHE A 366 6.28 16.10 -8.39
C PHE A 366 4.96 16.27 -9.16
N TYR A 367 4.57 15.27 -9.94
CA TYR A 367 3.35 15.29 -10.74
C TYR A 367 3.37 16.38 -11.81
N TYR A 368 4.47 16.51 -12.55
CA TYR A 368 4.63 17.60 -13.49
C TYR A 368 3.65 17.53 -14.65
N LYS A 369 3.42 16.35 -15.21
CA LYS A 369 2.54 16.22 -16.36
C LYS A 369 1.13 16.71 -16.03
N SER A 370 0.53 16.17 -14.97
CA SER A 370 -0.81 16.59 -14.57
C SER A 370 -0.80 18.06 -14.16
N ARG A 371 0.31 18.52 -13.61
CA ARG A 371 0.41 19.91 -13.18
C ARG A 371 0.25 20.88 -14.35
N PHE A 372 1.05 20.74 -15.40
CA PHE A 372 0.83 21.63 -16.54
C PHE A 372 -0.43 21.30 -17.33
N TRP A 373 -0.96 20.08 -17.26
CA TRP A 373 -2.27 19.87 -17.85
C TRP A 373 -3.33 20.73 -17.16
N LEU A 374 -3.31 20.76 -15.82
CA LEU A 374 -4.21 21.62 -15.08
C LEU A 374 -3.95 23.08 -15.37
N LEU A 375 -2.68 23.48 -15.49
CA LEU A 375 -2.37 24.87 -15.79
C LEU A 375 -2.94 25.28 -17.14
N LYS A 376 -2.78 24.44 -18.16
CA LYS A 376 -3.33 24.73 -19.48
C LYS A 376 -4.85 24.83 -19.41
N LEU A 377 -5.49 23.89 -18.70
CA LEU A 377 -6.94 23.93 -18.60
C LEU A 377 -7.43 25.20 -17.90
N LEU A 378 -6.75 25.58 -16.81
CA LEU A 378 -7.15 26.79 -16.09
C LEU A 378 -6.97 28.04 -16.94
N PHE A 379 -5.85 28.11 -17.68
CA PHE A 379 -5.62 29.26 -18.54
C PHE A 379 -6.68 29.33 -19.64
N ARG A 380 -7.02 28.20 -20.24
CA ARG A 380 -8.05 28.20 -21.27
C ARG A 380 -9.41 28.56 -20.69
N VAL A 381 -9.70 28.15 -19.46
CA VAL A 381 -10.98 28.47 -18.85
C VAL A 381 -11.09 29.95 -18.56
N PHE A 382 -10.06 30.54 -17.95
CA PHE A 382 -10.16 31.93 -17.50
C PHE A 382 -10.34 32.89 -18.67
N THR A 383 -9.60 32.67 -19.76
CA THR A 383 -9.84 33.44 -20.99
C THR A 383 -10.89 32.71 -21.83
N ALA A 384 -12.12 32.72 -21.29
CA ALA A 384 -13.19 31.90 -21.84
C ALA A 384 -13.57 32.24 -23.28
N PRO A 385 -13.90 33.49 -23.64
CA PRO A 385 -14.42 33.73 -24.99
C PRO A 385 -13.39 33.52 -26.09
N PHE A 386 -12.10 33.60 -25.77
CA PHE A 386 -11.06 33.52 -26.78
C PHE A 386 -10.80 32.10 -27.26
N HIS A 387 -11.38 31.09 -26.62
CA HIS A 387 -11.12 29.70 -26.96
C HIS A 387 -12.44 28.94 -27.03
N LYS A 388 -12.42 27.84 -27.76
CA LYS A 388 -13.56 26.94 -27.77
C LYS A 388 -13.67 26.22 -26.43
N VAL A 389 -14.78 25.50 -26.24
CA VAL A 389 -15.06 24.82 -24.99
C VAL A 389 -15.15 23.33 -25.24
N GLY A 390 -14.44 22.55 -24.42
CA GLY A 390 -14.58 21.12 -24.39
C GLY A 390 -15.11 20.67 -23.04
N PHE A 391 -15.10 19.37 -22.77
CA PHE A 391 -15.59 18.92 -21.47
C PHE A 391 -14.70 19.39 -20.33
N ALA A 392 -13.38 19.36 -20.53
CA ALA A 392 -12.49 19.78 -19.46
C ALA A 392 -12.73 21.24 -19.08
N ASP A 393 -12.89 22.11 -20.07
CA ASP A 393 -13.13 23.53 -19.80
C ASP A 393 -14.42 23.73 -19.03
N PHE A 394 -15.51 23.11 -19.49
CA PHE A 394 -16.79 23.25 -18.81
C PHE A 394 -16.73 22.70 -17.40
N TRP A 395 -16.09 21.54 -17.23
CA TRP A 395 -16.03 20.91 -15.92
C TRP A 395 -15.26 21.78 -14.93
N LEU A 396 -14.11 22.30 -15.34
CA LEU A 396 -13.34 23.12 -14.41
C LEU A 396 -14.02 24.45 -14.14
N ALA A 397 -14.59 25.08 -15.17
CA ALA A 397 -15.27 26.35 -14.99
C ALA A 397 -16.53 26.20 -14.15
N ASP A 398 -17.10 25.00 -14.08
CA ASP A 398 -18.23 24.78 -13.18
C ASP A 398 -17.78 24.41 -11.78
N GLN A 399 -16.68 23.66 -11.66
CA GLN A 399 -16.11 23.39 -10.34
C GLN A 399 -15.74 24.68 -9.64
N LEU A 400 -15.23 25.66 -10.39
CA LEU A 400 -14.89 26.95 -9.79
C LEU A 400 -16.11 27.73 -9.34
N ASN A 401 -17.32 27.35 -9.76
CA ASN A 401 -18.52 28.05 -9.35
C ASN A 401 -18.97 27.66 -7.95
N SER A 402 -18.60 26.48 -7.47
CA SER A 402 -18.95 26.03 -6.12
C SER A 402 -17.83 26.26 -5.12
N LEU A 403 -16.75 26.93 -5.53
CA LEU A 403 -15.60 27.19 -4.67
C LEU A 403 -15.36 28.68 -4.50
N SER A 404 -16.42 29.48 -4.56
CA SER A 404 -16.29 30.93 -4.49
C SER A 404 -15.77 31.40 -3.14
N VAL A 405 -15.95 30.60 -2.08
CA VAL A 405 -15.50 31.01 -0.76
C VAL A 405 -13.98 31.13 -0.74
N ILE A 406 -13.28 30.32 -1.53
CA ILE A 406 -11.82 30.42 -1.58
C ILE A 406 -11.39 31.77 -2.14
N LEU A 407 -12.03 32.21 -3.23
CA LEU A 407 -11.70 33.52 -3.80
C LEU A 407 -12.08 34.64 -2.83
N MET A 408 -13.24 34.51 -2.17
CA MET A 408 -13.63 35.52 -1.20
C MET A 408 -12.61 35.63 -0.07
N ASP A 409 -12.15 34.48 0.45
CA ASP A 409 -11.19 34.50 1.54
C ASP A 409 -9.83 35.00 1.07
N LEU A 410 -9.47 34.73 -0.19
CA LEU A 410 -8.24 35.30 -0.74
C LEU A 410 -8.32 36.82 -0.77
N GLU A 411 -9.46 37.36 -1.22
CA GLU A 411 -9.64 38.82 -1.20
C GLU A 411 -9.58 39.35 0.21
N TYR A 412 -10.21 38.66 1.16
CA TYR A 412 -10.18 39.11 2.55
C TYR A 412 -8.76 39.12 3.10
N MET A 413 -7.98 38.07 2.80
CA MET A 413 -6.61 38.01 3.28
C MET A 413 -5.77 39.14 2.67
N ILE A 414 -5.96 39.40 1.38
CA ILE A 414 -5.24 40.49 0.73
C ILE A 414 -5.55 41.82 1.40
N CYS A 415 -6.84 42.10 1.60
CA CYS A 415 -7.24 43.37 2.20
C CYS A 415 -6.72 43.48 3.63
N PHE A 416 -6.83 42.40 4.40
CA PHE A 416 -6.40 42.44 5.79
C PHE A 416 -4.91 42.67 5.90
N TYR A 417 -4.12 42.01 5.05
CA TYR A 417 -2.68 42.16 5.13
C TYR A 417 -2.17 43.43 4.48
N SER A 418 -2.99 44.09 3.66
CA SER A 418 -2.57 45.33 3.02
C SER A 418 -3.14 46.59 3.67
N LEU A 419 -4.17 46.48 4.50
CA LEU A 419 -4.81 47.67 5.04
C LEU A 419 -4.82 47.73 6.56
N GLU A 420 -5.10 46.62 7.24
CA GLU A 420 -5.33 46.63 8.67
C GLU A 420 -4.30 45.84 9.47
N LEU A 421 -3.33 45.21 8.83
CA LEU A 421 -2.33 44.43 9.53
C LEU A 421 -1.10 45.28 9.80
N LYS A 422 -0.68 45.33 11.05
CA LYS A 422 0.49 46.12 11.46
C LYS A 422 1.72 45.23 11.42
N TRP A 423 2.66 45.57 10.52
CA TRP A 423 3.87 44.79 10.32
C TRP A 423 4.98 45.15 11.29
N ASP A 424 4.65 45.80 12.41
CA ASP A 424 5.63 46.14 13.42
C ASP A 424 5.40 45.42 14.74
N GLU A 425 4.44 44.51 14.81
CA GLU A 425 4.12 43.78 16.03
C GLU A 425 4.12 42.29 15.74
N SER A 426 4.66 41.51 16.69
CA SER A 426 4.79 40.08 16.49
C SER A 426 3.42 39.41 16.43
N LYS A 427 2.65 39.49 17.50
CA LYS A 427 1.33 38.87 17.54
C LYS A 427 0.32 39.90 17.05
N GLY A 428 -0.07 39.78 15.78
CA GLY A 428 -1.00 40.70 15.18
C GLY A 428 -2.13 40.00 14.48
N LEU A 429 -1.95 38.71 14.20
CA LEU A 429 -3.01 37.92 13.58
C LEU A 429 -4.23 37.81 14.48
N LEU A 430 -4.03 37.93 15.80
CA LEU A 430 -5.13 37.96 16.74
C LEU A 430 -5.36 39.39 17.18
N PRO A 431 -6.50 40.01 16.85
CA PRO A 431 -6.71 41.42 17.21
C PRO A 431 -6.74 41.62 18.71
N ASN A 432 -6.31 42.82 19.12
CA ASN A 432 -6.28 43.15 20.55
C ASN A 432 -7.68 43.16 21.14
N ASN A 433 -8.64 43.72 20.41
CA ASN A 433 -10.02 43.80 20.90
C ASN A 433 -10.75 42.47 20.72
N SER A 437 -15.02 45.68 13.32
CA SER A 437 -14.98 47.04 12.81
C SER A 437 -13.92 47.19 11.73
N GLY A 438 -13.91 46.27 10.78
CA GLY A 438 -12.94 46.29 9.70
C GLY A 438 -13.57 46.39 8.33
N ILE A 439 -13.10 47.34 7.52
CA ILE A 439 -13.65 47.50 6.17
C ILE A 439 -13.43 46.24 5.35
N CYS A 440 -12.32 45.54 5.58
CA CYS A 440 -12.00 44.36 4.80
C CYS A 440 -13.05 43.26 4.99
N HIS A 441 -13.51 43.05 6.23
CA HIS A 441 -14.52 42.05 6.47
C HIS A 441 -15.92 42.54 6.13
N LYS A 442 -16.06 43.82 5.76
CA LYS A 442 -17.33 44.38 5.32
C LYS A 442 -17.45 44.23 3.80
N TYR A 443 -18.43 44.93 3.23
CA TYR A 443 -18.78 44.81 1.81
C TYR A 443 -18.59 46.12 1.07
N THR A 444 -17.67 46.96 1.53
CA THR A 444 -17.52 48.30 0.96
C THR A 444 -17.16 48.23 -0.52
N TYR A 445 -17.88 49.03 -1.32
CA TYR A 445 -17.70 49.22 -2.77
C TYR A 445 -18.14 48.00 -3.57
N GLY A 446 -18.53 46.90 -2.93
CA GLY A 446 -18.94 45.74 -3.69
C GLY A 446 -17.81 44.97 -4.34
N VAL A 447 -16.58 45.13 -3.86
CA VAL A 447 -15.49 44.28 -4.32
C VAL A 447 -15.79 42.82 -3.98
N ARG A 448 -16.38 42.59 -2.80
CA ARG A 448 -16.82 41.25 -2.45
C ARG A 448 -17.86 40.75 -3.45
N ALA A 449 -18.79 41.62 -3.85
CA ALA A 449 -19.79 41.23 -4.82
C ALA A 449 -19.16 40.84 -6.15
N ILE A 450 -18.20 41.63 -6.63
CA ILE A 450 -17.63 41.36 -7.96
C ILE A 450 -16.83 40.06 -7.92
N VAL A 451 -16.03 39.83 -6.87
CA VAL A 451 -15.30 38.57 -6.81
C VAL A 451 -16.29 37.42 -6.67
N GLN A 452 -17.41 37.64 -5.98
CA GLN A 452 -18.43 36.61 -5.85
C GLN A 452 -19.01 36.21 -7.20
N CYS A 453 -19.34 37.20 -8.03
CA CYS A 453 -19.95 36.89 -9.33
C CYS A 453 -18.94 36.59 -10.42
N ILE A 454 -17.64 36.64 -10.13
CA ILE A 454 -16.64 36.24 -11.13
C ILE A 454 -16.95 34.87 -11.75
N PRO A 455 -17.14 33.79 -10.98
CA PRO A 455 -17.36 32.47 -11.63
C PRO A 455 -18.62 32.43 -12.48
N ALA A 456 -19.70 33.09 -12.04
CA ALA A 456 -20.89 33.19 -12.86
C ALA A 456 -20.60 33.89 -14.17
N TRP A 457 -19.76 34.94 -14.11
CA TRP A 457 -19.35 35.62 -15.33
C TRP A 457 -18.62 34.68 -16.27
N LEU A 458 -17.68 33.89 -15.74
CA LEU A 458 -16.94 32.96 -16.58
C LEU A 458 -17.88 31.96 -17.26
N ARG A 459 -18.78 31.36 -16.47
CA ARG A 459 -19.66 30.35 -17.04
C ARG A 459 -20.63 30.96 -18.06
N PHE A 460 -21.16 32.15 -17.77
CA PHE A 460 -22.06 32.80 -18.71
C PHE A 460 -21.36 33.13 -20.02
N ILE A 461 -20.12 33.62 -19.94
CA ILE A 461 -19.36 33.91 -21.15
C ILE A 461 -19.10 32.63 -21.94
N GLN A 462 -18.75 31.54 -21.23
CA GLN A 462 -18.53 30.27 -21.91
C GLN A 462 -19.78 29.80 -22.64
N CYS A 463 -20.93 29.90 -21.97
CA CYS A 463 -22.18 29.48 -22.60
C CYS A 463 -22.52 30.35 -23.81
N LEU A 464 -22.28 31.66 -23.71
CA LEU A 464 -22.53 32.53 -24.86
C LEU A 464 -21.62 32.18 -26.02
N ARG A 465 -20.35 31.88 -25.75
CA ARG A 465 -19.44 31.48 -26.81
C ARG A 465 -19.89 30.17 -27.45
N ARG A 466 -20.33 29.21 -26.64
CA ARG A 466 -20.86 27.97 -27.19
C ARG A 466 -22.07 28.23 -28.08
N TYR A 467 -22.98 29.10 -27.64
CA TYR A 467 -24.14 29.42 -28.47
C TYR A 467 -23.73 30.07 -29.78
N ARG A 468 -22.79 31.02 -29.74
CA ARG A 468 -22.34 31.68 -30.96
C ARG A 468 -21.61 30.73 -31.90
N ASP A 469 -20.94 29.71 -31.36
CA ASP A 469 -20.31 28.71 -32.21
C ASP A 469 -21.27 27.62 -32.67
N THR A 470 -22.45 27.53 -32.06
CA THR A 470 -23.44 26.52 -32.44
C THR A 470 -24.73 27.11 -32.99
N LYS A 471 -25.19 28.24 -32.46
CA LYS A 471 -26.45 28.87 -32.88
C LYS A 471 -27.64 27.95 -32.64
N ARG A 472 -27.76 27.49 -31.40
CA ARG A 472 -28.90 26.71 -30.95
C ARG A 472 -29.44 27.36 -29.68
N ALA A 473 -30.70 27.82 -29.74
CA ALA A 473 -31.31 28.45 -28.57
C ALA A 473 -31.56 27.45 -27.44
N PHE A 474 -31.53 26.16 -27.74
CA PHE A 474 -31.73 25.12 -26.74
C PHE A 474 -30.72 24.02 -27.06
N PRO A 475 -29.99 23.52 -26.06
CA PRO A 475 -30.00 23.91 -24.65
C PRO A 475 -28.82 24.82 -24.31
N HIS A 476 -28.45 25.76 -25.19
CA HIS A 476 -27.28 26.59 -24.98
C HIS A 476 -27.62 28.01 -24.54
N LEU A 477 -28.90 28.31 -24.30
CA LEU A 477 -29.26 29.67 -23.93
C LEU A 477 -30.03 29.70 -22.60
N VAL A 478 -30.75 28.63 -22.29
CA VAL A 478 -31.37 28.52 -20.97
C VAL A 478 -30.30 28.44 -19.90
N ASN A 479 -29.21 27.74 -20.19
CA ASN A 479 -28.04 27.73 -19.31
C ASN A 479 -27.57 29.15 -19.01
N ALA A 480 -27.66 30.04 -20.00
CA ALA A 480 -27.23 31.42 -19.81
C ALA A 480 -28.06 32.10 -18.72
N GLY A 481 -29.38 31.93 -18.75
CA GLY A 481 -30.20 32.50 -17.69
C GLY A 481 -29.94 31.84 -16.34
N LYS A 482 -29.77 30.51 -16.34
CA LYS A 482 -29.49 29.82 -15.10
C LYS A 482 -28.23 30.35 -14.44
N TYR A 483 -27.22 30.70 -15.23
CA TYR A 483 -26.00 31.28 -14.68
C TYR A 483 -26.09 32.79 -14.48
N SER A 484 -27.04 33.46 -15.14
CA SER A 484 -27.15 34.90 -15.04
C SER A 484 -28.00 35.37 -13.87
N THR A 485 -28.80 34.48 -13.28
CA THR A 485 -29.61 34.88 -12.13
C THR A 485 -28.74 35.33 -10.96
N THR A 486 -27.50 34.84 -10.90
CA THR A 486 -26.63 35.14 -9.75
C THR A 486 -26.24 36.61 -9.70
N PHE A 487 -26.05 37.22 -10.88
CA PHE A 487 -25.75 38.65 -10.92
C PHE A 487 -26.85 39.44 -10.25
N PHE A 488 -28.11 39.15 -10.60
CA PHE A 488 -29.23 39.84 -9.96
C PHE A 488 -29.27 39.58 -8.47
N MET A 489 -29.03 38.32 -8.07
CA MET A 489 -28.89 37.99 -6.65
C MET A 489 -27.95 38.96 -5.93
N VAL A 490 -26.68 38.96 -6.33
CA VAL A 490 -25.69 39.70 -5.55
C VAL A 490 -25.92 41.20 -5.66
N THR A 491 -26.35 41.69 -6.83
CA THR A 491 -26.63 43.11 -6.97
C THR A 491 -27.71 43.55 -6.00
N PHE A 492 -28.83 42.82 -5.95
CA PHE A 492 -29.90 43.22 -5.05
C PHE A 492 -29.52 43.06 -3.59
N ALA A 493 -28.76 42.02 -3.24
CA ALA A 493 -28.30 41.89 -1.85
C ALA A 493 -27.41 43.06 -1.45
N ALA A 494 -26.47 43.44 -2.31
CA ALA A 494 -25.59 44.55 -1.99
C ALA A 494 -26.36 45.87 -1.89
N LEU A 495 -27.32 46.08 -2.79
CA LEU A 495 -28.11 47.31 -2.74
C LEU A 495 -28.95 47.36 -1.47
N TYR A 496 -29.54 46.23 -1.08
CA TYR A 496 -30.21 46.14 0.21
C TYR A 496 -29.28 46.57 1.34
N SER A 497 -28.09 45.99 1.40
CA SER A 497 -27.20 46.25 2.53
C SER A 497 -26.80 47.72 2.56
N THR A 498 -26.47 48.30 1.40
CA THR A 498 -26.07 49.69 1.34
C THR A 498 -27.22 50.61 1.77
N HIS A 499 -28.44 50.33 1.29
CA HIS A 499 -29.57 51.16 1.67
C HIS A 499 -29.88 51.06 3.16
N LYS A 500 -29.75 49.86 3.73
CA LYS A 500 -29.95 49.70 5.17
C LYS A 500 -28.89 50.46 5.96
N GLU A 501 -27.65 50.43 5.48
CA GLU A 501 -26.59 51.21 6.13
C GLU A 501 -26.91 52.71 6.08
N ARG A 502 -27.37 53.20 4.92
CA ARG A 502 -27.72 54.60 4.80
C ARG A 502 -28.97 54.94 5.61
N GLY A 503 -29.96 54.08 5.59
CA GLY A 503 -31.21 54.33 6.28
C GLY A 503 -32.37 54.74 5.42
N HIS A 504 -32.41 54.31 4.16
CA HIS A 504 -33.47 54.71 3.25
C HIS A 504 -34.79 54.04 3.62
N SER A 505 -35.90 54.74 3.33
CA SER A 505 -37.22 54.22 3.64
C SER A 505 -37.53 52.98 2.80
N ASP A 506 -37.16 52.99 1.52
CA ASP A 506 -37.45 51.90 0.61
C ASP A 506 -36.37 50.81 0.63
N THR A 507 -35.63 50.70 1.74
CA THR A 507 -34.67 49.61 1.88
C THR A 507 -35.38 48.26 1.89
N MET A 508 -36.50 48.16 2.61
CA MET A 508 -37.27 46.93 2.62
C MET A 508 -37.91 46.63 1.27
N VAL A 509 -38.02 47.61 0.38
CA VAL A 509 -38.37 47.31 -1.01
C VAL A 509 -37.29 46.44 -1.64
N PHE A 510 -36.02 46.81 -1.43
CA PHE A 510 -34.93 45.96 -1.86
C PHE A 510 -34.94 44.62 -1.13
N PHE A 511 -35.42 44.60 0.12
CA PHE A 511 -35.61 43.33 0.80
C PHE A 511 -36.56 42.42 0.03
N TYR A 512 -37.76 42.91 -0.30
CA TYR A 512 -38.68 42.05 -1.04
C TYR A 512 -38.09 41.66 -2.38
N LEU A 513 -37.39 42.58 -3.05
CA LEU A 513 -36.86 42.25 -4.37
C LEU A 513 -35.81 41.15 -4.28
N TRP A 514 -34.92 41.23 -3.29
CA TRP A 514 -33.93 40.17 -3.08
C TRP A 514 -34.62 38.85 -2.77
N ILE A 515 -35.61 38.88 -1.88
CA ILE A 515 -36.28 37.64 -1.50
C ILE A 515 -37.00 37.02 -2.70
N VAL A 516 -37.61 37.86 -3.55
CA VAL A 516 -38.31 37.35 -4.72
C VAL A 516 -37.34 36.72 -5.70
N PHE A 517 -36.22 37.40 -5.98
CA PHE A 517 -35.23 36.82 -6.89
C PHE A 517 -34.52 35.62 -6.28
N TYR A 518 -34.59 35.46 -4.96
CA TYR A 518 -34.00 34.30 -4.31
C TYR A 518 -34.60 33.00 -4.82
N ILE A 519 -35.93 32.88 -4.78
CA ILE A 519 -36.56 31.64 -5.22
C ILE A 519 -36.37 31.45 -6.71
N ILE A 520 -36.29 32.56 -7.47
CA ILE A 520 -36.04 32.49 -8.90
C ILE A 520 -34.68 31.84 -9.17
N SER A 521 -33.65 32.30 -8.46
CA SER A 521 -32.33 31.71 -8.63
C SER A 521 -32.29 30.27 -8.13
N SER A 522 -32.98 29.99 -7.02
CA SER A 522 -32.91 28.67 -6.41
C SER A 522 -33.55 27.61 -7.29
N CYS A 523 -34.79 27.84 -7.74
CA CYS A 523 -35.48 26.83 -8.54
C CYS A 523 -34.94 26.73 -9.95
N TYR A 524 -34.35 27.81 -10.49
CA TYR A 524 -33.80 27.76 -11.84
C TYR A 524 -32.70 26.70 -11.93
N THR A 525 -31.73 26.75 -11.01
CA THR A 525 -30.62 25.81 -11.04
C THR A 525 -30.98 24.46 -10.44
N LEU A 526 -32.00 24.39 -9.59
CA LEU A 526 -32.40 23.11 -9.03
C LEU A 526 -33.17 22.27 -10.05
N ILE A 527 -34.10 22.88 -10.77
CA ILE A 527 -34.80 22.18 -11.83
C ILE A 527 -33.84 21.82 -12.95
N TRP A 528 -32.87 22.69 -13.24
CA TRP A 528 -31.93 22.44 -14.31
C TRP A 528 -31.00 21.28 -13.99
N ASP A 529 -30.41 21.28 -12.79
CA ASP A 529 -29.49 20.21 -12.42
C ASP A 529 -30.18 18.86 -12.33
N LEU A 530 -31.46 18.85 -12.01
CA LEU A 530 -32.21 17.62 -11.78
C LEU A 530 -32.84 17.07 -13.06
N LYS A 531 -32.75 17.78 -14.18
CA LYS A 531 -33.41 17.39 -15.42
C LYS A 531 -32.44 17.05 -16.53
N MET A 532 -31.42 17.88 -16.75
CA MET A 532 -30.49 17.70 -17.86
C MET A 532 -29.08 17.33 -17.43
N ASP A 533 -28.55 17.99 -16.40
CA ASP A 533 -27.21 17.64 -15.92
C ASP A 533 -27.18 16.21 -15.40
N TRP A 534 -28.22 15.79 -14.67
CA TRP A 534 -28.32 14.43 -14.19
C TRP A 534 -29.19 13.55 -15.08
N GLY A 535 -30.12 14.13 -15.84
CA GLY A 535 -30.94 13.36 -16.75
C GLY A 535 -32.08 12.62 -16.10
N LEU A 536 -32.45 12.97 -14.86
CA LEU A 536 -33.49 12.28 -14.14
C LEU A 536 -34.87 12.80 -14.55
N PHE A 537 -35.92 12.26 -13.91
CA PHE A 537 -37.30 12.66 -14.16
C PHE A 537 -37.65 12.53 -15.64
N ASP A 538 -37.34 11.37 -16.21
CA ASP A 538 -37.57 11.13 -17.63
C ASP A 538 -38.78 10.22 -17.81
N LYS A 539 -39.47 10.41 -18.94
CA LYS A 539 -40.69 9.66 -19.22
C LYS A 539 -40.41 8.17 -19.45
N ASN A 540 -39.22 7.80 -19.88
CA ASN A 540 -38.87 6.39 -20.09
C ASN A 540 -38.37 5.77 -18.78
N ALA A 541 -39.24 5.84 -17.76
CA ALA A 541 -38.88 5.33 -16.44
C ALA A 541 -39.00 3.82 -16.37
N GLY A 542 -40.20 3.29 -16.60
CA GLY A 542 -40.41 1.85 -16.49
C GLY A 542 -40.19 1.39 -15.06
N GLU A 543 -39.33 0.40 -14.89
CA GLU A 543 -39.01 -0.08 -13.54
C GLU A 543 -38.35 0.98 -12.70
N ASN A 544 -37.43 1.75 -13.30
CA ASN A 544 -36.71 2.80 -12.59
C ASN A 544 -37.61 4.04 -12.54
N THR A 545 -38.56 4.01 -11.60
CA THR A 545 -39.52 5.10 -11.48
C THR A 545 -38.82 6.39 -11.11
N PHE A 546 -39.27 7.49 -11.72
CA PHE A 546 -38.69 8.82 -11.55
C PHE A 546 -37.22 8.87 -11.91
N LEU A 547 -36.74 7.87 -12.67
CA LEU A 547 -35.35 7.76 -13.05
C LEU A 547 -35.26 7.60 -14.56
N ARG A 548 -34.04 7.67 -15.08
CA ARG A 548 -33.85 7.37 -16.50
C ARG A 548 -33.80 5.86 -16.70
N GLU A 549 -33.90 5.44 -17.97
CA GLU A 549 -34.11 4.03 -18.27
C GLU A 549 -32.90 3.16 -17.89
N GLU A 550 -31.68 3.63 -18.12
CA GLU A 550 -30.49 2.86 -17.79
C GLU A 550 -29.74 3.54 -16.66
N ILE A 551 -29.37 2.78 -15.63
CA ILE A 551 -28.57 3.25 -14.53
C ILE A 551 -27.23 2.54 -14.56
N VAL A 552 -26.18 3.20 -14.08
CA VAL A 552 -24.83 2.67 -14.09
C VAL A 552 -24.39 2.21 -12.71
N TYR A 553 -24.56 3.06 -11.71
CA TYR A 553 -24.18 2.69 -10.35
C TYR A 553 -25.12 1.61 -9.81
N PRO A 554 -24.66 0.78 -8.88
CA PRO A 554 -25.41 -0.44 -8.54
C PRO A 554 -26.80 -0.19 -7.96
N GLN A 555 -26.93 0.72 -7.00
CA GLN A 555 -28.15 0.83 -6.20
C GLN A 555 -28.88 2.12 -6.49
N LYS A 556 -30.21 2.03 -6.62
CA LYS A 556 -31.05 3.19 -6.89
C LYS A 556 -31.24 4.07 -5.65
N ALA A 557 -31.11 3.50 -4.45
CA ALA A 557 -31.20 4.30 -3.24
C ALA A 557 -30.18 5.43 -3.24
N TYR A 558 -29.01 5.21 -3.88
CA TYR A 558 -28.05 6.28 -4.05
C TYR A 558 -28.64 7.42 -4.86
N TYR A 559 -29.34 7.09 -5.95
CA TYR A 559 -29.95 8.12 -6.77
C TYR A 559 -30.99 8.91 -5.99
N TYR A 560 -31.86 8.20 -5.25
CA TYR A 560 -32.88 8.90 -4.48
C TYR A 560 -32.26 9.78 -3.39
N CYS A 561 -31.25 9.25 -2.69
CA CYS A 561 -30.59 10.03 -1.65
C CYS A 561 -29.92 11.26 -2.23
N ALA A 562 -29.29 11.13 -3.40
CA ALA A 562 -28.66 12.29 -4.02
C ALA A 562 -29.68 13.31 -4.47
N ILE A 563 -30.82 12.88 -4.99
CA ILE A 563 -31.87 13.82 -5.34
C ILE A 563 -32.30 14.62 -4.12
N ILE A 564 -32.57 13.92 -3.02
CA ILE A 564 -33.00 14.58 -1.80
C ILE A 564 -31.92 15.54 -1.30
N GLU A 565 -30.67 15.09 -1.32
CA GLU A 565 -29.55 15.91 -0.85
C GLU A 565 -29.40 17.17 -1.68
N ASP A 566 -29.47 17.05 -3.00
CA ASP A 566 -29.34 18.23 -3.85
C ASP A 566 -30.48 19.21 -3.60
N VAL A 567 -31.71 18.72 -3.49
CA VAL A 567 -32.84 19.61 -3.24
C VAL A 567 -32.67 20.31 -1.89
N ILE A 568 -32.17 19.59 -0.89
CA ILE A 568 -32.01 20.19 0.44
C ILE A 568 -30.92 21.26 0.42
N LEU A 569 -29.76 20.93 -0.17
CA LEU A 569 -28.61 21.82 -0.08
C LEU A 569 -28.60 22.94 -1.10
N ARG A 570 -29.48 22.89 -2.12
CA ARG A 570 -29.51 23.99 -3.07
C ARG A 570 -30.19 25.24 -2.51
N PHE A 571 -31.00 25.10 -1.47
CA PHE A 571 -31.76 26.21 -0.90
C PHE A 571 -31.00 26.92 0.22
N ALA A 572 -29.81 26.45 0.57
CA ALA A 572 -29.01 27.06 1.63
C ALA A 572 -27.68 27.61 1.15
N TRP A 573 -27.09 26.99 0.11
CA TRP A 573 -25.90 27.57 -0.50
C TRP A 573 -26.18 28.96 -1.06
N THR A 574 -27.39 29.17 -1.57
CA THR A 574 -27.77 30.50 -2.05
C THR A 574 -27.86 31.51 -0.92
N ILE A 575 -28.40 31.12 0.24
CA ILE A 575 -28.34 32.00 1.40
C ILE A 575 -26.90 32.31 1.76
N GLN A 576 -26.04 31.29 1.75
CA GLN A 576 -24.64 31.51 2.12
C GLN A 576 -23.97 32.51 1.19
N ILE A 577 -24.21 32.37 -0.13
CA ILE A 577 -23.58 33.26 -1.08
C ILE A 577 -24.22 34.65 -1.12
N SER A 578 -25.41 34.81 -0.54
CA SER A 578 -26.02 36.13 -0.50
C SER A 578 -25.83 36.88 0.82
N ILE A 579 -25.59 36.19 1.94
CA ILE A 579 -25.37 36.89 3.20
C ILE A 579 -24.05 37.66 3.20
N THR A 580 -23.00 37.15 2.55
CA THR A 580 -21.68 37.74 2.69
C THR A 580 -21.64 39.21 2.32
N SER A 581 -22.54 39.68 1.46
CA SER A 581 -22.65 41.10 1.17
C SER A 581 -23.36 41.86 2.29
N THR A 582 -24.48 41.34 2.79
CA THR A 582 -25.24 42.04 3.80
C THR A 582 -24.58 41.90 5.17
N THR A 583 -25.01 42.76 6.10
CA THR A 583 -24.51 42.77 7.46
C THR A 583 -25.64 42.40 8.41
N LEU A 584 -25.50 41.26 9.08
CA LEU A 584 -26.49 40.77 10.03
C LEU A 584 -25.97 40.74 11.45
N LEU A 585 -24.84 40.08 11.70
CA LEU A 585 -24.24 39.97 13.02
C LEU A 585 -22.81 39.47 12.87
N PRO A 586 -21.85 40.04 13.61
CA PRO A 586 -20.46 39.55 13.48
C PRO A 586 -20.31 38.07 13.79
N HIS A 587 -21.04 37.55 14.79
CA HIS A 587 -21.03 36.12 15.03
C HIS A 587 -21.80 35.38 13.94
N SER A 588 -23.00 35.85 13.62
CA SER A 588 -23.84 35.16 12.63
C SER A 588 -23.29 35.33 11.23
N GLY A 589 -22.55 36.39 10.95
CA GLY A 589 -21.93 36.50 9.64
C GLY A 589 -20.99 35.32 9.46
N ASP A 590 -20.00 35.22 10.33
CA ASP A 590 -19.04 34.13 10.22
C ASP A 590 -19.59 32.73 10.44
N ILE A 591 -20.39 32.51 11.47
CA ILE A 591 -20.81 31.14 11.79
C ILE A 591 -21.59 30.43 10.68
N ILE A 592 -22.62 31.06 10.15
CA ILE A 592 -23.47 30.42 9.15
C ILE A 592 -22.65 30.10 7.90
N ALA A 593 -21.78 31.03 7.50
CA ALA A 593 -20.91 30.78 6.34
C ALA A 593 -19.94 29.65 6.62
N THR A 594 -19.39 29.56 7.83
CA THR A 594 -18.42 28.52 8.16
C THR A 594 -19.06 27.14 8.28
N VAL A 595 -20.32 27.05 8.70
CA VAL A 595 -20.99 25.75 8.71
C VAL A 595 -21.66 25.41 7.38
N PHE A 596 -21.77 26.36 6.46
CA PHE A 596 -22.34 26.05 5.15
C PHE A 596 -21.32 25.87 4.04
N ALA A 597 -20.14 26.50 4.13
CA ALA A 597 -19.15 26.37 3.07
C ALA A 597 -18.66 24.94 2.88
N PRO A 598 -18.27 24.19 3.92
CA PRO A 598 -17.81 22.81 3.69
C PRO A 598 -18.92 21.85 3.28
N LEU A 599 -20.15 22.32 3.10
CA LEU A 599 -21.24 21.48 2.59
C LEU A 599 -21.50 21.69 1.11
N GLU A 600 -21.26 22.90 0.61
CA GLU A 600 -21.47 23.17 -0.81
C GLU A 600 -20.48 22.37 -1.67
N VAL A 601 -19.25 22.21 -1.20
CA VAL A 601 -18.30 21.38 -1.92
C VAL A 601 -18.74 19.93 -1.94
N PHE A 602 -19.35 19.45 -0.85
CA PHE A 602 -19.91 18.11 -0.84
C PHE A 602 -21.03 17.98 -1.86
N ARG A 603 -21.89 19.00 -1.95
CA ARG A 603 -22.96 18.96 -2.95
C ARG A 603 -22.37 18.94 -4.36
N ARG A 604 -21.32 19.72 -4.60
CA ARG A 604 -20.67 19.71 -5.90
C ARG A 604 -20.07 18.34 -6.20
N PHE A 605 -19.51 17.68 -5.18
CA PHE A 605 -18.99 16.33 -5.37
C PHE A 605 -20.09 15.35 -5.76
N VAL A 606 -21.24 15.42 -5.08
CA VAL A 606 -22.31 14.48 -5.40
C VAL A 606 -22.91 14.77 -6.78
N TRP A 607 -22.86 16.03 -7.21
CA TRP A 607 -23.30 16.37 -8.56
C TRP A 607 -22.31 15.86 -9.61
N ASN A 608 -21.01 15.95 -9.29
CA ASN A 608 -19.97 15.40 -10.16
C ASN A 608 -20.11 13.90 -10.29
N PHE A 609 -20.62 13.23 -9.26
CA PHE A 609 -20.79 11.79 -9.31
C PHE A 609 -21.76 11.36 -10.41
N PHE A 610 -22.72 12.21 -10.79
CA PHE A 610 -23.77 11.83 -11.73
C PHE A 610 -23.65 12.52 -13.08
N ARG A 611 -23.06 13.71 -13.15
CA ARG A 611 -22.94 14.38 -14.44
C ARG A 611 -22.12 13.55 -15.43
N LEU A 612 -21.02 12.97 -14.95
CA LEU A 612 -20.17 12.17 -15.83
C LEU A 612 -20.90 10.92 -16.32
N GLU A 613 -21.64 10.25 -15.43
CA GLU A 613 -22.41 9.09 -15.84
C GLU A 613 -23.42 9.47 -16.90
N ASN A 614 -24.13 10.59 -16.70
CA ASN A 614 -25.12 11.00 -17.67
C ASN A 614 -24.52 11.33 -19.02
N GLU A 615 -23.40 12.06 -19.04
CA GLU A 615 -22.78 12.37 -20.33
C GLU A 615 -22.21 11.14 -21.02
N HIS A 616 -21.63 10.20 -20.28
CA HIS A 616 -21.13 8.97 -20.89
C HIS A 616 -22.24 8.07 -21.41
N LEU A 617 -23.39 8.04 -20.74
CA LEU A 617 -24.47 7.17 -21.14
C LEU A 617 -25.36 7.74 -22.24
N ASN A 618 -25.58 9.06 -22.26
CA ASN A 618 -26.48 9.66 -23.23
C ASN A 618 -25.86 10.74 -24.11
N ASN A 619 -24.64 11.19 -23.81
CA ASN A 619 -24.00 12.29 -24.54
C ASN A 619 -24.88 13.52 -24.55
N CYS A 620 -25.34 13.91 -23.36
CA CYS A 620 -26.25 15.06 -23.24
C CYS A 620 -25.57 16.34 -23.69
N GLY A 621 -24.31 16.55 -23.31
CA GLY A 621 -23.62 17.78 -23.65
C GLY A 621 -23.28 17.91 -25.13
N GLU A 622 -23.31 16.80 -25.88
CA GLU A 622 -22.99 16.77 -27.31
C GLU A 622 -21.57 17.24 -27.59
N PHE A 623 -20.67 17.13 -26.61
CA PHE A 623 -19.29 17.53 -26.82
C PHE A 623 -18.59 16.63 -27.81
N ARG A 624 -18.83 15.32 -27.72
CA ARG A 624 -18.15 14.35 -28.57
C ARG A 624 -18.96 13.94 -29.79
N ALA A 625 -20.28 14.16 -29.77
CA ALA A 625 -21.16 13.82 -30.89
C ALA A 625 -21.03 12.35 -31.30
N MET B 1 -11.61 -23.75 4.94
CA MET B 1 -10.84 -23.25 3.82
C MET B 1 -10.17 -24.42 3.12
N LYS B 2 -9.78 -25.42 3.91
CA LYS B 2 -9.56 -26.81 3.49
C LYS B 2 -8.60 -26.97 2.32
N PHE B 3 -7.83 -25.93 1.97
CA PHE B 3 -6.90 -25.96 0.85
C PHE B 3 -7.66 -26.21 -0.46
N ALA B 4 -8.99 -26.16 -0.40
CA ALA B 4 -9.81 -26.58 -1.52
C ALA B 4 -9.93 -25.48 -2.58
N GLU B 5 -10.54 -24.35 -2.21
CA GLU B 5 -10.72 -23.25 -3.16
C GLU B 5 -9.46 -22.44 -3.37
N HIS B 6 -8.52 -22.48 -2.41
CA HIS B 6 -7.26 -21.77 -2.60
C HIS B 6 -6.28 -22.55 -3.47
N LEU B 7 -6.53 -23.84 -3.69
CA LEU B 7 -5.66 -24.63 -4.57
C LEU B 7 -5.65 -24.07 -5.98
N SER B 8 -6.83 -23.98 -6.59
CA SER B 8 -6.94 -23.45 -7.95
C SER B 8 -6.57 -21.98 -8.04
N ALA B 9 -6.49 -21.27 -6.91
CA ALA B 9 -6.11 -19.86 -6.94
C ALA B 9 -4.69 -19.70 -7.46
N HIS B 10 -3.75 -20.46 -6.93
CA HIS B 10 -2.37 -20.43 -7.42
C HIS B 10 -2.12 -21.50 -8.48
N ILE B 11 -2.99 -21.53 -9.49
CA ILE B 11 -2.83 -22.39 -10.65
C ILE B 11 -3.15 -21.58 -11.90
N THR B 12 -2.28 -21.66 -12.89
CA THR B 12 -2.49 -20.94 -14.13
C THR B 12 -3.72 -21.50 -14.84
N PRO B 13 -4.57 -20.65 -15.42
CA PRO B 13 -5.77 -21.15 -16.12
C PRO B 13 -5.46 -21.96 -17.36
N GLU B 14 -4.24 -21.89 -17.89
CA GLU B 14 -3.88 -22.68 -19.06
C GLU B 14 -3.97 -24.18 -18.78
N TRP B 15 -3.79 -24.58 -17.52
CA TRP B 15 -3.93 -25.96 -17.10
C TRP B 15 -5.14 -26.17 -16.20
N ARG B 16 -6.18 -25.35 -16.38
CA ARG B 16 -7.34 -25.40 -15.50
C ARG B 16 -8.07 -26.73 -15.60
N LYS B 17 -8.25 -27.24 -16.82
CA LYS B 17 -8.93 -28.51 -17.04
C LYS B 17 -8.05 -29.71 -16.71
N GLN B 18 -6.77 -29.47 -16.42
CA GLN B 18 -5.78 -30.53 -16.25
C GLN B 18 -5.46 -30.82 -14.79
N TYR B 19 -5.37 -29.78 -13.96
CA TYR B 19 -5.13 -29.98 -12.54
C TYR B 19 -6.29 -30.74 -11.89
N ILE B 20 -6.04 -31.25 -10.69
CA ILE B 20 -7.09 -31.89 -9.92
C ILE B 20 -8.20 -30.88 -9.65
N GLN B 21 -9.43 -31.26 -9.99
CA GLN B 21 -10.58 -30.38 -9.81
C GLN B 21 -11.15 -30.52 -8.40
N TYR B 22 -10.34 -30.08 -7.44
CA TYR B 22 -10.64 -30.28 -6.02
C TYR B 22 -12.02 -29.75 -5.66
N GLU B 23 -12.38 -28.57 -6.19
CA GLU B 23 -13.68 -27.98 -5.90
C GLU B 23 -14.83 -28.90 -6.30
N ALA B 24 -14.64 -29.67 -7.37
CA ALA B 24 -15.72 -30.54 -7.86
C ALA B 24 -15.93 -31.76 -6.96
N PHE B 25 -14.84 -32.40 -6.51
CA PHE B 25 -14.98 -33.66 -5.79
C PHE B 25 -15.43 -33.47 -4.35
N LYS B 26 -15.49 -32.23 -3.85
CA LYS B 26 -16.10 -32.00 -2.55
C LYS B 26 -17.63 -32.04 -2.63
N ASP B 27 -18.20 -31.58 -3.75
CA ASP B 27 -19.63 -31.34 -3.84
C ASP B 27 -20.44 -32.60 -3.57
N MET B 28 -20.07 -33.72 -4.21
CA MET B 28 -20.77 -34.95 -3.92
C MET B 28 -20.14 -35.73 -2.77
N LEU B 29 -19.07 -35.21 -2.17
CA LEU B 29 -18.61 -35.76 -0.89
C LEU B 29 -19.64 -35.51 0.21
N TYR B 30 -20.22 -34.31 0.23
CA TYR B 30 -21.30 -34.00 1.17
C TYR B 30 -22.66 -34.48 0.68
N SER B 31 -22.75 -35.06 -0.52
CA SER B 31 -24.02 -35.56 -1.02
C SER B 31 -24.53 -36.70 -0.14
N ALA B 32 -23.70 -37.71 0.11
CA ALA B 32 -24.11 -38.81 0.96
C ALA B 32 -24.29 -38.38 2.41
N GLN B 33 -23.49 -37.43 2.88
CA GLN B 33 -23.72 -36.85 4.20
C GLN B 33 -25.09 -36.18 4.29
N ASP B 34 -25.63 -35.71 3.16
CA ASP B 34 -26.99 -35.20 3.09
C ASP B 34 -27.98 -36.25 2.60
N GLN B 35 -27.52 -37.26 1.88
CA GLN B 35 -28.39 -38.34 1.40
C GLN B 35 -28.23 -39.59 2.25
N TYR B 50 -24.32 -49.62 -0.43
CA TYR B 50 -24.32 -48.23 -0.85
C TYR B 50 -23.15 -47.47 -0.23
N PHE B 51 -23.00 -47.58 1.09
CA PHE B 51 -21.90 -46.92 1.78
C PHE B 51 -20.55 -47.45 1.29
N ALA B 52 -20.43 -48.78 1.16
CA ALA B 52 -19.22 -49.34 0.59
C ALA B 52 -19.06 -48.94 -0.87
N LYS B 53 -20.16 -48.92 -1.63
CA LYS B 53 -20.09 -48.47 -3.01
C LYS B 53 -19.72 -46.99 -3.10
N PHE B 54 -20.26 -46.17 -2.20
CA PHE B 54 -19.97 -44.74 -2.19
C PHE B 54 -18.57 -44.45 -1.69
N GLU B 55 -17.97 -45.34 -0.90
CA GLU B 55 -16.60 -45.16 -0.42
C GLU B 55 -15.57 -45.69 -1.40
N GLU B 56 -15.93 -46.66 -2.25
CA GLU B 56 -15.02 -47.14 -3.27
C GLU B 56 -15.00 -46.26 -4.52
N LYS B 57 -16.10 -45.56 -4.80
CA LYS B 57 -16.18 -44.83 -6.06
C LYS B 57 -15.21 -43.66 -6.09
N PHE B 58 -14.97 -43.04 -4.93
CA PHE B 58 -13.98 -41.97 -4.84
C PHE B 58 -12.55 -42.46 -5.06
N PHE B 59 -12.19 -43.64 -4.54
CA PHE B 59 -10.88 -44.20 -4.83
C PHE B 59 -10.74 -44.51 -6.32
N GLN B 60 -11.82 -44.92 -6.98
CA GLN B 60 -11.80 -45.02 -8.43
C GLN B 60 -11.89 -43.65 -9.09
N THR B 61 -12.61 -42.71 -8.47
CA THR B 61 -12.60 -41.33 -8.95
C THR B 61 -11.20 -40.72 -8.83
N CYS B 62 -10.51 -40.97 -7.72
CA CYS B 62 -9.14 -40.48 -7.59
C CYS B 62 -8.20 -41.23 -8.52
N GLU B 63 -8.55 -42.45 -8.92
CA GLU B 63 -7.79 -43.13 -9.96
C GLU B 63 -7.96 -42.45 -11.31
N LYS B 64 -9.14 -41.89 -11.57
CA LYS B 64 -9.33 -41.10 -12.79
C LYS B 64 -8.40 -39.90 -12.79
N GLU B 65 -8.26 -39.23 -11.65
CA GLU B 65 -7.33 -38.13 -11.50
C GLU B 65 -5.88 -38.63 -11.40
N LEU B 66 -5.68 -39.87 -10.98
CA LEU B 66 -4.35 -40.44 -10.94
C LEU B 66 -3.76 -40.54 -12.35
N ALA B 67 -4.53 -41.11 -13.28
CA ALA B 67 -4.03 -41.28 -14.64
C ALA B 67 -3.99 -39.95 -15.38
N LYS B 68 -4.94 -39.06 -15.11
CA LYS B 68 -4.97 -37.77 -15.78
C LYS B 68 -3.70 -36.98 -15.52
N ILE B 69 -3.23 -36.99 -14.27
CA ILE B 69 -1.98 -36.30 -13.93
C ILE B 69 -0.77 -37.16 -14.28
N ASN B 70 -0.92 -38.49 -14.24
CA ASN B 70 0.18 -39.36 -14.65
C ASN B 70 0.50 -39.19 -16.13
N THR B 71 -0.53 -39.15 -16.98
CA THR B 71 -0.30 -39.01 -18.40
C THR B 71 0.25 -37.63 -18.76
N PHE B 72 -0.30 -36.58 -18.14
CA PHE B 72 0.13 -35.23 -18.48
C PHE B 72 1.56 -34.98 -18.03
N TYR B 73 1.89 -35.35 -16.78
CA TYR B 73 3.20 -35.04 -16.24
C TYR B 73 4.30 -35.73 -17.06
N SER B 74 4.13 -37.03 -17.32
CA SER B 74 5.14 -37.77 -18.08
C SER B 74 5.28 -37.19 -19.49
N GLU B 75 4.16 -36.86 -20.13
CA GLU B 75 4.22 -36.20 -21.42
C GLU B 75 4.89 -34.83 -21.30
N LYS B 76 4.53 -34.07 -20.27
CA LYS B 76 5.22 -32.80 -20.03
C LYS B 76 6.68 -33.02 -19.66
N LEU B 77 6.96 -34.00 -18.80
CA LEU B 77 8.34 -34.29 -18.44
C LEU B 77 9.15 -34.73 -19.66
N ALA B 78 8.58 -35.60 -20.50
CA ALA B 78 9.28 -36.07 -21.68
C ALA B 78 9.58 -34.92 -22.63
N GLU B 79 8.62 -34.03 -22.85
CA GLU B 79 8.87 -32.88 -23.71
C GLU B 79 9.67 -31.80 -23.00
N ALA B 80 9.77 -31.85 -21.67
CA ALA B 80 10.62 -30.90 -20.95
C ALA B 80 12.10 -31.26 -21.12
N GLN B 81 12.45 -32.52 -20.85
CA GLN B 81 13.83 -32.96 -21.06
C GLN B 81 14.21 -32.91 -22.53
N ARG B 82 13.24 -33.17 -23.42
CA ARG B 82 13.48 -32.94 -24.85
C ARG B 82 13.69 -31.46 -25.12
N ARG B 83 12.92 -30.59 -24.44
CA ARG B 83 13.21 -29.16 -24.52
C ARG B 83 14.51 -28.82 -23.80
N PHE B 84 14.89 -29.62 -22.80
CA PHE B 84 16.21 -29.44 -22.18
C PHE B 84 17.32 -29.72 -23.18
N ALA B 85 17.12 -30.71 -24.06
CA ALA B 85 17.99 -30.83 -25.22
C ALA B 85 17.85 -29.61 -26.12
N THR B 86 16.62 -29.15 -26.33
CA THR B 86 16.40 -28.02 -27.22
C THR B 86 16.98 -26.73 -26.65
N LEU B 87 16.79 -26.48 -25.37
CA LEU B 87 17.34 -25.30 -24.72
C LEU B 87 18.85 -25.40 -24.76
N GLN B 88 19.38 -26.60 -24.57
CA GLN B 88 20.82 -26.77 -24.71
C GLN B 88 21.14 -26.41 -26.14
N ASN B 89 20.42 -27.02 -27.08
CA ASN B 89 20.63 -26.74 -28.49
C ASN B 89 20.47 -25.25 -28.78
N GLU B 90 19.63 -24.58 -27.99
CA GLU B 90 19.42 -23.14 -28.15
C GLU B 90 20.60 -22.33 -27.62
N LEU B 91 21.16 -22.74 -26.48
CA LEU B 91 22.02 -21.83 -25.73
C LEU B 91 23.40 -21.72 -26.37
N GLN B 92 24.15 -22.83 -26.43
CA GLN B 92 25.52 -22.76 -26.91
C GLN B 92 25.57 -22.31 -28.37
N SER B 93 24.50 -22.59 -29.12
CA SER B 93 24.39 -22.06 -30.48
C SER B 93 24.41 -20.54 -30.48
N SER B 94 23.70 -19.93 -29.53
CA SER B 94 23.86 -18.49 -29.33
C SER B 94 25.29 -18.15 -28.92
N LEU B 95 25.87 -18.97 -28.03
CA LEU B 95 27.28 -18.81 -27.71
C LEU B 95 28.16 -19.07 -28.92
N ASP B 96 27.80 -20.06 -29.75
CA ASP B 96 28.47 -20.24 -31.02
C ASP B 96 28.25 -19.04 -31.93
N ALA B 97 27.03 -18.51 -31.95
CA ALA B 97 26.77 -17.27 -32.67
C ALA B 97 27.55 -16.11 -32.06
N GLN B 98 27.72 -16.13 -30.73
CA GLN B 98 28.57 -15.14 -30.08
C GLN B 98 30.02 -15.26 -30.54
N LYS B 99 30.50 -16.49 -30.69
CA LYS B 99 31.85 -16.73 -31.18
C LYS B 99 32.00 -16.28 -32.63
N HIS B 119 26.83 -4.08 -33.99
CA HIS B 119 25.38 -4.22 -34.01
C HIS B 119 24.97 -5.67 -34.22
N GLU B 120 25.79 -6.42 -34.96
CA GLU B 120 25.47 -7.82 -35.21
C GLU B 120 25.46 -8.62 -33.93
N GLU B 121 26.50 -8.46 -33.09
CA GLU B 121 26.50 -9.11 -31.79
C GLU B 121 25.56 -8.42 -30.81
N ARG B 122 25.31 -7.12 -31.01
CA ARG B 122 24.36 -6.41 -30.16
C ARG B 122 22.95 -6.98 -30.35
N VAL B 123 22.56 -7.25 -31.59
CA VAL B 123 21.31 -7.95 -31.84
C VAL B 123 21.39 -9.38 -31.31
N GLN B 124 22.58 -9.99 -31.41
CA GLN B 124 22.73 -11.38 -30.99
C GLN B 124 22.45 -11.54 -29.50
N HIS B 125 23.02 -10.67 -28.67
CA HIS B 125 22.72 -10.75 -27.25
C HIS B 125 21.31 -10.26 -26.94
N ARG B 126 20.75 -9.38 -27.78
CA ARG B 126 19.32 -9.11 -27.71
C ARG B 126 18.52 -10.35 -28.11
N ASN B 127 18.99 -11.08 -29.12
CA ASN B 127 18.41 -12.39 -29.42
C ASN B 127 18.67 -13.37 -28.29
N ILE B 128 19.84 -13.27 -27.65
CA ILE B 128 20.10 -14.06 -26.45
C ILE B 128 19.14 -13.68 -25.34
N LYS B 129 18.94 -12.38 -25.11
CA LYS B 129 18.01 -11.95 -24.08
C LYS B 129 16.57 -12.35 -24.44
N ASP B 130 16.28 -12.48 -25.74
CA ASP B 130 15.04 -13.13 -26.14
C ASP B 130 15.07 -14.62 -25.81
N LEU B 131 16.24 -15.26 -25.98
CA LEU B 131 16.39 -16.65 -25.58
C LEU B 131 16.40 -16.80 -24.07
N LYS B 132 17.04 -15.87 -23.34
CA LYS B 132 16.92 -15.87 -21.89
C LYS B 132 15.47 -15.77 -21.46
N LEU B 133 14.66 -15.01 -22.20
CA LEU B 133 13.22 -15.04 -21.99
C LEU B 133 12.66 -16.43 -22.28
N ALA B 134 13.05 -17.02 -23.42
CA ALA B 134 12.56 -18.35 -23.76
C ALA B 134 12.99 -19.38 -22.73
N PHE B 135 14.23 -19.28 -22.24
CA PHE B 135 14.65 -20.12 -21.13
C PHE B 135 13.84 -19.81 -19.87
N SER B 136 13.54 -18.54 -19.62
CA SER B 136 12.78 -18.17 -18.43
C SER B 136 11.32 -18.63 -18.54
N GLU B 137 10.69 -18.44 -19.70
CA GLU B 137 9.32 -18.93 -19.86
C GLU B 137 9.27 -20.45 -19.75
N PHE B 138 10.22 -21.16 -20.35
CA PHE B 138 10.30 -22.60 -20.11
C PHE B 138 10.61 -22.90 -18.66
N TYR B 139 11.50 -22.11 -18.04
CA TYR B 139 11.72 -22.24 -16.61
C TYR B 139 10.43 -21.97 -15.86
N LEU B 140 9.68 -20.93 -16.27
CA LEU B 140 8.35 -20.73 -15.74
C LEU B 140 7.42 -21.89 -16.11
N SER B 141 7.54 -22.37 -17.36
CA SER B 141 6.77 -23.56 -17.75
C SER B 141 7.21 -24.77 -16.95
N LEU B 142 8.52 -24.91 -16.69
CA LEU B 142 8.99 -25.93 -15.77
C LEU B 142 8.47 -25.68 -14.36
N ILE B 143 8.43 -24.41 -13.94
CA ILE B 143 7.94 -24.08 -12.61
C ILE B 143 6.54 -24.65 -12.41
N LEU B 144 5.69 -24.51 -13.43
CA LEU B 144 4.33 -25.03 -13.35
C LEU B 144 4.30 -26.53 -13.19
N LEU B 145 5.37 -27.23 -13.58
CA LEU B 145 5.31 -28.68 -13.66
C LEU B 145 5.30 -29.33 -12.28
N GLN B 146 6.21 -28.93 -11.38
CA GLN B 146 6.17 -29.57 -10.06
C GLN B 146 4.98 -29.06 -9.25
N ASN B 147 4.51 -27.84 -9.53
CA ASN B 147 3.23 -27.43 -8.97
C ASN B 147 2.12 -28.34 -9.48
N TYR B 148 2.17 -28.71 -10.75
CA TYR B 148 1.26 -29.73 -11.25
C TYR B 148 1.48 -31.06 -10.55
N GLN B 149 2.64 -31.26 -9.93
CA GLN B 149 2.89 -32.39 -9.06
C GLN B 149 2.55 -32.10 -7.60
N ASN B 150 3.24 -31.14 -6.98
CA ASN B 150 3.12 -30.96 -5.54
C ASN B 150 1.73 -30.47 -5.14
N LEU B 151 1.18 -29.49 -5.86
CA LEU B 151 -0.16 -29.02 -5.56
C LEU B 151 -1.17 -30.14 -5.72
N ASN B 152 -1.04 -30.93 -6.79
CA ASN B 152 -1.82 -32.15 -6.91
C ASN B 152 -1.45 -33.14 -5.81
N PHE B 153 -0.15 -33.32 -5.56
CA PHE B 153 0.30 -34.26 -4.53
C PHE B 153 -0.23 -33.87 -3.16
N THR B 154 -0.23 -32.57 -2.87
CA THR B 154 -0.98 -32.10 -1.71
C THR B 154 -2.48 -32.14 -1.95
N GLY B 155 -2.93 -31.95 -3.19
CA GLY B 155 -4.36 -31.95 -3.46
C GLY B 155 -4.99 -33.31 -3.23
N PHE B 156 -4.26 -34.39 -3.53
CA PHE B 156 -4.80 -35.72 -3.25
C PHE B 156 -5.04 -35.91 -1.76
N ARG B 157 -3.98 -35.82 -0.96
CA ARG B 157 -4.08 -36.20 0.45
C ARG B 157 -5.21 -35.46 1.15
N LYS B 158 -5.48 -34.22 0.74
CA LYS B 158 -6.55 -33.45 1.37
C LYS B 158 -7.91 -34.11 1.14
N ILE B 159 -8.17 -34.55 -0.09
CA ILE B 159 -9.44 -35.22 -0.38
C ILE B 159 -9.48 -36.64 0.16
N LEU B 160 -8.33 -37.25 0.45
CA LEU B 160 -8.34 -38.59 1.02
C LEU B 160 -8.51 -38.60 2.53
N LYS B 161 -7.92 -37.65 3.26
CA LYS B 161 -8.36 -37.56 4.65
C LYS B 161 -9.78 -37.00 4.74
N LYS B 162 -10.14 -36.06 3.88
CA LYS B 162 -11.50 -35.55 3.90
C LYS B 162 -12.49 -36.70 3.72
N HIS B 163 -12.20 -37.60 2.79
CA HIS B 163 -12.97 -38.84 2.68
C HIS B 163 -12.79 -39.69 3.93
N ASP B 164 -11.67 -39.51 4.64
CA ASP B 164 -11.36 -40.39 5.77
C ASP B 164 -12.16 -40.07 7.03
N LYS B 165 -12.54 -38.82 7.28
CA LYS B 165 -13.54 -38.62 8.33
C LYS B 165 -14.97 -38.50 7.80
N ILE B 166 -15.15 -38.14 6.54
CA ILE B 166 -16.52 -38.05 6.00
C ILE B 166 -17.19 -39.42 6.04
N LEU B 167 -16.44 -40.47 5.71
CA LEU B 167 -16.94 -41.84 5.72
C LEU B 167 -16.27 -42.69 6.79
N GLU B 168 -15.45 -42.08 7.65
CA GLU B 168 -14.79 -42.77 8.76
C GLU B 168 -14.08 -44.03 8.29
N THR B 169 -13.07 -43.84 7.44
CA THR B 169 -12.32 -44.93 6.85
C THR B 169 -10.82 -44.65 6.95
N SER B 170 -10.03 -45.72 6.92
CA SER B 170 -8.58 -45.62 6.90
C SER B 170 -7.99 -46.07 5.56
N ARG B 171 -8.82 -46.55 4.63
CA ARG B 171 -8.33 -46.94 3.32
C ARG B 171 -7.78 -45.75 2.54
N GLY B 172 -8.38 -44.57 2.71
CA GLY B 172 -7.84 -43.37 2.09
C GLY B 172 -6.45 -43.05 2.57
N ALA B 173 -6.21 -43.20 3.88
CA ALA B 173 -4.86 -43.04 4.41
C ALA B 173 -3.90 -44.07 3.81
N ASP B 174 -4.41 -45.24 3.42
CA ASP B 174 -3.61 -46.21 2.69
C ASP B 174 -3.69 -46.02 1.18
N TRP B 175 -4.75 -45.38 0.67
CA TRP B 175 -4.84 -45.12 -0.77
C TRP B 175 -3.75 -44.16 -1.21
N ARG B 176 -3.45 -43.14 -0.39
CA ARG B 176 -2.28 -42.33 -0.66
C ARG B 176 -1.00 -43.14 -0.61
N VAL B 177 -0.97 -44.20 0.19
CA VAL B 177 0.18 -45.10 0.22
C VAL B 177 0.10 -46.14 -0.89
N ALA B 178 -1.10 -46.64 -1.21
CA ALA B 178 -1.27 -47.64 -2.24
C ALA B 178 -1.31 -47.09 -3.65
N HIS B 179 -1.75 -45.84 -3.84
CA HIS B 179 -1.77 -45.25 -5.17
C HIS B 179 -0.88 -44.02 -5.28
N VAL B 180 -1.08 -43.03 -4.41
CA VAL B 180 -0.39 -41.75 -4.55
C VAL B 180 1.11 -41.91 -4.31
N GLU B 181 1.47 -42.62 -3.23
CA GLU B 181 2.89 -42.78 -2.91
C GLU B 181 3.62 -43.63 -3.94
N VAL B 182 2.89 -44.38 -4.77
CA VAL B 182 3.51 -45.20 -5.81
C VAL B 182 3.14 -44.74 -7.21
N ALA B 183 2.36 -43.66 -7.34
CA ALA B 183 1.92 -43.23 -8.65
C ALA B 183 3.10 -42.68 -9.45
N PRO B 184 3.09 -42.83 -10.77
CA PRO B 184 4.21 -42.30 -11.58
C PRO B 184 4.41 -40.80 -11.46
N PHE B 185 3.36 -40.02 -11.23
CA PHE B 185 3.53 -38.57 -11.18
C PHE B 185 4.25 -38.09 -9.92
N TYR B 186 4.40 -38.95 -8.91
CA TYR B 186 5.04 -38.57 -7.66
C TYR B 186 6.38 -39.28 -7.46
N THR B 187 6.44 -40.59 -7.74
CA THR B 187 7.66 -41.34 -7.49
C THR B 187 8.83 -40.83 -8.33
N CYS B 188 8.58 -40.50 -9.59
CA CYS B 188 9.64 -40.04 -10.48
C CYS B 188 9.91 -38.57 -10.21
N LYS B 189 11.12 -38.26 -9.72
CA LYS B 189 11.51 -36.91 -9.35
C LYS B 189 12.39 -36.23 -10.41
N LYS B 190 12.20 -36.57 -11.69
CA LYS B 190 13.03 -35.99 -12.73
C LYS B 190 12.78 -34.50 -12.90
N ILE B 191 11.56 -34.04 -12.59
CA ILE B 191 11.26 -32.61 -12.73
C ILE B 191 12.04 -31.80 -11.71
N ASN B 192 12.30 -32.35 -10.53
CA ASN B 192 13.06 -31.63 -9.51
C ASN B 192 14.49 -31.38 -9.97
N GLN B 193 15.12 -32.37 -10.61
CA GLN B 193 16.48 -32.22 -11.09
C GLN B 193 16.57 -31.42 -12.38
N LEU B 194 15.44 -31.13 -13.03
CA LEU B 194 15.46 -30.40 -14.29
C LEU B 194 15.85 -28.94 -14.07
N ILE B 195 15.08 -28.22 -13.24
CA ILE B 195 15.39 -26.83 -12.94
C ILE B 195 16.76 -26.73 -12.27
N SER B 196 17.18 -27.79 -11.57
CA SER B 196 18.54 -27.83 -11.03
C SER B 196 19.57 -27.63 -12.13
N GLU B 197 19.30 -28.16 -13.33
CA GLU B 197 20.16 -27.86 -14.47
C GLU B 197 19.92 -26.45 -14.98
N THR B 198 18.65 -26.00 -14.98
CA THR B 198 18.33 -24.67 -15.48
C THR B 198 18.98 -23.59 -14.62
N GLU B 199 18.91 -23.73 -13.30
CA GLU B 199 19.56 -22.77 -12.42
C GLU B 199 21.07 -22.78 -12.60
N ALA B 200 21.65 -23.97 -12.79
CA ALA B 200 23.08 -24.08 -13.02
C ALA B 200 23.49 -23.42 -14.33
N VAL B 201 22.76 -23.70 -15.41
CA VAL B 201 23.14 -23.18 -16.72
C VAL B 201 22.93 -21.67 -16.77
N VAL B 202 21.96 -21.15 -16.00
CA VAL B 202 21.78 -19.71 -15.91
C VAL B 202 23.00 -19.06 -15.29
N THR B 203 23.55 -19.66 -14.24
CA THR B 203 24.73 -19.14 -13.56
C THR B 203 26.04 -19.51 -14.25
N ASN B 204 25.97 -20.31 -15.32
CA ASN B 204 27.17 -20.70 -16.06
C ASN B 204 27.23 -20.04 -17.43
N GLU B 205 26.18 -20.19 -18.25
CA GLU B 205 26.18 -19.65 -19.61
C GLU B 205 25.42 -18.34 -19.70
N LEU B 206 24.19 -18.29 -19.16
CA LEU B 206 23.41 -17.06 -19.23
C LEU B 206 24.06 -15.93 -18.44
N GLU B 207 24.50 -16.23 -17.23
CA GLU B 207 25.17 -15.23 -16.39
C GLU B 207 26.51 -15.75 -15.87
N GLN B 227 3.73 -12.90 -4.58
CA GLN B 227 2.73 -11.91 -4.95
C GLN B 227 2.75 -10.74 -3.95
N PRO B 228 2.54 -9.53 -4.44
CA PRO B 228 2.55 -8.36 -3.57
C PRO B 228 1.41 -8.43 -2.55
N ALA B 229 1.65 -7.85 -1.38
CA ALA B 229 0.64 -7.85 -0.33
C ALA B 229 -0.57 -7.03 -0.78
N PRO B 230 -1.76 -7.36 -0.27
CA PRO B 230 -2.96 -6.61 -0.68
C PRO B 230 -2.83 -5.13 -0.34
N ALA B 231 -3.40 -4.28 -1.20
CA ALA B 231 -3.24 -2.84 -1.05
C ALA B 231 -3.71 -2.36 0.31
N TRP B 232 -4.74 -2.99 0.88
CA TRP B 232 -5.20 -2.60 2.20
C TRP B 232 -4.15 -2.86 3.27
N THR B 233 -3.44 -4.00 3.17
CA THR B 233 -2.42 -4.31 4.16
C THR B 233 -1.21 -3.39 4.05
N THR B 234 -0.96 -2.84 2.86
CA THR B 234 0.10 -1.86 2.72
C THR B 234 -0.32 -0.51 3.26
N PHE B 235 -1.60 -0.13 3.06
CA PHE B 235 -2.09 1.14 3.58
C PHE B 235 -2.06 1.17 5.10
N ARG B 236 -2.53 0.10 5.74
CA ARG B 236 -2.60 0.09 7.19
C ARG B 236 -1.22 0.22 7.82
N VAL B 237 -0.17 -0.24 7.13
CA VAL B 237 1.17 -0.02 7.62
C VAL B 237 1.49 1.47 7.68
N GLY B 238 1.09 2.22 6.65
CA GLY B 238 1.34 3.65 6.66
C GLY B 238 0.58 4.37 7.75
N LEU B 239 -0.68 3.99 7.98
CA LEU B 239 -1.48 4.64 9.02
C LEU B 239 -0.86 4.41 10.39
N PHE B 240 -0.40 3.19 10.66
CA PHE B 240 0.24 2.89 11.93
C PHE B 240 1.68 3.36 11.99
N CYS B 241 2.28 3.70 10.84
CA CYS B 241 3.61 4.29 10.84
C CYS B 241 3.56 5.80 11.02
N GLY B 242 2.39 6.41 10.84
CA GLY B 242 2.26 7.86 10.97
C GLY B 242 1.84 8.30 12.35
N ILE B 243 0.89 7.58 12.94
CA ILE B 243 0.47 7.89 14.30
C ILE B 243 1.62 7.67 15.27
N PHE B 244 2.51 6.73 14.97
CA PHE B 244 3.66 6.48 15.85
C PHE B 244 4.72 7.57 15.74
N ILE B 245 4.84 8.22 14.59
CA ILE B 245 5.91 9.20 14.41
C ILE B 245 5.61 10.48 15.18
N VAL B 246 4.40 11.03 15.03
CA VAL B 246 4.09 12.29 15.69
C VAL B 246 3.95 12.10 17.19
N LEU B 247 3.35 10.98 17.62
CA LEU B 247 3.14 10.75 19.04
C LEU B 247 4.45 10.73 19.81
N ASN B 248 5.54 10.28 19.18
CA ASN B 248 6.84 10.31 19.84
C ASN B 248 7.29 11.74 20.10
N ILE B 249 7.05 12.64 19.14
CA ILE B 249 7.54 14.01 19.26
C ILE B 249 6.85 14.72 20.42
N THR B 250 5.55 14.49 20.59
CA THR B 250 4.86 15.06 21.75
C THR B 250 5.38 14.48 23.05
N LEU B 251 5.80 13.21 23.04
CA LEU B 251 6.37 12.61 24.23
C LEU B 251 7.69 13.30 24.62
N VAL B 252 8.52 13.61 23.63
CA VAL B 252 9.76 14.33 23.91
C VAL B 252 9.48 15.69 24.50
N LEU B 253 8.51 16.41 23.91
CA LEU B 253 8.19 17.75 24.39
C LEU B 253 7.53 17.71 25.76
N ALA B 254 6.65 16.74 25.99
CA ALA B 254 5.93 16.64 27.25
C ALA B 254 6.89 16.40 28.42
N ALA B 255 7.91 15.58 28.19
CA ALA B 255 8.90 15.33 29.23
C ALA B 255 9.72 16.58 29.53
N VAL B 256 10.22 17.25 28.50
CA VAL B 256 11.09 18.39 28.70
C VAL B 256 10.32 19.59 29.23
N PHE B 257 9.13 19.86 28.68
CA PHE B 257 8.40 21.08 28.98
C PHE B 257 7.32 20.88 30.04
N LYS B 258 6.37 19.98 29.78
CA LYS B 258 5.20 19.87 30.65
C LYS B 258 5.53 19.13 31.93
N LEU B 259 5.93 17.87 31.82
CA LEU B 259 6.20 17.07 33.00
C LEU B 259 7.40 17.60 33.77
N GLU B 260 7.29 17.62 35.09
CA GLU B 260 8.37 18.08 35.95
C GLU B 260 9.39 16.98 36.15
N THR B 261 10.66 17.37 36.30
CA THR B 261 11.75 16.41 36.43
C THR B 261 12.40 16.43 37.81
N ASP B 262 11.87 17.20 38.77
CA ASP B 262 12.45 17.19 40.10
C ASP B 262 12.29 15.84 40.77
N ARG B 263 11.10 15.23 40.65
CA ARG B 263 10.89 13.91 41.20
C ARG B 263 11.69 12.87 40.40
N SER B 264 12.06 11.79 41.08
CA SER B 264 12.83 10.73 40.44
C SER B 264 11.96 10.01 39.41
N ILE B 265 12.43 9.95 38.17
CA ILE B 265 11.75 9.22 37.12
C ILE B 265 12.38 7.87 36.84
N TRP B 266 13.36 7.45 37.65
CA TRP B 266 14.05 6.19 37.47
C TRP B 266 13.10 5.01 37.44
N PRO B 267 12.13 4.89 38.38
CA PRO B 267 11.19 3.77 38.28
C PRO B 267 10.37 3.77 37.00
N LEU B 268 10.04 4.93 36.46
CA LEU B 268 9.25 4.98 35.24
C LEU B 268 10.01 4.41 34.05
N ILE B 269 11.29 4.78 33.91
CA ILE B 269 12.09 4.29 32.79
C ILE B 269 12.30 2.80 32.89
N ARG B 270 12.69 2.30 34.07
CA ARG B 270 12.97 0.88 34.23
C ARG B 270 11.71 0.02 34.10
N ILE B 271 10.52 0.63 34.17
CA ILE B 271 9.29 -0.12 33.94
C ILE B 271 8.93 -0.16 32.47
N TYR B 272 9.04 0.97 31.78
CA TYR B 272 8.65 1.07 30.38
C TYR B 272 9.74 0.64 29.42
N ARG B 273 10.96 0.40 29.91
CA ARG B 273 12.02 -0.09 29.04
C ARG B 273 11.73 -1.48 28.49
N GLY B 274 10.93 -2.27 29.20
CA GLY B 274 10.60 -3.60 28.71
C GLY B 274 9.79 -3.56 27.43
N GLY B 275 8.85 -2.62 27.34
CA GLY B 275 8.01 -2.54 26.16
C GLY B 275 8.78 -2.13 24.91
N PHE B 276 9.73 -1.21 25.06
CA PHE B 276 10.44 -0.69 23.91
C PHE B 276 11.27 -1.76 23.22
N LEU B 277 11.91 -2.64 24.01
CA LEU B 277 12.78 -3.64 23.41
C LEU B 277 11.99 -4.63 22.56
N LEU B 278 10.78 -4.99 23.00
CA LEU B 278 9.94 -5.87 22.20
C LEU B 278 9.53 -5.21 20.89
N ILE B 279 9.14 -3.93 20.94
CA ILE B 279 8.71 -3.24 19.73
C ILE B 279 9.87 -3.07 18.76
N GLU B 280 11.07 -2.84 19.29
CA GLU B 280 12.25 -2.77 18.44
C GLU B 280 12.49 -4.11 17.76
N PHE B 281 12.30 -5.21 18.49
CA PHE B 281 12.61 -6.53 17.93
C PHE B 281 11.65 -6.88 16.80
N LEU B 282 10.35 -6.68 17.01
CA LEU B 282 9.38 -7.05 15.99
C LEU B 282 9.57 -6.26 14.70
N PHE B 283 9.80 -4.95 14.83
CA PHE B 283 10.08 -4.15 13.64
C PHE B 283 11.38 -4.57 12.97
N LEU B 284 12.42 -4.85 13.76
CA LEU B 284 13.69 -5.26 13.18
C LEU B 284 13.61 -6.63 12.55
N LEU B 285 12.73 -7.50 13.08
CA LEU B 285 12.52 -8.80 12.45
C LEU B 285 11.74 -8.66 11.15
N GLY B 286 10.94 -7.61 11.02
CA GLY B 286 10.25 -7.37 9.76
C GLY B 286 11.20 -7.11 8.61
N ILE B 287 12.28 -6.37 8.89
CA ILE B 287 13.31 -6.17 7.87
C ILE B 287 13.97 -7.51 7.52
N ASN B 288 14.12 -8.38 8.51
CA ASN B 288 14.82 -9.65 8.29
C ASN B 288 14.06 -10.53 7.29
N THR B 289 12.74 -10.68 7.48
CA THR B 289 11.95 -11.50 6.59
C THR B 289 11.94 -10.95 5.17
N TYR B 290 12.13 -9.65 4.99
CA TYR B 290 12.33 -9.10 3.66
C TYR B 290 13.71 -9.42 3.10
N GLY B 291 14.74 -9.41 3.93
CA GLY B 291 16.07 -9.70 3.45
C GLY B 291 16.24 -11.13 2.97
N TRP B 292 15.68 -12.08 3.72
CA TRP B 292 15.78 -13.49 3.33
C TRP B 292 15.07 -13.74 2.00
N ARG B 293 13.84 -13.26 1.88
CA ARG B 293 13.05 -13.52 0.67
C ARG B 293 13.71 -12.88 -0.55
N GLN B 294 14.21 -11.66 -0.42
CA GLN B 294 14.85 -10.99 -1.55
C GLN B 294 16.15 -11.66 -1.94
N ALA B 295 16.95 -12.07 -0.95
CA ALA B 295 18.24 -12.69 -1.26
C ALA B 295 18.05 -14.03 -1.98
N GLY B 296 17.09 -14.82 -1.55
CA GLY B 296 16.82 -16.09 -2.20
C GLY B 296 16.84 -17.27 -1.26
N VAL B 297 17.34 -17.07 -0.03
CA VAL B 297 17.36 -18.16 0.93
C VAL B 297 15.94 -18.57 1.28
N ASN B 298 15.67 -19.87 1.16
CA ASN B 298 14.31 -20.40 1.30
C ASN B 298 14.03 -20.61 2.79
N HIS B 299 13.70 -19.52 3.48
CA HIS B 299 13.37 -19.61 4.89
C HIS B 299 12.09 -20.38 5.14
N VAL B 300 11.28 -20.60 4.10
CA VAL B 300 10.08 -21.40 4.24
C VAL B 300 10.44 -22.84 4.56
N LEU B 301 11.62 -23.29 4.11
CA LEU B 301 12.03 -24.69 4.30
C LEU B 301 12.81 -24.88 5.58
N ILE B 302 13.81 -24.03 5.83
CA ILE B 302 14.66 -24.20 7.01
C ILE B 302 13.84 -24.09 8.29
N PHE B 303 12.93 -23.12 8.34
CA PHE B 303 12.08 -22.94 9.51
C PHE B 303 11.05 -24.05 9.66
N GLU B 304 10.90 -24.91 8.66
CA GLU B 304 9.81 -25.90 8.61
C GLU B 304 8.46 -25.20 8.71
N LEU B 305 8.38 -24.00 8.12
CA LEU B 305 7.16 -23.22 8.14
C LEU B 305 6.10 -23.85 7.25
N ASN B 306 4.87 -23.41 7.42
CA ASN B 306 3.78 -23.89 6.57
C ASN B 306 4.09 -23.52 5.13
N PRO B 307 4.10 -24.47 4.20
CA PRO B 307 4.54 -24.17 2.83
C PRO B 307 3.66 -23.18 2.11
N ARG B 308 2.39 -23.05 2.50
CA ARG B 308 1.43 -22.21 1.78
C ARG B 308 1.26 -20.87 2.47
N SER B 309 1.01 -20.87 3.78
CA SER B 309 0.66 -19.66 4.51
C SER B 309 1.84 -19.21 5.34
N ASN B 310 2.23 -17.95 5.18
CA ASN B 310 3.37 -17.38 5.90
C ASN B 310 3.18 -15.88 5.98
N LEU B 311 3.88 -15.26 6.92
CA LEU B 311 3.79 -13.83 7.15
C LEU B 311 4.86 -13.12 6.33
N SER B 312 4.43 -12.35 5.33
CA SER B 312 5.36 -11.52 4.58
C SER B 312 5.84 -10.36 5.46
N HIS B 313 6.84 -9.64 4.96
CA HIS B 313 7.46 -8.59 5.77
C HIS B 313 6.48 -7.46 6.04
N GLN B 314 5.50 -7.26 5.17
CA GLN B 314 4.51 -6.20 5.41
C GLN B 314 3.68 -6.51 6.65
N HIS B 315 3.36 -7.79 6.87
CA HIS B 315 2.52 -8.17 7.99
C HIS B 315 3.22 -7.90 9.32
N LEU B 316 4.53 -8.10 9.36
CA LEU B 316 5.26 -7.89 10.60
C LEU B 316 5.27 -6.42 11.00
N PHE B 317 5.43 -5.52 10.03
CA PHE B 317 5.46 -4.10 10.33
C PHE B 317 4.13 -3.59 10.88
N GLU B 318 3.02 -4.26 10.57
CA GLU B 318 1.73 -3.84 11.11
C GLU B 318 1.59 -4.18 12.59
N ILE B 319 2.02 -5.37 13.00
CA ILE B 319 1.97 -5.73 14.41
C ILE B 319 2.93 -4.88 15.21
N ALA B 320 4.10 -4.58 14.64
CA ALA B 320 5.05 -3.69 15.30
C ALA B 320 4.48 -2.28 15.43
N GLY B 321 3.81 -1.79 14.39
CA GLY B 321 3.25 -0.44 14.45
C GLY B 321 2.14 -0.32 15.47
N PHE B 322 1.23 -1.30 15.50
CA PHE B 322 0.06 -1.19 16.37
C PHE B 322 0.47 -1.15 17.84
N LEU B 323 1.41 -2.00 18.24
CA LEU B 323 1.90 -1.96 19.62
C LEU B 323 2.66 -0.67 19.89
N GLY B 324 3.23 -0.06 18.86
CA GLY B 324 3.93 1.20 19.05
C GLY B 324 3.00 2.31 19.50
N ILE B 325 1.79 2.34 18.95
CA ILE B 325 0.81 3.33 19.37
C ILE B 325 0.43 3.12 20.82
N LEU B 326 0.13 1.88 21.20
CA LEU B 326 -0.34 1.60 22.55
C LEU B 326 0.73 1.90 23.59
N TRP B 327 1.98 1.56 23.30
CA TRP B 327 3.06 1.89 24.22
C TRP B 327 3.23 3.39 24.35
N CYS B 328 3.22 4.10 23.22
CA CYS B 328 3.40 5.55 23.26
C CYS B 328 2.21 6.23 23.95
N LEU B 329 0.99 5.76 23.69
CA LEU B 329 -0.18 6.35 24.34
C LEU B 329 -0.13 6.17 25.84
N SER B 330 0.25 4.97 26.30
CA SER B 330 0.31 4.72 27.74
C SER B 330 1.35 5.60 28.41
N LEU B 331 2.53 5.72 27.79
CA LEU B 331 3.58 6.57 28.36
C LEU B 331 3.14 8.03 28.38
N LEU B 332 2.53 8.50 27.30
CA LEU B 332 2.09 9.90 27.24
C LEU B 332 0.99 10.18 28.26
N ALA B 333 0.05 9.25 28.44
CA ALA B 333 -1.02 9.45 29.41
C ALA B 333 -0.50 9.53 30.84
N CYS B 334 0.47 8.70 31.19
CA CYS B 334 1.04 8.73 32.54
C CYS B 334 1.65 10.08 32.88
N PHE B 335 2.10 10.83 31.87
CA PHE B 335 2.69 12.13 32.12
C PHE B 335 1.62 13.14 32.53
N PHE B 336 0.66 13.39 31.65
CA PHE B 336 -0.37 14.40 31.93
C PHE B 336 -1.36 13.94 32.99
N ALA B 337 -1.70 12.65 33.01
CA ALA B 337 -2.73 12.11 33.88
C ALA B 337 -4.05 12.87 33.72
N PRO B 338 -4.68 12.79 32.55
CA PRO B 338 -5.89 13.60 32.31
C PRO B 338 -7.05 13.25 33.23
N ILE B 339 -7.17 11.99 33.65
CA ILE B 339 -8.35 11.57 34.40
C ILE B 339 -8.39 12.25 35.76
N SER B 340 -7.23 12.42 36.39
CA SER B 340 -7.03 13.10 37.68
C SER B 340 -7.62 12.36 38.86
N VAL B 341 -8.31 11.24 38.64
CA VAL B 341 -8.79 10.37 39.71
C VAL B 341 -8.26 8.95 39.57
N ILE B 342 -8.25 8.42 38.35
CA ILE B 342 -7.64 7.12 38.09
C ILE B 342 -6.14 7.20 38.37
N PRO B 343 -5.57 6.30 39.17
CA PRO B 343 -4.16 6.42 39.52
C PRO B 343 -3.27 6.11 38.32
N THR B 344 -2.06 6.67 38.36
CA THR B 344 -1.14 6.53 37.23
C THR B 344 -0.56 5.14 37.11
N TYR B 345 -0.56 4.34 38.18
CA TYR B 345 0.07 3.04 38.12
C TYR B 345 -0.77 2.00 37.40
N VAL B 346 -2.04 2.29 37.11
CA VAL B 346 -2.87 1.29 36.45
C VAL B 346 -2.58 1.22 34.95
N TYR B 347 -2.02 2.28 34.38
CA TYR B 347 -1.73 2.28 32.95
C TYR B 347 -0.73 1.21 32.52
N PRO B 348 0.38 0.97 33.21
CA PRO B 348 1.31 -0.07 32.75
C PRO B 348 0.69 -1.45 32.60
N LEU B 349 -0.22 -1.85 33.50
CA LEU B 349 -0.85 -3.16 33.33
C LEU B 349 -1.77 -3.17 32.12
N ALA B 350 -2.38 -2.03 31.79
CA ALA B 350 -3.23 -1.98 30.61
C ALA B 350 -2.43 -2.26 29.34
N LEU B 351 -1.19 -1.75 29.27
CA LEU B 351 -0.36 -1.97 28.10
C LEU B 351 0.13 -3.41 28.03
N TYR B 352 0.80 -3.88 29.08
CA TYR B 352 1.32 -5.24 29.10
C TYR B 352 0.20 -6.27 29.11
N GLY B 353 -0.90 -5.99 29.81
CA GLY B 353 -2.02 -6.91 29.79
C GLY B 353 -2.63 -7.07 28.42
N PHE B 354 -2.68 -5.97 27.66
CA PHE B 354 -3.28 -6.03 26.32
C PHE B 354 -2.47 -6.93 25.39
N MET B 355 -1.14 -6.82 25.44
CA MET B 355 -0.31 -7.70 24.61
C MET B 355 -0.52 -9.16 24.97
N VAL B 356 -0.59 -9.46 26.27
CA VAL B 356 -0.79 -10.84 26.70
C VAL B 356 -2.11 -11.38 26.18
N PHE B 357 -3.18 -10.58 26.31
CA PHE B 357 -4.47 -10.99 25.77
C PHE B 357 -4.43 -11.07 24.25
N PHE B 358 -3.58 -10.26 23.61
CA PHE B 358 -3.42 -10.35 22.16
C PHE B 358 -2.83 -11.69 21.76
N LEU B 359 -1.85 -12.18 22.53
CA LEU B 359 -1.12 -13.38 22.15
C LEU B 359 -1.95 -14.65 22.35
N ILE B 360 -2.69 -14.73 23.46
CA ILE B 360 -3.27 -15.99 23.90
C ILE B 360 -4.75 -16.08 23.53
N ASN B 361 -5.19 -15.27 22.58
CA ASN B 361 -6.61 -15.21 22.22
C ASN B 361 -7.13 -16.43 21.47
N PRO B 362 -8.13 -17.11 22.05
CA PRO B 362 -8.74 -18.26 21.35
C PRO B 362 -9.42 -17.82 20.07
N THR B 363 -10.09 -16.66 20.09
CA THR B 363 -10.79 -16.16 18.91
C THR B 363 -10.01 -16.35 17.63
N LYS B 364 -10.66 -16.93 16.62
CA LYS B 364 -9.98 -17.19 15.36
C LYS B 364 -9.91 -15.95 14.47
N THR B 365 -9.43 -14.85 15.04
CA THR B 365 -9.26 -13.60 14.32
C THR B 365 -7.94 -12.95 14.76
N PHE B 366 -7.55 -11.91 14.05
CA PHE B 366 -6.37 -11.09 14.37
C PHE B 366 -5.10 -11.96 14.40
N TYR B 367 -4.75 -12.46 13.22
CA TYR B 367 -3.58 -13.31 13.03
C TYR B 367 -3.65 -14.57 13.87
N TYR B 368 -4.83 -15.19 13.90
CA TYR B 368 -5.03 -16.38 14.73
C TYR B 368 -4.18 -17.54 14.23
N LYS B 369 -4.05 -17.71 12.92
CA LYS B 369 -3.33 -18.85 12.37
C LYS B 369 -1.87 -18.85 12.81
N SER B 370 -1.22 -17.69 12.76
CA SER B 370 0.19 -17.62 13.09
C SER B 370 0.45 -17.51 14.58
N ARG B 371 -0.57 -17.18 15.37
CA ARG B 371 -0.33 -16.98 16.80
C ARG B 371 -0.17 -18.30 17.54
N PHE B 372 -0.91 -19.34 17.14
CA PHE B 372 -0.70 -20.65 17.77
C PHE B 372 0.67 -21.22 17.44
N TRP B 373 1.18 -20.96 16.24
CA TRP B 373 2.50 -21.49 15.87
C TRP B 373 3.57 -20.97 16.82
N LEU B 374 3.49 -19.68 17.18
CA LEU B 374 4.41 -19.16 18.20
C LEU B 374 4.14 -19.81 19.55
N LEU B 375 2.87 -19.97 19.91
CA LEU B 375 2.54 -20.55 21.21
C LEU B 375 3.05 -21.98 21.34
N LYS B 376 2.89 -22.78 20.28
CA LYS B 376 3.43 -24.13 20.30
C LYS B 376 4.94 -24.13 20.40
N LEU B 377 5.59 -23.23 19.65
CA LEU B 377 7.05 -23.16 19.70
C LEU B 377 7.54 -22.65 21.06
N LEU B 378 6.84 -21.67 21.62
CA LEU B 378 7.27 -21.11 22.90
C LEU B 378 7.22 -22.15 24.01
N PHE B 379 6.15 -22.94 24.05
CA PHE B 379 6.04 -23.98 25.08
C PHE B 379 7.08 -25.07 24.88
N ARG B 380 7.31 -25.48 23.63
CA ARG B 380 8.30 -26.53 23.38
C ARG B 380 9.70 -26.07 23.74
N VAL B 381 9.99 -24.78 23.61
CA VAL B 381 11.29 -24.26 23.99
C VAL B 381 11.47 -24.31 25.50
N PHE B 382 10.46 -23.84 26.24
CA PHE B 382 10.60 -23.74 27.70
C PHE B 382 10.76 -25.12 28.33
N THR B 383 9.98 -26.10 27.88
CA THR B 383 10.17 -27.48 28.30
C THR B 383 11.17 -28.17 27.37
N ALA B 384 12.41 -27.67 27.41
CA ALA B 384 13.42 -28.09 26.46
C ALA B 384 13.77 -29.57 26.53
N PRO B 385 14.12 -30.16 27.69
CA PRO B 385 14.56 -31.55 27.69
C PRO B 385 13.46 -32.54 27.35
N PHE B 386 12.20 -32.15 27.44
CA PHE B 386 11.09 -33.07 27.23
C PHE B 386 10.74 -33.28 25.77
N HIS B 387 11.36 -32.52 24.86
CA HIS B 387 11.07 -32.63 23.44
C HIS B 387 12.37 -32.55 22.65
N LYS B 388 12.31 -33.02 21.41
CA LYS B 388 13.42 -32.86 20.50
C LYS B 388 13.54 -31.40 20.07
N VAL B 389 14.60 -31.10 19.33
CA VAL B 389 14.87 -29.74 18.88
C VAL B 389 14.99 -29.73 17.36
N GLY B 390 14.30 -28.76 16.74
CA GLY B 390 14.47 -28.49 15.32
C GLY B 390 15.04 -27.11 15.16
N PHE B 391 15.04 -26.57 13.93
CA PHE B 391 15.54 -25.22 13.75
C PHE B 391 14.61 -24.20 14.39
N ALA B 392 13.31 -24.45 14.37
CA ALA B 392 12.37 -23.55 15.03
C ALA B 392 12.62 -23.49 16.52
N ASP B 393 12.87 -24.65 17.15
CA ASP B 393 13.15 -24.66 18.58
C ASP B 393 14.46 -23.94 18.90
N PHE B 394 15.49 -24.17 18.08
CA PHE B 394 16.79 -23.55 18.33
C PHE B 394 16.71 -22.04 18.18
N TRP B 395 15.99 -21.56 17.16
CA TRP B 395 15.99 -20.14 16.86
C TRP B 395 15.37 -19.33 18.00
N LEU B 396 14.17 -19.70 18.44
CA LEU B 396 13.51 -18.93 19.49
C LEU B 396 14.25 -19.08 20.81
N ALA B 397 14.75 -20.28 21.11
CA ALA B 397 15.47 -20.50 22.35
C ALA B 397 16.73 -19.64 22.43
N ASP B 398 17.31 -19.29 21.30
CA ASP B 398 18.48 -18.41 21.27
C ASP B 398 18.09 -16.95 21.23
N GLN B 399 16.97 -16.61 20.59
CA GLN B 399 16.53 -15.22 20.54
C GLN B 399 16.28 -14.65 21.93
N LEU B 400 15.83 -15.48 22.87
CA LEU B 400 15.61 -15.04 24.23
C LEU B 400 16.90 -14.79 24.98
N ASN B 401 18.05 -15.23 24.45
CA ASN B 401 19.32 -14.96 25.11
C ASN B 401 19.81 -13.54 24.90
N SER B 402 19.29 -12.84 23.90
CA SER B 402 19.62 -11.43 23.67
C SER B 402 18.48 -10.50 24.07
N LEU B 403 17.35 -11.05 24.53
CA LEU B 403 16.21 -10.27 25.01
C LEU B 403 16.05 -10.42 26.52
N SER B 404 17.16 -10.63 27.24
CA SER B 404 17.10 -10.91 28.67
C SER B 404 16.64 -9.71 29.48
N VAL B 405 16.67 -8.50 28.92
CA VAL B 405 16.27 -7.32 29.67
C VAL B 405 14.77 -7.34 29.95
N ILE B 406 13.98 -7.83 28.99
CA ILE B 406 12.53 -7.87 29.17
C ILE B 406 12.16 -8.79 30.33
N LEU B 407 12.79 -9.97 30.41
CA LEU B 407 12.52 -10.88 31.51
C LEU B 407 12.90 -10.26 32.84
N MET B 408 14.04 -9.59 32.91
CA MET B 408 14.45 -8.92 34.14
C MET B 408 13.46 -7.82 34.51
N ASP B 409 13.07 -7.00 33.53
CA ASP B 409 12.18 -5.88 33.81
C ASP B 409 10.80 -6.36 34.25
N LEU B 410 10.41 -7.57 33.85
CA LEU B 410 9.17 -8.15 34.35
C LEU B 410 9.25 -8.38 35.85
N GLU B 411 10.41 -8.83 36.34
CA GLU B 411 10.59 -9.03 37.77
C GLU B 411 10.50 -7.70 38.53
N TYR B 412 11.09 -6.65 37.97
CA TYR B 412 11.02 -5.34 38.62
C TYR B 412 9.59 -4.85 38.73
N MET B 413 8.81 -4.99 37.65
CA MET B 413 7.42 -4.52 37.68
C MET B 413 6.61 -5.33 38.68
N ILE B 414 6.87 -6.64 38.77
CA ILE B 414 6.17 -7.48 39.73
C ILE B 414 6.51 -7.07 41.15
N CYS B 415 7.81 -6.92 41.44
CA CYS B 415 8.23 -6.56 42.79
C CYS B 415 7.76 -5.15 43.16
N PHE B 416 7.94 -4.19 42.25
CA PHE B 416 7.59 -2.81 42.56
C PHE B 416 6.10 -2.67 42.87
N TYR B 417 5.26 -3.33 42.06
CA TYR B 417 3.82 -3.23 42.24
C TYR B 417 3.33 -4.03 43.44
N SER B 418 4.18 -4.85 44.05
CA SER B 418 3.77 -5.70 45.17
C SER B 418 4.54 -5.48 46.45
N LEU B 419 5.58 -4.63 46.44
CA LEU B 419 6.36 -4.40 47.65
C LEU B 419 6.50 -2.93 48.00
N GLU B 420 6.62 -2.07 46.99
CA GLU B 420 6.89 -0.66 47.22
C GLU B 420 5.83 0.27 46.64
N LEU B 421 4.82 -0.25 45.95
CA LEU B 421 3.78 0.59 45.36
C LEU B 421 2.59 0.66 46.30
N LYS B 422 2.14 1.89 46.58
CA LYS B 422 1.01 2.13 47.47
C LYS B 422 -0.25 2.26 46.63
N TRP B 423 -1.20 1.36 46.85
CA TRP B 423 -2.44 1.31 46.07
C TRP B 423 -3.50 2.28 46.60
N ASP B 424 -3.12 3.22 47.46
CA ASP B 424 -4.04 4.18 48.03
C ASP B 424 -3.75 5.61 47.58
N GLU B 425 -2.82 5.79 46.64
CA GLU B 425 -2.41 7.12 46.19
C GLU B 425 -2.49 7.19 44.67
N SER B 426 -2.95 8.33 44.17
CA SER B 426 -3.14 8.49 42.73
C SER B 426 -1.81 8.46 41.99
N LYS B 427 -0.93 9.42 42.29
CA LYS B 427 0.39 9.46 41.65
C LYS B 427 1.37 8.67 42.52
N GLY B 428 1.60 7.42 42.12
CA GLY B 428 2.49 6.54 42.85
C GLY B 428 3.61 6.02 41.97
N LEU B 429 3.38 6.06 40.65
CA LEU B 429 4.42 5.64 39.71
C LEU B 429 5.64 6.55 39.79
N LEU B 430 5.43 7.83 40.12
CA LEU B 430 6.53 8.75 40.32
C LEU B 430 6.76 8.91 41.83
N PRO B 431 7.90 8.48 42.36
CA PRO B 431 8.13 8.57 43.80
C PRO B 431 8.21 10.02 44.27
N ASN B 432 7.85 10.22 45.54
CA ASN B 432 7.89 11.55 46.13
C ASN B 432 9.32 12.07 46.19
N ASN B 433 10.27 11.21 46.56
CA ASN B 433 11.67 11.62 46.68
C ASN B 433 12.35 11.67 45.32
N SER B 437 16.54 3.50 46.77
CA SER B 437 16.56 2.78 48.04
C SER B 437 15.47 1.71 48.08
N GLY B 438 15.29 1.02 46.96
CA GLY B 438 14.27 -0.01 46.86
C GLY B 438 14.85 -1.38 46.57
N ILE B 439 14.39 -2.39 47.34
CA ILE B 439 14.90 -3.75 47.18
C ILE B 439 14.63 -4.27 45.77
N CYS B 440 13.53 -3.83 45.17
CA CYS B 440 13.12 -4.37 43.87
C CYS B 440 14.14 -4.08 42.78
N HIS B 441 14.72 -2.89 42.76
CA HIS B 441 15.76 -2.58 41.78
C HIS B 441 17.15 -2.96 42.26
N LYS B 442 17.28 -3.54 43.44
CA LYS B 442 18.54 -4.06 43.94
C LYS B 442 18.68 -5.54 43.55
N TYR B 443 19.64 -6.21 44.16
CA TYR B 443 19.96 -7.60 43.86
C TYR B 443 19.85 -8.49 45.09
N THR B 444 18.95 -8.15 46.01
CA THR B 444 18.86 -8.86 47.28
C THR B 444 18.55 -10.33 47.05
N TYR B 445 19.32 -11.20 47.72
CA TYR B 445 19.22 -12.66 47.62
C TYR B 445 19.58 -13.12 46.20
N GLY B 446 19.95 -12.17 45.35
CA GLY B 446 20.28 -12.51 43.97
C GLY B 446 19.12 -13.05 43.18
N VAL B 447 17.89 -12.57 43.45
CA VAL B 447 16.74 -12.98 42.65
C VAL B 447 16.92 -12.56 41.20
N ARG B 448 17.51 -11.37 40.99
CA ARG B 448 17.79 -10.91 39.64
C ARG B 448 18.78 -11.83 38.94
N ALA B 449 19.73 -12.40 39.68
CA ALA B 449 20.70 -13.31 39.08
C ALA B 449 20.02 -14.58 38.58
N ILE B 450 19.02 -15.09 39.32
CA ILE B 450 18.37 -16.34 38.93
C ILE B 450 17.60 -16.16 37.63
N VAL B 451 16.80 -15.10 37.53
CA VAL B 451 16.05 -14.85 36.30
C VAL B 451 17.00 -14.50 35.16
N GLN B 452 18.09 -13.80 35.46
CA GLN B 452 19.06 -13.44 34.44
C GLN B 452 19.61 -14.67 33.73
N CYS B 453 19.85 -15.75 34.46
CA CYS B 453 20.43 -16.96 33.87
C CYS B 453 19.39 -17.85 33.20
N ILE B 454 18.12 -17.46 33.23
CA ILE B 454 17.08 -18.30 32.61
C ILE B 454 17.34 -18.52 31.12
N PRO B 455 17.61 -17.49 30.30
CA PRO B 455 17.86 -17.75 28.87
C PRO B 455 19.03 -18.68 28.63
N ALA B 456 20.07 -18.61 29.45
CA ALA B 456 21.19 -19.54 29.29
C ALA B 456 20.78 -20.96 29.62
N TRP B 457 19.89 -21.13 30.59
CA TRP B 457 19.46 -22.48 30.98
C TRP B 457 18.73 -23.18 29.84
N LEU B 458 17.87 -22.45 29.12
CA LEU B 458 17.10 -23.07 28.05
C LEU B 458 18.00 -23.61 26.95
N ARG B 459 19.02 -22.84 26.56
CA ARG B 459 19.89 -23.29 25.48
C ARG B 459 20.84 -24.39 25.95
N PHE B 460 21.39 -24.24 27.16
CA PHE B 460 22.33 -25.24 27.65
C PHE B 460 21.68 -26.60 27.81
N ILE B 461 20.45 -26.64 28.32
CA ILE B 461 19.73 -27.89 28.44
C ILE B 461 19.43 -28.48 27.06
N GLN B 462 19.09 -27.61 26.10
CA GLN B 462 18.82 -28.08 24.74
C GLN B 462 20.05 -28.76 24.14
N CYS B 463 21.22 -28.17 24.32
CA CYS B 463 22.43 -28.75 23.75
C CYS B 463 22.75 -30.10 24.37
N LEU B 464 22.60 -30.22 25.69
CA LEU B 464 22.78 -31.52 26.34
C LEU B 464 21.73 -32.52 25.84
N ARG B 465 20.49 -32.07 25.70
CA ARG B 465 19.47 -32.93 25.10
C ARG B 465 19.82 -33.26 23.65
N ARG B 466 20.36 -32.28 22.93
CA ARG B 466 20.80 -32.53 21.55
C ARG B 466 22.02 -33.45 21.49
N TYR B 467 22.68 -33.70 22.63
CA TYR B 467 23.82 -34.61 22.64
C TYR B 467 23.38 -36.06 22.81
N ARG B 468 22.30 -36.31 23.54
CA ARG B 468 21.89 -37.66 23.90
C ARG B 468 21.07 -38.35 22.83
N ASP B 469 20.92 -37.73 21.65
CA ASP B 469 20.30 -38.40 20.51
C ASP B 469 21.27 -38.71 19.39
N THR B 470 22.42 -38.05 19.35
CA THR B 470 23.44 -38.33 18.34
C THR B 470 24.80 -38.68 18.92
N LYS B 471 25.06 -38.38 20.19
CA LYS B 471 26.31 -38.76 20.87
C LYS B 471 27.54 -38.26 20.11
N ARG B 472 27.54 -36.97 19.80
CA ARG B 472 28.67 -36.30 19.15
C ARG B 472 29.17 -35.21 20.08
N ALA B 473 30.44 -35.30 20.49
CA ALA B 473 31.03 -34.26 21.31
C ALA B 473 31.30 -32.98 20.54
N PHE B 474 31.28 -33.04 19.21
CA PHE B 474 31.51 -31.87 18.37
C PHE B 474 30.54 -31.97 17.20
N PRO B 475 29.80 -30.91 16.89
CA PRO B 475 29.76 -29.61 17.58
C PRO B 475 28.56 -29.49 18.50
N HIS B 476 28.23 -30.53 19.26
CA HIS B 476 27.06 -30.50 20.13
C HIS B 476 27.40 -30.33 21.60
N LEU B 477 28.62 -30.69 22.02
CA LEU B 477 29.07 -30.43 23.37
C LEU B 477 29.91 -29.17 23.49
N VAL B 478 30.64 -28.79 22.44
CA VAL B 478 31.36 -27.53 22.45
C VAL B 478 30.37 -26.37 22.52
N ASN B 479 29.20 -26.53 21.90
CA ASN B 479 28.16 -25.52 22.03
C ASN B 479 27.73 -25.33 23.47
N ALA B 480 27.68 -26.43 24.24
CA ALA B 480 27.32 -26.33 25.65
C ALA B 480 28.32 -25.49 26.43
N GLY B 481 29.59 -25.50 26.01
CA GLY B 481 30.58 -24.69 26.69
C GLY B 481 30.32 -23.21 26.55
N LYS B 482 29.86 -22.77 25.37
CA LYS B 482 29.65 -21.35 25.14
C LYS B 482 28.46 -20.82 25.94
N TYR B 483 27.48 -21.68 26.22
CA TYR B 483 26.33 -21.28 27.01
C TYR B 483 26.52 -21.48 28.51
N SER B 484 27.43 -22.36 28.91
CA SER B 484 27.69 -22.59 30.32
C SER B 484 28.54 -21.49 30.96
N THR B 485 29.16 -20.63 30.16
CA THR B 485 30.04 -19.60 30.70
C THR B 485 29.24 -18.47 31.35
N THR B 486 27.98 -18.28 30.94
CA THR B 486 27.19 -17.18 31.49
C THR B 486 26.78 -17.46 32.93
N PHE B 487 26.72 -18.74 33.32
CA PHE B 487 26.45 -19.07 34.71
C PHE B 487 27.54 -18.52 35.62
N PHE B 488 28.80 -18.69 35.22
CA PHE B 488 29.90 -18.16 36.01
C PHE B 488 29.94 -16.64 35.94
N MET B 489 29.41 -16.05 34.87
CA MET B 489 29.40 -14.60 34.72
C MET B 489 28.62 -13.92 35.84
N VAL B 490 27.43 -14.43 36.16
CA VAL B 490 26.57 -13.76 37.12
C VAL B 490 26.93 -14.14 38.55
N THR B 491 27.33 -15.40 38.77
CA THR B 491 27.64 -15.85 40.13
C THR B 491 28.77 -15.03 40.73
N PHE B 492 29.86 -14.86 39.98
CA PHE B 492 31.00 -14.11 40.50
C PHE B 492 30.65 -12.63 40.66
N ALA B 493 29.70 -12.13 39.89
CA ALA B 493 29.25 -10.76 40.04
C ALA B 493 28.45 -10.56 41.32
N ALA B 494 27.50 -11.46 41.59
CA ALA B 494 26.64 -11.31 42.76
C ALA B 494 27.44 -11.43 44.05
N LEU B 495 28.37 -12.39 44.11
CA LEU B 495 29.16 -12.57 45.32
C LEU B 495 30.06 -11.37 45.60
N TYR B 496 30.62 -10.76 44.56
CA TYR B 496 31.47 -9.59 44.75
C TYR B 496 30.69 -8.44 45.37
N SER B 497 29.52 -8.13 44.81
CA SER B 497 28.76 -6.98 45.29
C SER B 497 28.32 -7.17 46.74
N THR B 498 27.86 -8.36 47.10
CA THR B 498 27.47 -8.62 48.47
C THR B 498 28.66 -8.50 49.42
N HIS B 499 29.82 -9.00 48.99
CA HIS B 499 31.02 -8.91 49.82
C HIS B 499 31.42 -7.46 50.05
N LYS B 500 31.30 -6.62 49.01
CA LYS B 500 31.59 -5.20 49.18
C LYS B 500 30.63 -4.55 50.18
N GLU B 501 29.34 -4.93 50.12
CA GLU B 501 28.37 -4.39 51.06
C GLU B 501 28.70 -4.80 52.49
N ARG B 502 29.08 -6.07 52.70
CA ARG B 502 29.45 -6.52 54.02
C ARG B 502 30.77 -5.90 54.47
N GLY B 503 31.73 -5.76 53.57
CA GLY B 503 33.03 -5.22 53.90
C GLY B 503 34.15 -6.24 54.00
N HIS B 504 34.08 -7.33 53.24
CA HIS B 504 35.10 -8.37 53.35
C HIS B 504 36.43 -7.89 52.77
N SER B 505 37.52 -8.34 53.38
CA SER B 505 38.85 -7.97 52.89
C SER B 505 39.12 -8.55 51.51
N ASP B 506 38.69 -9.79 51.27
CA ASP B 506 38.87 -10.45 49.98
C ASP B 506 37.77 -10.12 48.98
N THR B 507 37.07 -9.00 49.17
CA THR B 507 36.07 -8.57 48.20
C THR B 507 36.69 -8.32 46.84
N MET B 508 37.85 -7.65 46.82
CA MET B 508 38.55 -7.40 45.57
C MET B 508 39.00 -8.68 44.89
N VAL B 509 39.16 -9.77 45.64
CA VAL B 509 39.49 -11.06 45.02
C VAL B 509 38.36 -11.51 44.12
N PHE B 510 37.11 -11.42 44.59
CA PHE B 510 35.97 -11.77 43.76
C PHE B 510 35.82 -10.83 42.57
N PHE B 511 36.31 -9.59 42.68
CA PHE B 511 36.32 -8.70 41.54
C PHE B 511 37.22 -9.23 40.43
N TYR B 512 38.35 -9.84 40.80
CA TYR B 512 39.28 -10.37 39.81
C TYR B 512 38.62 -11.46 38.98
N LEU B 513 38.01 -12.45 39.64
CA LEU B 513 37.37 -13.55 38.92
C LEU B 513 36.26 -13.04 38.01
N TRP B 514 35.45 -12.10 38.50
CA TRP B 514 34.40 -11.53 37.67
C TRP B 514 34.98 -10.78 36.48
N ILE B 515 36.22 -10.31 36.57
CA ILE B 515 36.89 -9.73 35.41
C ILE B 515 37.68 -10.78 34.64
N VAL B 516 38.30 -11.74 35.35
CA VAL B 516 38.97 -12.84 34.67
C VAL B 516 37.95 -13.68 33.91
N PHE B 517 36.79 -13.94 34.51
CA PHE B 517 35.75 -14.70 33.82
C PHE B 517 34.93 -13.82 32.88
N TYR B 518 35.11 -12.50 32.95
CA TYR B 518 34.47 -11.60 31.98
C TYR B 518 34.96 -11.88 30.57
N ILE B 519 36.28 -12.05 30.41
CA ILE B 519 36.86 -12.15 29.07
C ILE B 519 36.58 -13.50 28.44
N ILE B 520 36.65 -14.58 29.22
CA ILE B 520 36.47 -15.91 28.63
C ILE B 520 35.08 -16.04 28.04
N SER B 521 34.09 -15.41 28.68
CA SER B 521 32.75 -15.43 28.13
C SER B 521 32.69 -14.70 26.79
N SER B 522 33.37 -13.56 26.70
CA SER B 522 33.31 -12.75 25.49
C SER B 522 33.94 -13.46 24.30
N CYS B 523 35.18 -13.95 24.46
CA CYS B 523 35.87 -14.59 23.34
C CYS B 523 35.23 -15.92 22.99
N TYR B 524 34.73 -16.65 23.99
CA TYR B 524 34.09 -17.94 23.71
C TYR B 524 32.94 -17.79 22.73
N THR B 525 32.05 -16.84 22.99
CA THR B 525 30.92 -16.61 22.09
C THR B 525 31.27 -15.75 20.90
N LEU B 526 32.39 -15.03 20.93
CA LEU B 526 32.81 -14.24 19.78
C LEU B 526 33.52 -15.11 18.75
N ILE B 527 34.47 -15.94 19.18
CA ILE B 527 35.11 -16.88 18.27
C ILE B 527 34.10 -17.90 17.76
N TRP B 528 33.07 -18.22 18.54
CA TRP B 528 32.07 -19.18 18.12
C TRP B 528 31.13 -18.62 17.07
N ASP B 529 30.54 -17.45 17.34
CA ASP B 529 29.59 -16.86 16.41
C ASP B 529 30.25 -16.51 15.08
N LEU B 530 31.55 -16.23 15.09
CA LEU B 530 32.27 -15.79 13.91
C LEU B 530 32.87 -16.94 13.10
N LYS B 531 32.75 -18.17 13.58
CA LYS B 531 33.37 -19.32 12.93
C LYS B 531 32.37 -20.32 12.39
N MET B 532 31.35 -20.69 13.18
CA MET B 532 30.39 -21.70 12.77
C MET B 532 28.98 -21.16 12.57
N ASP B 533 28.51 -20.28 13.45
CA ASP B 533 27.18 -19.70 13.26
C ASP B 533 27.11 -18.91 11.95
N TRP B 534 28.17 -18.16 11.64
CA TRP B 534 28.23 -17.43 10.38
C TRP B 534 29.07 -18.15 9.33
N GLY B 535 29.99 -19.03 9.74
CA GLY B 535 30.77 -19.79 8.79
C GLY B 535 31.94 -19.04 8.18
N LEU B 536 32.31 -17.88 8.72
CA LEU B 536 33.37 -17.08 8.15
C LEU B 536 34.73 -17.65 8.55
N PHE B 537 35.80 -17.00 8.07
CA PHE B 537 37.19 -17.39 8.34
C PHE B 537 37.43 -18.84 7.89
N ASP B 538 37.30 -19.07 6.59
CA ASP B 538 37.40 -20.40 6.01
C ASP B 538 38.59 -20.46 5.06
N LYS B 539 39.13 -21.67 4.90
CA LYS B 539 40.29 -21.91 4.07
C LYS B 539 39.99 -21.83 2.57
N ASN B 540 38.72 -21.84 2.18
CA ASN B 540 38.32 -21.70 0.79
C ASN B 540 38.00 -20.25 0.43
N ALA B 541 38.69 -19.30 1.05
CA ALA B 541 38.38 -17.88 0.84
C ALA B 541 38.52 -17.49 -0.62
N GLY B 542 39.67 -17.78 -1.21
CA GLY B 542 39.92 -17.41 -2.59
C GLY B 542 39.77 -15.92 -2.84
N GLU B 543 38.88 -15.55 -3.76
CA GLU B 543 38.59 -14.14 -3.97
C GLU B 543 37.94 -13.52 -2.74
N ASN B 544 37.03 -14.25 -2.10
CA ASN B 544 36.34 -13.78 -0.90
C ASN B 544 37.24 -13.99 0.31
N THR B 545 38.29 -13.17 0.39
CA THR B 545 39.28 -13.30 1.45
C THR B 545 38.63 -13.12 2.82
N PHE B 546 39.02 -13.98 3.76
CA PHE B 546 38.48 -14.02 5.11
C PHE B 546 36.98 -14.34 5.12
N LEU B 547 36.45 -14.84 4.02
CA LEU B 547 35.05 -15.25 3.95
C LEU B 547 34.93 -16.70 3.52
N ARG B 548 33.71 -17.21 3.45
CA ARG B 548 33.46 -18.53 2.91
C ARG B 548 33.37 -18.45 1.38
N GLU B 549 33.38 -19.62 0.75
CA GLU B 549 33.54 -19.69 -0.70
C GLU B 549 32.39 -19.03 -1.45
N GLU B 550 31.15 -19.19 -0.98
CA GLU B 550 30.00 -18.61 -1.68
C GLU B 550 29.30 -17.60 -0.78
N ILE B 551 28.85 -16.50 -1.38
CA ILE B 551 28.09 -15.46 -0.69
C ILE B 551 26.76 -15.28 -1.40
N VAL B 552 25.71 -15.07 -0.60
CA VAL B 552 24.35 -14.94 -1.13
C VAL B 552 23.94 -13.48 -1.24
N TYR B 553 24.22 -12.68 -0.22
CA TYR B 553 23.85 -11.28 -0.24
C TYR B 553 24.69 -10.52 -1.29
N PRO B 554 24.13 -9.46 -1.88
CA PRO B 554 24.77 -8.86 -3.07
C PRO B 554 26.16 -8.30 -2.84
N GLN B 555 26.31 -7.38 -1.88
CA GLN B 555 27.54 -6.64 -1.70
C GLN B 555 28.42 -7.29 -0.64
N LYS B 556 29.72 -7.42 -0.94
CA LYS B 556 30.64 -8.07 -0.02
C LYS B 556 30.99 -7.19 1.17
N ALA B 557 30.77 -5.87 1.08
CA ALA B 557 31.13 -4.99 2.18
C ALA B 557 30.29 -5.26 3.42
N TYR B 558 29.06 -5.78 3.24
CA TYR B 558 28.21 -6.05 4.39
C TYR B 558 28.82 -7.10 5.30
N TYR B 559 29.41 -8.15 4.72
CA TYR B 559 30.05 -9.19 5.53
C TYR B 559 31.20 -8.61 6.35
N TYR B 560 32.00 -7.72 5.74
CA TYR B 560 33.08 -7.08 6.48
C TYR B 560 32.54 -6.13 7.53
N CYS B 561 31.41 -5.46 7.24
CA CYS B 561 30.84 -4.52 8.19
C CYS B 561 30.36 -5.22 9.46
N ALA B 562 29.73 -6.38 9.32
CA ALA B 562 29.18 -7.06 10.49
C ALA B 562 30.26 -7.70 11.35
N ILE B 563 31.39 -8.07 10.75
CA ILE B 563 32.48 -8.67 11.52
C ILE B 563 33.00 -7.66 12.54
N ILE B 564 33.18 -6.41 12.12
CA ILE B 564 33.61 -5.37 13.04
C ILE B 564 32.53 -5.11 14.08
N GLU B 565 31.27 -5.04 13.66
CA GLU B 565 30.20 -4.70 14.58
C GLU B 565 29.95 -5.82 15.59
N ASP B 566 30.06 -7.07 15.17
CA ASP B 566 29.84 -8.19 16.07
C ASP B 566 30.89 -8.27 17.17
N VAL B 567 32.01 -7.57 17.01
CA VAL B 567 33.02 -7.55 18.05
C VAL B 567 32.81 -6.39 19.03
N ILE B 568 32.45 -5.21 18.54
CA ILE B 568 32.28 -4.04 19.39
C ILE B 568 31.10 -4.23 20.34
N LEU B 569 29.94 -4.65 19.81
CA LEU B 569 28.75 -4.83 20.62
C LEU B 569 28.77 -6.10 21.45
N ARG B 570 29.74 -6.99 21.23
CA ARG B 570 29.85 -8.19 22.05
C ARG B 570 30.68 -7.98 23.30
N PHE B 571 31.78 -7.23 23.21
CA PHE B 571 32.60 -6.97 24.39
C PHE B 571 31.93 -6.03 25.37
N ALA B 572 30.96 -5.23 24.92
CA ALA B 572 30.24 -4.31 25.80
C ALA B 572 28.95 -4.89 26.33
N TRP B 573 28.34 -5.83 25.60
CA TRP B 573 27.08 -6.41 26.06
C TRP B 573 27.28 -7.24 27.33
N THR B 574 28.40 -7.98 27.41
CA THR B 574 28.64 -8.81 28.58
C THR B 574 28.85 -8.00 29.85
N ILE B 575 29.15 -6.71 29.72
CA ILE B 575 29.17 -5.85 30.91
C ILE B 575 27.74 -5.64 31.42
N GLN B 576 26.81 -5.35 30.51
CA GLN B 576 25.45 -5.00 30.91
C GLN B 576 24.75 -6.16 31.61
N ILE B 577 24.92 -7.37 31.08
CA ILE B 577 24.28 -8.54 31.69
C ILE B 577 24.84 -8.86 33.06
N SER B 578 25.96 -8.24 33.44
CA SER B 578 26.58 -8.46 34.74
C SER B 578 26.65 -7.20 35.59
N ILE B 579 26.56 -6.01 34.99
CA ILE B 579 26.56 -4.77 35.77
C ILE B 579 25.31 -4.69 36.64
N THR B 580 24.16 -5.10 36.09
CA THR B 580 22.89 -4.94 36.79
C THR B 580 22.86 -5.65 38.14
N SER B 581 23.64 -6.73 38.29
CA SER B 581 23.71 -7.40 39.58
C SER B 581 24.43 -6.56 40.63
N THR B 582 25.57 -5.99 40.26
CA THR B 582 26.34 -5.18 41.20
C THR B 582 25.73 -3.79 41.35
N THR B 583 26.17 -3.08 42.38
CA THR B 583 25.72 -1.73 42.66
C THR B 583 26.88 -0.76 42.42
N LEU B 584 26.72 0.11 41.42
CA LEU B 584 27.73 1.10 41.09
C LEU B 584 27.24 2.52 41.34
N LEU B 585 26.11 2.90 40.74
CA LEU B 585 25.54 4.24 40.91
C LEU B 585 24.10 4.19 40.42
N PRO B 586 23.17 4.81 41.15
CA PRO B 586 21.76 4.79 40.70
C PRO B 586 21.56 5.35 39.30
N HIS B 587 22.27 6.43 38.95
CA HIS B 587 22.21 6.92 37.58
C HIS B 587 22.96 5.98 36.63
N SER B 588 24.18 5.59 37.00
CA SER B 588 24.96 4.69 36.15
C SER B 588 24.40 3.28 36.13
N GLY B 589 23.39 3.00 36.96
CA GLY B 589 22.80 1.68 36.98
C GLY B 589 21.62 1.61 36.04
N ASP B 590 21.40 2.70 35.30
CA ASP B 590 20.29 2.74 34.38
C ASP B 590 20.73 3.40 33.10
N ILE B 591 21.48 4.49 33.22
CA ILE B 591 21.90 5.25 32.04
C ILE B 591 22.82 4.42 31.16
N ILE B 592 23.52 3.45 31.74
CA ILE B 592 24.34 2.57 30.91
C ILE B 592 23.55 1.35 30.48
N ALA B 593 22.56 0.94 31.28
CA ALA B 593 21.72 -0.20 30.93
C ALA B 593 20.60 0.17 29.97
N THR B 594 20.30 1.46 29.82
CA THR B 594 19.29 1.92 28.87
C THR B 594 19.89 2.34 27.54
N VAL B 595 21.19 2.60 27.49
CA VAL B 595 21.86 2.91 26.24
C VAL B 595 22.45 1.66 25.58
N PHE B 596 22.55 0.55 26.30
CA PHE B 596 23.11 -0.68 25.76
C PHE B 596 22.05 -1.71 25.41
N ALA B 597 20.98 -1.79 26.20
CA ALA B 597 19.93 -2.78 25.93
C ALA B 597 19.27 -2.59 24.57
N PRO B 598 18.83 -1.38 24.18
CA PRO B 598 18.35 -1.22 22.81
C PRO B 598 19.42 -1.45 21.75
N LEU B 599 20.69 -1.31 22.11
CA LEU B 599 21.77 -1.64 21.19
C LEU B 599 21.97 -3.14 21.06
N GLU B 600 21.74 -3.89 22.14
CA GLU B 600 22.01 -5.33 22.12
C GLU B 600 21.09 -6.05 21.13
N VAL B 601 19.80 -5.71 21.13
CA VAL B 601 18.86 -6.37 20.24
C VAL B 601 19.22 -6.12 18.78
N PHE B 602 19.91 -5.01 18.50
CA PHE B 602 20.41 -4.78 17.15
C PHE B 602 21.43 -5.85 16.76
N ARG B 603 22.28 -6.26 17.70
CA ARG B 603 23.26 -7.30 17.40
C ARG B 603 22.58 -8.61 17.01
N ARG B 604 21.51 -8.98 17.73
CA ARG B 604 20.78 -10.18 17.37
C ARG B 604 20.10 -10.03 16.01
N PHE B 605 19.79 -8.80 15.60
CA PHE B 605 19.18 -8.58 14.30
C PHE B 605 20.16 -8.88 13.18
N VAL B 606 21.41 -8.43 13.30
CA VAL B 606 22.40 -8.69 12.27
C VAL B 606 22.84 -10.15 12.29
N TRP B 607 22.87 -10.76 13.48
CA TRP B 607 23.24 -12.16 13.58
C TRP B 607 22.19 -13.06 12.94
N ASN B 608 20.95 -12.61 12.88
CA ASN B 608 19.90 -13.38 12.22
C ASN B 608 20.07 -13.37 10.70
N PHE B 609 20.83 -12.41 10.16
CA PHE B 609 21.00 -12.32 8.73
C PHE B 609 21.92 -13.40 8.19
N PHE B 610 22.91 -13.81 8.99
CA PHE B 610 23.95 -14.72 8.51
C PHE B 610 23.82 -16.14 9.01
N ARG B 611 23.16 -16.36 10.14
CA ARG B 611 22.94 -17.73 10.60
C ARG B 611 22.03 -18.48 9.63
N LEU B 612 20.97 -17.84 9.15
CA LEU B 612 20.06 -18.51 8.23
C LEU B 612 20.71 -18.75 6.87
N GLU B 613 21.49 -17.80 6.38
CA GLU B 613 22.20 -18.01 5.12
C GLU B 613 23.19 -19.17 5.25
N ASN B 614 23.90 -19.23 6.38
CA ASN B 614 24.84 -20.32 6.60
C ASN B 614 24.15 -21.64 6.95
N GLU B 615 22.85 -21.61 7.22
CA GLU B 615 22.08 -22.83 7.40
C GLU B 615 21.54 -23.39 6.10
N HIS B 616 21.43 -22.56 5.06
CA HIS B 616 20.93 -22.98 3.76
C HIS B 616 22.04 -23.29 2.77
N LEU B 617 23.16 -22.57 2.83
CA LEU B 617 24.25 -22.80 1.89
C LEU B 617 25.03 -24.06 2.24
N ASN B 618 25.24 -24.34 3.53
CA ASN B 618 26.11 -25.42 3.94
C ASN B 618 25.44 -26.43 4.88
N ASN B 619 24.31 -26.11 5.48
CA ASN B 619 23.64 -26.99 6.44
C ASN B 619 24.58 -27.36 7.58
N CYS B 620 25.19 -26.34 8.19
CA CYS B 620 26.12 -26.58 9.28
C CYS B 620 25.41 -27.14 10.51
N GLY B 621 24.16 -26.72 10.73
CA GLY B 621 23.41 -27.22 11.87
C GLY B 621 23.01 -28.67 11.78
N GLU B 622 22.98 -29.23 10.57
CA GLU B 622 22.62 -30.62 10.33
C GLU B 622 21.20 -30.95 10.78
N PHE B 623 20.33 -29.94 10.87
CA PHE B 623 18.95 -30.18 11.28
C PHE B 623 18.19 -30.96 10.21
N ARG B 624 18.40 -30.63 8.94
CA ARG B 624 17.66 -31.28 7.85
C ARG B 624 18.44 -32.39 7.17
N ALA B 625 19.75 -32.45 7.36
CA ALA B 625 20.60 -33.50 6.79
C ALA B 625 20.45 -33.60 5.26
C1 CLR C . -20.63 3.86 -3.22
C2 CLR C . -19.77 2.85 -3.96
C3 CLR C . -20.25 2.68 -5.39
C4 CLR C . -20.26 4.03 -6.10
C5 CLR C . -21.06 5.06 -5.33
C6 CLR C . -22.23 5.47 -5.81
C7 CLR C . -23.08 6.51 -5.17
C8 CLR C . -22.39 7.19 -4.00
C9 CLR C . -21.69 6.14 -3.12
C10 CLR C . -20.66 5.27 -3.88
C11 CLR C . -21.12 6.80 -1.87
C12 CLR C . -22.18 7.55 -1.05
C13 CLR C . -22.89 8.62 -1.88
C14 CLR C . -23.41 7.94 -3.16
C15 CLR C . -24.25 9.03 -3.83
C16 CLR C . -24.86 9.77 -2.63
C17 CLR C . -24.24 9.14 -1.35
C18 CLR C . -21.97 9.79 -2.19
C19 CLR C . -19.25 5.86 -3.83
C20 CLR C . -24.29 10.08 -0.14
C21 CLR C . -24.25 9.35 1.20
C22 CLR C . -25.54 10.96 -0.20
C23 CLR C . -25.85 11.73 1.08
C24 CLR C . -27.30 12.18 1.15
C25 CLR C . -27.91 12.15 2.56
C26 CLR C . -26.93 12.75 3.57
C27 CLR C . -29.24 12.89 2.62
O1 CLR C . -19.42 1.75 -6.04
C1 IHP D . 9.63 12.31 -24.59
C2 IHP D . 9.65 12.75 -26.05
C3 IHP D . 8.59 13.80 -26.35
C4 IHP D . 7.22 13.13 -26.21
C5 IHP D . 7.04 12.33 -24.91
C6 IHP D . 8.24 12.35 -23.93
O11 IHP D . 10.48 13.14 -23.85
P1 IHP D . 12.11 12.89 -23.90
O21 IHP D . 12.67 13.34 -25.23
O31 IHP D . 12.77 13.69 -22.80
O41 IHP D . 12.40 11.42 -23.71
O12 IHP D . 9.46 11.63 -26.88
P2 IHP D . 9.76 11.76 -28.49
O22 IHP D . 8.52 12.24 -29.20
O32 IHP D . 10.14 10.41 -29.03
O42 IHP D . 10.89 12.73 -28.72
O13 IHP D . 8.71 14.91 -25.51
P3 IHP D . 9.90 16.00 -25.80
O23 IHP D . 11.00 15.83 -24.77
O33 IHP D . 10.47 15.79 -27.18
O43 IHP D . 9.34 17.40 -25.70
O14 IHP D . 6.19 14.08 -26.41
P4 IHP D . 5.30 14.76 -25.20
O24 IHP D . 4.54 15.92 -25.77
O34 IHP D . 6.20 15.26 -24.09
O44 IHP D . 4.31 13.75 -24.65
O15 IHP D . 6.72 11.01 -25.23
P5 IHP D . 5.13 10.62 -25.45
O25 IHP D . 5.03 9.17 -25.88
O35 IHP D . 4.38 10.81 -24.17
O45 IHP D . 4.53 11.48 -26.53
O16 IHP D . 8.16 13.49 -23.13
P6 IHP D . 7.32 13.43 -21.72
O26 IHP D . 7.32 14.80 -21.08
O36 IHP D . 7.98 12.45 -20.78
O46 IHP D . 5.90 13.00 -21.99
P 3PE E . -3.31 12.99 -16.12
N 3PE E . -0.94 13.38 -19.39
O11 3PE E . -3.98 14.09 -15.10
O12 3PE E . -2.32 12.24 -15.28
O13 3PE E . -2.49 13.96 -17.18
O14 3PE E . -4.36 12.33 -16.94
C11 3PE E . -3.05 14.22 -18.44
C12 3PE E . -1.93 14.48 -19.42
C1 3PE E . -5.37 14.30 -15.16
C2 3PE E . -5.84 14.91 -13.84
C3 3PE E . -6.59 13.89 -13.00
O31 3PE E . -7.74 13.49 -13.74
O32 3PE E . -9.50 12.73 -12.62
C31 3PE E . -8.93 13.63 -13.18
C32 3PE E . -9.45 15.03 -13.34
C33 3PE E . -9.58 15.80 -12.04
C34 3PE E . -8.41 16.74 -11.81
C35 3PE E . -8.82 18.17 -11.55
C36 3PE E . -8.29 18.71 -10.23
C37 3PE E . -9.07 19.90 -9.70
C38 3PE E . -8.45 21.22 -10.10
C39 3PE E . -7.28 21.63 -9.22
C3A 3PE E . -7.72 21.95 -7.79
C3B 3PE E . -8.66 23.14 -7.71
C3C 3PE E . -8.08 24.39 -8.33
C3D 3PE E . -9.00 25.60 -8.26
C3E 3PE E . -9.20 26.12 -6.85
C3F 3PE E . -9.07 27.62 -6.76
C3G 3PE E . -7.76 28.14 -7.33
C3H 3PE E . -7.84 29.56 -7.87
C3I 3PE E . -6.54 30.04 -8.50
O21 3PE E . -4.74 15.32 -13.02
O22 3PE E . -5.10 15.74 -10.86
C21 3PE E . -4.91 16.13 -11.99
C22 3PE E . -4.84 17.57 -12.39
C23 3PE E . -4.73 18.52 -11.20
C24 3PE E . -3.28 18.79 -10.84
C25 3PE E . -2.70 17.84 -9.79
C26 3PE E . -3.29 18.03 -8.41
C27 3PE E . -3.50 19.49 -7.99
C28 3PE E . -2.20 20.21 -7.64
C29 3PE E . -2.45 21.58 -7.01
C2A 3PE E . -2.31 21.58 -5.50
C2B 3PE E . -3.11 22.68 -4.81
C2C 3PE E . -3.25 23.95 -5.64
C2D 3PE E . -3.34 25.23 -4.81
C2E 3PE E . -3.78 26.44 -5.63
C2F 3PE E . -3.62 27.76 -4.90
C2G 3PE E . -4.61 27.96 -3.76
C2H 3PE E . -4.52 29.33 -3.11
C2I 3PE E . -5.52 29.54 -1.99
C1 CLR F . -22.50 48.68 -8.13
C2 CLR F . -22.42 49.58 -6.90
C3 CLR F . -23.15 48.98 -5.73
C4 CLR F . -22.59 47.59 -5.43
C5 CLR F . -22.58 46.70 -6.64
C6 CLR F . -22.97 45.43 -6.54
C7 CLR F . -22.86 44.42 -7.63
C8 CLR F . -22.04 44.88 -8.83
C9 CLR F . -22.30 46.38 -9.10
C10 CLR F . -21.93 47.26 -7.89
C11 CLR F . -21.61 46.83 -10.40
C12 CLR F . -21.93 45.95 -11.60
C13 CLR F . -21.60 44.47 -11.33
C14 CLR F . -22.39 44.09 -10.08
C15 CLR F . -22.33 42.58 -10.03
C16 CLR F . -22.48 42.18 -11.51
C17 CLR F . -22.14 43.43 -12.36
C18 CLR F . -20.09 44.28 -11.13
C19 CLR F . -20.42 47.33 -7.66
C20 CLR F . -21.30 43.07 -13.59
C21 CLR F . -21.11 44.20 -14.59
C22 CLR F . -21.93 41.86 -14.31
C23 CLR F . -23.12 42.16 -15.21
C24 CLR F . -23.32 41.11 -16.28
C25 CLR F . -24.38 41.43 -17.34
C26 CLR F . -24.06 40.70 -18.65
C27 CLR F . -25.79 41.08 -16.87
O1 CLR F . -23.02 49.85 -4.63
C1 CLR G . -8.48 48.66 -4.07
C2 CLR G . -9.46 49.61 -3.37
C3 CLR G . -8.91 50.11 -2.05
C4 CLR G . -8.52 48.96 -1.14
C5 CLR G . -8.57 47.60 -1.82
C6 CLR G . -9.02 46.54 -1.16
C7 CLR G . -8.99 45.14 -1.65
C8 CLR G . -8.16 44.97 -2.93
C9 CLR G . -8.35 46.17 -3.85
C10 CLR G . -7.94 47.51 -3.19
C11 CLR G . -7.66 45.92 -5.20
C12 CLR G . -8.10 44.61 -5.88
C13 CLR G . -7.88 43.40 -4.98
C14 CLR G . -8.60 43.70 -3.65
C15 CLR G . -8.56 42.38 -2.89
C16 CLR G . -8.84 41.36 -4.01
C17 CLR G . -8.62 42.08 -5.37
C18 CLR G . -6.39 43.13 -4.78
C19 CLR G . -6.42 47.63 -3.05
C20 CLR G . -8.04 41.11 -6.40
C21 CLR G . -7.93 41.67 -7.82
C22 CLR G . -8.90 39.84 -6.42
C23 CLR G . -8.15 38.51 -6.28
C24 CLR G . -7.68 37.95 -7.62
C25 CLR G . -8.71 37.15 -8.42
C26 CLR G . -9.35 38.01 -9.51
C27 CLR G . -9.79 36.53 -7.55
O1 CLR G . -7.81 50.95 -2.33
C1 CLR H . 12.49 26.73 19.43
C2 CLR H . 11.89 27.99 20.06
C3 CLR H . 12.08 28.00 21.57
C4 CLR H . 11.54 26.72 22.20
C5 CLR H . 11.08 25.72 21.19
C6 CLR H . 9.83 25.25 21.25
C7 CLR H . 9.26 24.23 20.32
C8 CLR H . 10.32 23.54 19.47
C9 CLR H . 11.33 24.58 18.93
C10 CLR H . 12.03 25.40 20.05
C11 CLR H . 12.31 23.91 17.97
C12 CLR H . 11.62 23.13 16.84
C13 CLR H . 10.64 22.08 17.36
C14 CLR H . 9.68 22.83 18.29
C15 CLR H . 8.58 21.81 18.59
C16 CLR H . 8.39 21.13 17.22
C17 CLR H . 9.62 21.50 16.34
C18 CLR H . 11.36 20.94 18.08
C19 CLR H . 13.24 24.65 20.63
C20 CLR H . 10.02 20.33 15.42
C21 CLR H . 10.99 20.72 14.30
C22 CLR H . 8.77 19.70 14.82
C23 CLR H . 8.23 20.38 13.57
C24 CLR H . 7.54 19.40 12.64
C25 CLR H . 8.16 19.29 11.24
C26 CLR H . 9.62 18.88 11.35
C27 CLR H . 8.03 20.57 10.44
O1 CLR H . 13.46 28.17 21.84
C1 CLR I . -36.64 34.13 5.61
C2 CLR I . -36.59 35.11 6.78
C3 CLR I . -37.57 36.25 6.57
C4 CLR I . -38.98 35.68 6.39
C5 CLR I . -39.04 34.67 5.28
C6 CLR I . -39.94 34.80 4.31
C7 CLR I . -40.11 33.84 3.17
C8 CLR I . -39.38 32.52 3.40
C9 CLR I . -37.99 32.77 3.99
C10 CLR I . -38.04 33.53 5.33
C11 CLR I . -37.16 31.48 4.05
C12 CLR I . -37.16 30.66 2.75
C13 CLR I . -38.58 30.38 2.24
C14 CLR I . -39.26 31.75 2.10
C15 CLR I . -40.50 31.49 1.28
C16 CLR I . -40.04 30.42 0.27
C17 CLR I . -38.70 29.83 0.80
C18 CLR I . -39.32 29.46 3.21
C19 CLR I . -38.43 32.60 6.49
C20 CLR I . -38.60 28.31 0.57
C21 CLR I . -37.16 27.82 0.42
C22 CLR I . -39.44 27.89 -0.65
C23 CLR I . -39.15 26.50 -1.20
C24 CLR I . -40.33 25.92 -1.97
C25 CLR I . -40.18 24.46 -2.42
C26 CLR I . -39.44 23.64 -1.37
C27 CLR I . -39.50 24.33 -3.78
O1 CLR I . -37.49 37.11 7.68
P 3PE J . -7.85 -1.83 -4.62
N 3PE J . -5.37 0.73 -8.12
O11 3PE J . -7.77 -0.46 -3.71
O12 3PE J . -7.27 -2.90 -3.77
O13 3PE J . -6.79 -1.47 -5.85
O14 3PE J . -9.18 -1.92 -5.28
C11 3PE J . -7.07 -0.38 -6.70
C12 3PE J . -6.17 -0.51 -7.91
C1 3PE J . -8.44 -0.43 -2.47
C2 3PE J . -8.69 1.03 -2.10
C3 3PE J . -7.39 1.79 -1.92
O31 3PE J . -7.33 2.17 -0.55
O32 3PE J . -5.95 3.90 -0.83
C31 3PE J . -6.87 3.38 -0.26
C32 3PE J . -7.66 4.00 0.87
C33 3PE J . -7.20 5.40 1.24
C34 3PE J . -8.22 6.09 2.13
C35 3PE J . -7.66 7.30 2.86
C36 3PE J . -8.73 8.15 3.50
C37 3PE J . -8.46 8.52 4.96
C38 3PE J . -8.91 9.93 5.31
C39 3PE J . -8.97 10.21 6.81
C3A 3PE J . -9.49 11.61 7.12
C3B 3PE J . -9.39 12.01 8.58
C3C 3PE J . -9.66 13.49 8.81
C3D 3PE J . -9.58 13.91 10.26
C3E 3PE J . -10.60 13.18 11.14
C3F 3PE J . -10.32 13.28 12.64
C3G 3PE J . -10.66 14.63 13.24
C3H 3PE J . -10.64 14.64 14.76
C3I 3PE J . -11.19 15.92 15.36
O21 3PE J . -9.40 1.73 -3.14
O22 3PE J . -9.92 3.89 -3.06
C21 3PE J . -10.22 2.72 -2.88
C22 3PE J . -11.55 2.25 -2.39
C23 3PE J . -11.77 2.30 -0.88
C24 3PE J . -11.39 3.66 -0.30
C25 3PE J . -12.23 4.80 -0.83
C26 3PE J . -13.61 4.88 -0.18
C27 3PE J . -13.57 5.22 1.31
C28 3PE J . -12.60 6.35 1.64
C29 3PE J . -13.16 7.37 2.63
C2A 3PE J . -14.04 6.75 3.72
C2B 3PE J . -14.45 7.75 4.78
C2C 3PE J . -13.26 8.45 5.41
C2D 3PE J . -13.63 9.39 6.56
C2E 3PE J . -13.93 10.81 6.10
C2F 3PE J . -13.78 11.84 7.22
C2G 3PE J . -14.79 11.66 8.34
C2H 3PE J . -16.21 12.08 7.96
C2I 3PE J . -17.18 10.91 7.84
C1 PLM K . 7.74 5.42 -6.21
O1 PLM K . 7.66 6.47 -6.91
O2 PLM K . 6.88 4.51 -6.05
C2 PLM K . 9.10 5.25 -5.44
C3 PLM K . 9.68 6.53 -4.85
C4 PLM K . 10.53 6.30 -3.60
C5 PLM K . 11.23 7.57 -3.10
C6 PLM K . 11.53 7.57 -1.59
C7 PLM K . 10.28 7.75 -0.72
C8 PLM K . 10.48 7.35 0.75
C9 PLM K . 9.17 7.21 1.52
CA PLM K . 9.36 6.71 2.97
CB PLM K . 9.84 7.80 3.94
CC PLM K . 10.01 7.30 5.38
CD PLM K . 10.44 8.38 6.37
CE PLM K . 9.40 9.49 6.56
CF PLM K . 9.51 10.21 7.92
CG PLM K . 8.63 11.46 8.02
C1 CLR L . 2.23 45.50 -0.94
C2 CLR L . 2.74 46.87 -0.48
C3 CLR L . 1.96 47.36 0.73
C4 CLR L . 2.06 46.33 1.85
C5 CLR L . 1.63 44.97 1.41
C6 CLR L . 0.70 44.30 2.11
C7 CLR L . 0.24 42.92 1.81
C8 CLR L . 1.14 42.22 0.80
C9 CLR L . 1.47 43.18 -0.35
C10 CLR L . 2.27 44.41 0.15
C11 CLR L . 2.16 42.46 -1.52
C12 CLR L . 1.44 41.19 -1.99
C13 CLR L . 1.25 40.21 -0.83
C14 CLR L . 0.46 40.97 0.26
C15 CLR L . 0.03 39.89 1.26
C16 CLR L . -0.18 38.65 0.37
C17 CLR L . 0.28 39.01 -1.07
C18 CLR L . 2.59 39.69 -0.31
C19 CLR L . 3.73 44.06 0.48
C20 CLR L . 0.78 37.80 -1.86
C21 CLR L . 0.62 37.96 -3.37
C22 CLR L . 0.07 36.52 -1.38
C23 CLR L . -1.21 36.15 -2.12
C24 CLR L . -1.49 34.65 -2.06
C25 CLR L . -1.55 33.95 -3.41
C26 CLR L . -0.25 34.17 -4.17
C27 CLR L . -2.73 34.42 -4.25
O1 CLR L . 2.48 48.62 1.11
C1 ACD M . -18.07 33.26 20.63
C2 ACD M . -18.65 32.55 19.39
C3 ACD M . -18.06 31.20 19.05
C4 ACD M . -16.54 31.22 18.99
C5 ACD M . -15.98 30.18 18.06
C6 ACD M . -16.61 29.45 17.14
C7 ACD M . -15.98 28.41 16.24
C8 ACD M . -16.59 28.43 14.88
C9 ACD M . -16.81 27.39 14.09
C10 ACD M . -16.51 25.95 14.38
C11 ACD M . -17.70 25.09 14.07
C12 ACD M . -17.74 24.02 13.26
C13 ACD M . -16.59 23.42 12.50
C14 ACD M . -16.77 23.63 11.02
C15 ACD M . -16.48 22.80 10.03
C16 ACD M . -15.90 21.42 10.11
C17 ACD M . -16.54 20.48 9.10
C18 ACD M . -15.64 19.30 8.72
C19 ACD M . -16.21 18.45 7.59
C20 ACD M . -15.20 17.44 7.07
O1 ACD M . -17.37 34.28 20.46
O2 ACD M . -18.38 32.75 21.73
C1 PLM N . -14.61 -1.94 -1.80
O1 PLM N . -15.42 -2.43 -2.63
O2 PLM N . -13.37 -2.15 -1.70
C2 PLM N . -15.24 -0.96 -0.77
C3 PLM N . -15.82 0.34 -1.36
C4 PLM N . -16.63 1.18 -0.36
C5 PLM N . -16.88 2.62 -0.81
C6 PLM N . -17.41 3.54 0.30
C7 PLM N . -17.35 5.03 -0.05
C8 PLM N . -17.70 5.94 1.14
C9 PLM N . -17.85 7.42 0.76
CA PLM N . -18.25 8.32 1.94
CB PLM N . -17.92 9.79 1.72
CC PLM N . -18.06 10.66 2.98
CD PLM N . -17.51 12.07 2.82
CE PLM N . -17.78 13.00 4.01
CF PLM N . -17.30 14.44 3.80
CG PLM N . -17.70 15.39 4.93
P 3PE O . -3.71 23.49 30.88
N 3PE O . -8.41 23.49 32.39
O11 3PE O . -3.29 22.53 29.62
O12 3PE O . -2.71 23.21 31.95
O13 3PE O . -5.17 22.86 31.31
O14 3PE O . -4.03 24.87 30.40
C11 3PE O . -5.94 23.45 32.32
C12 3PE O . -7.20 22.64 32.51
C1 3PE O . -1.94 22.46 29.22
C2 3PE O . -1.75 21.27 28.29
C3 3PE O . -1.91 19.96 29.04
O31 3PE O . -3.30 19.76 29.26
O32 3PE O . -2.90 18.59 31.12
C31 3PE O . -3.68 19.01 30.29
C32 3PE O . -5.16 18.77 30.29
C33 3PE O . -5.57 17.45 29.67
C34 3PE O . -5.07 17.34 28.23
C35 3PE O . -4.97 15.90 27.74
C36 3PE O . -3.90 15.72 26.69
C37 3PE O . -3.99 14.41 25.92
C38 3PE O . -4.08 13.20 26.85
C39 3PE O . -4.16 11.88 26.10
C3A 3PE O . -3.54 10.73 26.88
C3B 3PE O . -3.37 9.46 26.05
C3C 3PE O . -4.69 8.94 25.51
C3D 3PE O . -5.57 8.30 26.57
C3E 3PE O . -4.91 7.10 27.25
C3F 3PE O . -5.87 5.94 27.49
C3G 3PE O . -5.38 4.96 28.55
C3H 3PE O . -4.16 4.14 28.11
C3I 3PE O . -4.53 2.95 27.24
O21 3PE O . -2.74 21.23 27.25
O22 3PE O . -3.26 19.35 26.18
C21 3PE O . -2.65 20.39 26.25
C22 3PE O . -1.70 20.88 25.19
C23 3PE O . -1.78 20.11 23.88
C24 3PE O . -1.00 18.81 23.94
C25 3PE O . -1.87 17.56 23.85
C26 3PE O . -1.19 16.43 23.09
C27 3PE O . -2.06 15.20 22.96
C28 3PE O . -1.60 14.26 21.85
C29 3PE O . -2.10 12.83 22.03
C2A 3PE O . -3.55 12.77 22.49
C2B 3PE O . -4.28 11.55 21.95
C2C 3PE O . -4.10 11.39 20.45
C2D 3PE O . -4.64 10.08 19.90
C2E 3PE O . -4.18 9.79 18.48
C2F 3PE O . -4.46 8.37 18.03
C2G 3PE O . -5.94 8.03 18.03
C2H 3PE O . -6.36 7.25 16.79
C2I 3PE O . -5.97 7.97 15.50
C1 CLR P . -11.60 14.48 30.90
C2 CLR P . -10.98 15.02 32.19
C3 CLR P . -11.19 16.52 32.33
C4 CLR P . -10.64 17.26 31.11
C5 CLR P . -10.24 16.35 29.99
C6 CLR P . -9.02 16.45 29.46
C7 CLR P . -8.52 15.64 28.30
C8 CLR P . -9.64 14.88 27.61
C9 CLR P . -10.56 14.23 28.64
C10 CLR P . -11.22 15.24 29.61
C11 CLR P . -11.58 13.30 27.97
C12 CLR P . -10.96 12.28 27.00
C13 CLR P . -10.09 12.96 25.93
C14 CLR P . -9.06 13.80 26.70
C15 CLR P . -8.06 14.22 25.64
C16 CLR P . -7.96 12.98 24.74
C17 CLR P . -9.14 12.04 25.12
C18 CLR P . -10.94 13.81 24.98
C19 CLR P . -12.47 15.89 29.00
C20 CLR P . -9.68 11.29 23.89
C21 CLR P . -10.55 10.09 24.24
C22 CLR P . -8.51 10.86 22.98
C23 CLR P . -8.05 9.41 23.14
C24 CLR P . -7.36 8.90 21.88
C25 CLR P . -8.01 7.68 21.22
C26 CLR P . -9.51 7.89 21.07
C27 CLR P . -7.72 6.38 21.99
O1 CLR P . -12.57 16.76 32.51
P 3PE Q . 5.91 26.19 28.79
N 3PE Q . 10.84 26.60 29.01
O11 3PE Q . 5.12 25.61 27.46
O12 3PE Q . 5.21 27.47 29.13
O13 3PE Q . 7.41 26.52 28.18
O14 3PE Q . 6.14 25.10 29.78
C11 3PE Q . 8.40 27.05 29.03
C12 3PE Q . 9.69 27.16 28.24
C1 3PE Q . 3.72 25.47 27.50
C2 3PE Q . 3.29 24.47 26.44
C3 3PE Q . 3.31 25.12 25.07
O31 3PE Q . 4.67 25.25 24.69
O32 3PE Q . 4.48 27.44 24.32
C31 3PE Q . 5.12 26.41 24.24
C32 3PE Q . 6.49 26.28 23.64
C33 3PE Q . 6.49 25.90 22.17
C34 3PE Q . 5.97 24.50 21.93
C35 3PE Q . 5.67 24.21 20.47
C36 3PE Q . 4.95 22.88 20.26
C37 3PE Q . 5.03 22.38 18.81
C38 3PE Q . 4.75 23.47 17.79
C39 3PE Q . 4.91 22.99 16.36
C3A 3PE Q . 4.42 24.01 15.34
C3B 3PE Q . 4.55 23.56 13.90
C3C 3PE Q . 6.00 23.40 13.45
C3D 3PE Q . 6.79 24.70 13.46
C3E 3PE Q . 6.42 25.63 12.31
C3F 3PE Q . 6.75 25.06 10.94
C3G 3PE Q . 6.78 26.12 9.84
C3H 3PE Q . 5.41 26.66 9.45
C3I 3PE Q . 4.98 26.22 8.06
O21 3PE Q . 4.20 23.36 26.34
O22 3PE Q . 4.75 22.39 24.42
C21 3PE Q . 4.08 22.42 25.44
C22 3PE Q . 3.05 21.39 25.80
C23 3PE Q . 3.29 20.03 25.16
C24 3PE Q . 2.40 19.82 23.95
C25 3PE Q . 3.08 20.11 22.61
C26 3PE Q . 2.23 19.62 21.45
C27 3PE Q . 2.94 19.65 20.10
C28 3PE Q . 2.38 18.62 19.11
C29 3PE Q . 2.70 18.91 17.66
C2A 3PE Q . 4.17 19.21 17.42
C2B 3PE Q . 4.60 19.00 15.97
C2C 3PE Q . 4.35 17.57 15.50
C2D 3PE Q . 5.26 17.13 14.36
C2E 3PE Q . 4.59 17.22 12.98
C2F 3PE Q . 5.00 16.11 12.04
C2G 3PE Q . 6.50 15.86 12.02
C2H 3PE Q . 6.98 15.22 10.73
C2I 3PE Q . 6.17 13.99 10.34
C1 CLR R . 20.41 -4.51 2.66
C2 CLR R . 19.54 -5.04 1.53
C3 CLR R . 20.15 -6.31 0.96
C4 CLR R . 20.30 -7.35 2.08
C5 CLR R . 21.09 -6.81 3.24
C6 CLR R . 22.24 -7.39 3.58
C7 CLR R . 23.09 -7.01 4.74
C8 CLR R . 22.44 -5.95 5.62
C9 CLR R . 21.73 -4.90 4.77
C10 CLR R . 20.63 -5.50 3.83
C11 CLR R . 21.21 -3.75 5.64
C12 CLR R . 22.32 -3.09 6.45
C13 CLR R . 23.05 -4.09 7.35
C14 CLR R . 23.51 -5.26 6.46
C15 CLR R . 24.35 -6.12 7.39
C16 CLR R . 25.05 -5.06 8.28
C17 CLR R . 24.44 -3.69 7.90
C18 CLR R . 22.15 -4.57 8.50
C19 CLR R . 19.31 -5.72 4.56
C20 CLR R . 24.55 -2.67 9.04
C21 CLR R . 24.48 -1.23 8.57
C22 CLR R . 25.86 -2.89 9.81
C23 CLR R . 26.07 -1.96 11.00
C24 CLR R . 27.52 -1.98 11.48
C25 CLR R . 28.21 -0.61 11.50
C26 CLR R . 27.33 0.41 12.22
C27 CLR R . 29.58 -0.68 12.16
O1 CLR R . 19.34 -6.77 -0.10
C1 IHP S . -10.07 -26.27 7.40
C2 IHP S . -10.18 -27.79 7.59
C3 IHP S . -9.10 -28.34 8.52
C4 IHP S . -7.73 -28.10 7.88
C5 IHP S . -7.49 -26.65 7.45
C6 IHP S . -8.68 -25.68 7.65
O11 IHP S . -10.97 -25.64 8.27
P1 IHP S . -12.57 -25.56 7.91
O21 IHP S . -13.22 -26.91 8.10
O31 IHP S . -13.23 -24.56 8.81
O41 IHP S . -12.74 -25.13 6.46
O12 IHP S . -10.07 -28.43 6.35
P2 IHP S . -10.62 -29.98 6.20
O22 IHP S . -9.58 -30.95 6.71
O32 IHP S . -10.91 -30.28 4.75
O42 IHP S . -11.89 -30.14 7.01
O13 IHP S . -9.20 -27.78 9.81
P3 IHP S . -10.50 -28.17 10.74
O23 IHP S . -11.56 -27.10 10.63
O33 IHP S . -11.07 -29.49 10.29
O43 IHP S . -10.05 -28.28 12.19
O14 IHP S . -6.71 -28.59 8.72
P4 IHP S . -5.86 -27.65 9.77
O24 IHP S . -5.14 -28.55 10.74
O34 IHP S . -6.78 -26.74 10.55
O44 IHP S . -4.83 -26.82 9.03
O15 IHP S . -7.11 -26.63 6.10
P5 IHP S . -5.50 -26.59 5.75
O25 IHP S . -5.31 -26.55 4.25
O35 IHP S . -4.89 -25.35 6.36
O45 IHP S . -4.83 -27.82 6.31
O16 IHP S . -8.63 -25.18 8.96
P6 IHP S . -7.69 -23.86 9.28
O26 IHP S . -8.07 -23.29 10.63
O36 IHP S . -7.91 -22.82 8.22
O46 IHP S . -6.25 -24.27 9.31
P 3PE T . 3.16 -18.43 9.45
N 3PE T . 0.63 -21.68 9.37
O11 3PE T . 3.91 -17.68 10.71
O12 3PE T . 2.17 -17.44 8.95
O13 3PE T . 2.36 -19.65 10.24
O14 3PE T . 4.16 -19.12 8.60
C11 3PE T . 2.86 -20.96 10.17
C12 3PE T . 1.71 -21.92 10.36
C1 3PE T . 5.32 -17.75 10.79
C2 3PE T . 5.82 -16.61 11.67
C3 3PE T . 6.57 -15.57 10.84
O31 3PE T . 7.69 -16.23 10.25
O32 3PE T . 9.42 -14.95 9.64
C31 3PE T . 8.90 -15.70 10.45
C32 3PE T . 9.50 -16.15 11.74
C33 3PE T . 9.59 -15.09 12.81
C34 3PE T . 8.48 -15.26 13.86
C35 3PE T . 8.97 -15.04 15.28
C36 3PE T . 8.48 -13.73 15.87
C37 3PE T . 9.23 -13.33 17.15
C38 3PE T . 8.77 -14.13 18.36
C39 3PE T . 7.61 -13.49 19.11
C3A 3PE T . 8.01 -12.17 19.77
C3B 3PE T . 9.03 -12.35 20.88
C3C 3PE T . 8.55 -13.29 21.97
C3D 3PE T . 9.50 -13.39 23.16
C3E 3PE T . 9.62 -12.08 23.93
C3F 3PE T . 9.53 -12.28 25.44
C3G 3PE T . 8.22 -12.93 25.87
C3H 3PE T . 8.35 -13.73 27.16
C3I 3PE T . 7.04 -14.41 27.56
O21 3PE T . 4.74 -15.87 12.27
O22 3PE T . 5.09 -13.84 13.11
C21 3PE T . 4.94 -15.03 13.26
C22 3PE T . 4.95 -15.72 14.59
C23 3PE T . 4.94 -14.77 15.77
C24 3PE T . 3.52 -14.47 16.25
C25 3PE T . 2.84 -13.31 15.53
C26 3PE T . 3.48 -11.96 15.85
C27 3PE T . 3.75 -11.72 17.33
C28 3PE T . 2.50 -11.57 18.16
C29 3PE T . 2.79 -11.28 19.62
C2A 3PE T . 2.80 -9.80 19.96
C2B 3PE T . 3.64 -9.44 21.17
C2C 3PE T . 3.56 -10.46 22.30
C2D 3PE T . 3.84 -9.87 23.69
C2E 3PE T . 4.26 -10.90 24.70
C2F 3PE T . 4.18 -10.41 26.15
C2G 3PE T . 5.20 -9.33 26.50
C2H 3PE T . 5.17 -8.94 27.97
C2I 3PE T . 6.22 -7.89 28.32
C1 CLR U . 23.43 -18.11 45.35
C2 CLR U . 23.41 -17.10 46.49
C3 CLR U . 24.19 -15.86 46.13
C4 CLR U . 23.65 -15.25 44.84
C5 CLR U . 23.59 -16.26 43.72
C6 CLR U . 24.01 -15.94 42.50
C7 CLR U . 23.88 -16.81 41.29
C8 CLR U . 22.96 -18.02 41.50
C9 CLR U . 23.15 -18.59 42.91
C10 CLR U . 22.87 -17.56 44.02
C11 CLR U . 22.35 -19.89 43.07
C12 CLR U . 22.58 -20.92 41.97
C13 CLR U . 22.35 -20.33 40.56
C14 CLR U . 23.26 -19.10 40.48
C15 CLR U . 23.25 -18.75 39.00
C16 CLR U . 23.29 -20.12 38.31
C17 CLR U . 22.87 -21.18 39.37
C18 CLR U . 20.88 -19.98 40.36
C19 CLR U . 21.37 -17.27 44.17
C20 CLR U . 21.98 -22.27 38.76
C21 CLR U . 21.71 -23.46 39.66
C22 CLR U . 22.59 -22.75 37.44
C23 CLR U . 23.70 -23.79 37.56
C24 CLR U . 23.82 -24.65 36.31
C25 CLR U . 24.85 -25.78 36.38
C26 CLR U . 24.57 -26.83 35.31
C27 CLR U . 26.28 -25.27 36.25
O1 CLR U . 24.13 -14.95 47.20
C1 CLR V . 9.64 -13.84 46.58
C2 CLR V . 10.67 -13.37 47.61
C3 CLR V . 10.18 -12.18 48.38
C4 CLR V . 9.76 -11.04 47.46
C5 CLR V . 9.75 -11.43 46.00
C6 CLR V . 10.20 -10.57 45.08
C7 CLR V . 10.10 -10.78 43.61
C8 CLR V . 9.23 -11.97 43.21
C9 CLR V . 9.43 -13.13 44.19
C10 CLR V . 9.08 -12.74 45.65
C11 CLR V . 8.70 -14.39 43.70
C12 CLR V . 9.08 -14.79 42.27
C13 CLR V . 8.85 -13.66 41.27
C14 CLR V . 9.61 -12.44 41.81
C15 CLR V . 9.55 -11.43 40.67
C16 CLR V . 9.78 -12.32 39.44
C17 CLR V . 9.54 -13.80 39.88
C18 CLR V . 7.36 -13.38 41.09
C19 CLR V . 7.56 -12.58 45.86
C20 CLR V . 8.90 -14.61 38.73
C21 CLR V . 8.77 -16.10 39.01
C22 CLR V . 9.73 -14.38 37.47
C23 CLR V . 8.95 -13.96 36.21
C24 CLR V . 8.44 -15.15 35.42
C25 CLR V . 9.41 -15.78 34.42
C26 CLR V . 10.08 -17.02 35.02
C27 CLR V . 10.47 -14.79 33.92
O1 CLR V . 9.10 -12.59 49.21
C1 CLR W . 37.65 -2.16 33.37
C2 CLR W . 37.65 -1.19 34.54
C3 CLR W . 38.66 -1.63 35.60
C4 CLR W . 40.05 -1.72 34.97
C5 CLR W . 40.06 -2.64 33.76
C6 CLR W . 40.95 -3.62 33.68
C7 CLR W . 41.06 -4.57 32.53
C8 CLR W . 40.31 -4.08 31.30
C9 CLR W . 38.93 -3.54 31.70
C10 CLR W . 39.02 -2.35 32.69
C11 CLR W . 38.08 -3.23 30.46
C12 CLR W . 38.02 -4.35 29.43
C13 CLR W . 39.41 -4.82 29.00
C14 CLR W . 40.12 -5.22 30.31
C15 CLR W . 41.34 -6.00 29.86
C16 CLR W . 40.82 -6.81 28.66
C17 CLR W . 39.49 -6.14 28.19
C18 CLR W . 40.16 -3.72 28.25
C19 CLR W . 39.43 -1.05 31.97
C20 CLR W . 39.38 -6.08 26.66
C21 CLR W . 37.93 -6.04 26.17
C22 CLR W . 40.13 -7.25 26.01
C23 CLR W . 39.78 -7.55 24.56
C24 CLR W . 40.98 -8.01 23.75
C25 CLR W . 40.77 -8.11 22.24
C26 CLR W . 39.87 -6.98 21.73
C27 CLR W . 40.20 -9.46 21.81
O1 CLR W . 38.62 -0.71 36.66
P 3PE X . 7.48 -4.53 -2.84
N 3PE X . 5.06 -8.21 -0.67
O11 3PE X . 7.71 -4.03 -1.29
O12 3PE X . 6.76 -3.42 -3.51
O13 3PE X . 6.46 -5.82 -2.64
O14 3PE X . 8.73 -5.14 -3.37
C11 3PE X . 6.80 -6.81 -1.71
C12 3PE X . 5.88 -7.99 -1.89
C1 3PE X . 8.26 -2.77 -1.10
C2 3PE X . 8.91 -2.69 0.28
C3 3PE X . 7.88 -2.68 1.40
O31 3PE X . 7.65 -1.30 1.69
O32 3PE X . 5.97 -1.35 3.15
C31 3PE X . 7.07 -0.97 2.84
C32 3PE X . 7.99 -0.09 3.66
C33 3PE X . 7.49 0.15 5.07
C34 3PE X . 8.57 0.77 5.95
C35 3PE X . 8.07 1.13 7.33
C36 3PE X . 9.19 1.47 8.31
C37 3PE X . 9.14 2.91 8.83
C38 3PE X . 9.23 3.01 10.34
C39 3PE X . 9.50 4.42 10.85
C3A 3PE X . 10.10 4.43 12.25
C3B 3PE X . 9.94 5.72 13.04
C3C 3PE X . 10.22 5.52 14.52
C3D 3PE X . 9.86 6.71 15.41
C3E 3PE X . 10.94 7.78 15.43
C3F 3PE X . 10.50 9.04 16.15
C3G 3PE X . 11.65 10.00 16.44
C3H 3PE X . 11.23 11.19 17.30
C3I 3PE X . 12.42 11.92 17.91
O21 3PE X . 9.80 -3.79 0.50
O22 3PE X . 10.27 -4.43 2.57
C21 3PE X . 10.57 -3.83 1.56
C22 3PE X . 11.87 -3.08 1.35
C23 3PE X . 11.90 -1.63 1.84
C24 3PE X . 11.43 -1.54 3.29
C25 3PE X . 12.39 -2.17 4.28
C26 3PE X . 13.74 -1.46 4.34
C27 3PE X . 13.69 -0.09 4.99
C28 3PE X . 12.78 -0.03 6.21
C29 3PE X . 13.34 0.78 7.36
C2A 3PE X . 14.24 1.92 6.92
C2B 3PE X . 14.68 2.81 8.08
C2C 3PE X . 13.49 3.33 8.88
C2D 3PE X . 13.88 4.20 10.06
C2E 3PE X . 14.17 3.41 11.33
C2F 3PE X . 14.15 4.27 12.59
C2G 3PE X . 15.23 5.34 12.60
C2H 3PE X . 16.64 4.77 12.80
C2I 3PE X . 17.51 4.92 11.56
C1 PLM Y . -8.07 -6.83 4.75
O1 PLM Y . -8.23 -7.79 5.54
O2 PLM Y . -7.07 -6.53 4.04
C2 PLM Y . -9.30 -5.86 4.64
C3 PLM Y . -9.85 -5.36 5.97
C4 PLM Y . -11.01 -4.36 5.83
C5 PLM Y . -11.71 -4.06 7.15
C6 PLM Y . -11.75 -2.58 7.53
C7 PLM Y . -10.36 -1.92 7.48
C8 PLM Y . -10.40 -0.39 7.63
C9 PLM Y . -9.01 0.26 7.60
CA PLM Y . -9.06 1.80 7.55
CB PLM Y . -9.45 2.46 8.88
CC PLM Y . -9.48 3.99 8.80
CD PLM Y . -9.73 4.68 10.16
CE PLM Y . -8.67 4.36 11.22
CF PLM Y . -8.76 5.25 12.47
CG PLM Y . -7.83 4.81 13.61
C1 CLR Z . -1.12 -9.87 44.51
C2 CLR Z . -1.56 -9.67 45.95
C3 CLR Z . -0.70 -8.63 46.64
C4 CLR Z . -0.77 -7.31 45.86
C5 CLR Z . -0.40 -7.49 44.43
C6 CLR Z . 0.51 -6.69 43.85
C7 CLR Z . 0.90 -6.74 42.42
C8 CLR Z . -0.05 -7.58 41.58
C9 CLR Z . -0.40 -8.86 42.32
C10 CLR Z . -1.13 -8.58 43.65
C11 CLR Z . -1.16 -9.87 41.42
C12 CLR Z . -0.49 -10.11 40.07
C13 CLR Z . -0.27 -8.80 39.31
C14 CLR Z . 0.58 -7.90 40.23
C15 CLR Z . 1.02 -6.74 39.33
C16 CLR Z . 1.15 -7.40 37.94
C17 CLR Z . 0.64 -8.86 38.06
C18 CLR Z . -1.61 -8.15 38.94
C19 CLR Z . -2.58 -8.12 43.43
C20 CLR Z . 0.09 -9.42 36.75
C21 CLR Z . 0.29 -10.94 36.62
C22 CLR Z . 0.68 -8.69 35.54
C23 CLR Z . 1.85 -9.37 34.85
C24 CLR Z . 1.95 -8.95 33.38
C25 CLR Z . 2.17 -10.11 32.40
C26 CLR Z . 1.15 -11.21 32.63
C27 CLR Z . 3.58 -10.69 32.49
O1 CLR Z . -1.16 -8.48 47.98
C1 ACD AA . 19.48 13.23 36.32
C2 ACD AA . 20.07 12.46 35.13
C3 ACD AA . 19.21 12.37 33.88
C4 ACD AA . 18.17 11.25 33.94
C5 ACD AA . 17.56 10.98 32.60
C6 ACD AA . 17.94 10.08 31.70
C7 ACD AA . 17.31 9.83 30.37
C8 ACD AA . 17.43 8.39 29.98
C9 ACD AA . 17.57 7.90 28.75
C10 ACD AA . 17.64 8.68 27.48
C11 ACD AA . 18.85 8.31 26.69
C12 ACD AA . 18.89 7.69 25.51
C13 ACD AA . 17.71 7.23 24.70
C14 ACD AA . 17.62 5.73 24.72
C15 ACD AA . 17.18 4.92 23.76
C16 ACD AA . 16.66 5.29 22.42
C17 ACD AA . 17.25 4.41 21.31
C18 ACD AA . 16.34 4.30 20.09
C19 ACD AA . 16.89 3.37 19.02
C20 ACD AA . 15.87 3.08 17.93
O1 ACD AA . 18.38 12.88 36.77
O2 ACD AA . 20.18 14.19 36.75
C1 PLM BA . 14.49 -1.71 -2.70
O1 PLM BA . 15.25 -2.47 -3.36
O2 PLM BA . 13.25 -1.51 -2.84
C2 PLM BA . 15.20 -0.92 -1.55
C3 PLM BA . 15.79 -1.77 -0.42
C4 PLM BA . 16.66 -0.97 0.57
C5 PLM BA . 16.91 -1.71 1.90
C6 PLM BA . 17.50 -0.80 3.00
C7 PLM BA . 17.48 -1.44 4.40
C8 PLM BA . 17.89 -0.45 5.50
C9 PLM BA . 18.07 -1.11 6.88
CA PLM BA . 18.51 -0.15 7.98
CB PLM BA . 18.22 -0.65 9.39
CC PLM BA . 18.41 0.42 10.48
CD PLM BA . 17.89 -0.02 11.85
CE PLM BA . 18.23 0.96 12.99
CF PLM BA . 17.78 0.47 14.37
CG PLM BA . 18.24 1.37 15.52
#